data_4ZXI
#
_entry.id   4ZXI
#
_cell.length_a   116.100
_cell.length_b   116.100
_cell.length_c   342.020
_cell.angle_alpha   90.000
_cell.angle_beta   90.000
_cell.angle_gamma   90.000
#
_symmetry.space_group_name_H-M   'P 43 21 2'
#
loop_
_entity.id
_entity.type
_entity.pdbx_description
1 polymer 'Tyrocidine synthetase 3'
2 non-polymer "4'-PHOSPHOPANTETHEINE"
3 non-polymer GLYCINE
4 non-polymer 'ADENOSINE MONOPHOSPHATE'
5 non-polymer 1,2-DIMYRISTOYL-SN-GLYCERO-3-PHOSPHATE
6 non-polymer 'NICKEL (II) ION'
7 non-polymer 'MAGNESIUM ION'
8 water water
#
_entity_poly.entity_id   1
_entity_poly.type   'polypeptide(L)'
_entity_poly.pdbx_seq_one_letter_code
;GHMNNLARLEPEVLSRHAISSEQLGIWYIQRLEPTCSAYNMVVAFDVKVNQSLGNKPIEILEAVMHDYPLLRVSMPANDQ
GIEQLIWDRVYPNIIFSDARHIEASDLTQLVEQDTKQPFDLTQPPLWRIHCYECGQNHYVIAFVIHHALMDFWSIGLLLR
DVSKRFGLVAESDAVNGIEFVQYADKQQSSVIDDTDESLIFWKNALKHAPHVHSIPLDYPRPAVQQHKGSSLVFRVSESV
SSGLVNLAKDYEITLFGLVLSGFYVLLHKLSNENNLVIATPVAGRLERSLRNALGQFVNTIAIHMDIDADQTLRQFTQQV
QEQLRQSLKHQKIAFSRVVEAVSPKRDGSINPLAQIGMFWERLGGMDEFKELLLPIQTPATLVGQDLTLGSFPVRQQEGQ
LDITLEMGGEYQGELVGVLKYNTDLFSAQSAENMVQLLQAVLSEMVAHPERKIVELDIAPDYKDGIQFEALRGKATDYAQ
HDLFAMILKQIDERGDNHALTSNDHTVSYRELGQHIAGIAEYLRAHGITQGDRVGLMLDRTALLPAAILGIWAAGAAYVP
LDPNFPTERLQNIIEDAEPKVILTQTELMDGLNVSVPRLDINQAGVVALEQVRETLAFGDIAYVMYTSGSTGKPKGVRIG
HPSIINFLLSMNDRLQVTTETQLLAITTYAFDISILELLIPLMYGGVVHVCPREVSQDGIQLVDYLNAKSINVLQATPAT
WKMLLDSEWSGNAGLTALCGGEALDTILAEKLLGKVGCLWNVYGPTETTVWSSAARITDAKYIDLGEPLANTQLYVLDEQ
QRLVPPGVMGELWIGGDGLAVDYWQRPELTDAQFRTLPSLPNAGRLYRTGDKVCLRTDGRLTHHGRLDFQVKIRGFRIEL
GEIENVLKQIDGITDAVVLVKTTGDNDQKLVAYVTGQELDIAGLKKNLQIHLPAYMVPSAFIRLDEFPMTANKKLDRKAF
PEPIFEQSNDYVAPRDPIEIELCTTFEQILSVKRVGIHDDFFELGGHSLLAVKLVNHLKKAFGTELSVALLAQYSTVERL
GEIIRENKEIKPSIVIELRRGTYEQPLWLFHPIGGSTFCYMELSRHLNPNRTLRAIQSPGLIEADAAEVAIEEMATLYIA
EMQKMQPQGPYFLGGWCFGGAIAYEISRQLRQMGQQVTGIVMIDTRAPIPENVPEDADDAMLLSWFARDLAAPYGKKLTI
PAQYLRELSPDQMFDHVLKEAKAINVLPLDADPSDFRLYFDTYLANGIALQTYFPEPEDFPILLVKAKDEQEDFGESLGW
DQLVKDTLTQVDLPGDHSSIMYAENVVAVAQTIDQMYPIP
;
_entity_poly.pdbx_strand_id   A
#
# COMPACT_ATOMS: atom_id res chain seq x y z
N GLY A 1 -4.96 -36.12 -34.10
CA GLY A 1 -4.10 -35.02 -33.72
C GLY A 1 -3.65 -34.14 -34.88
N HIS A 2 -3.71 -32.82 -34.69
CA HIS A 2 -3.38 -31.88 -35.76
C HIS A 2 -1.88 -31.69 -36.00
N MET A 3 -1.06 -32.16 -35.06
CA MET A 3 0.37 -32.02 -35.25
C MET A 3 1.01 -33.39 -35.41
N ASN A 4 0.24 -34.30 -35.99
CA ASN A 4 0.64 -35.70 -36.12
C ASN A 4 1.93 -35.81 -36.90
N ASN A 5 2.07 -35.00 -37.94
CA ASN A 5 3.26 -35.05 -38.79
C ASN A 5 4.17 -33.82 -38.60
N LEU A 6 4.53 -33.55 -37.34
CA LEU A 6 5.52 -32.53 -37.05
C LEU A 6 6.69 -33.15 -36.29
N ALA A 7 6.39 -34.00 -35.31
CA ALA A 7 7.39 -34.79 -34.60
C ALA A 7 8.34 -33.97 -33.71
N ARG A 8 8.47 -34.45 -32.49
CA ARG A 8 9.25 -33.81 -31.43
C ARG A 8 10.67 -34.34 -31.44
N LEU A 9 11.66 -33.45 -31.38
CA LEU A 9 13.07 -33.84 -31.38
C LEU A 9 13.82 -33.10 -30.28
N GLU A 10 15.07 -33.50 -30.02
CA GLU A 10 15.86 -32.90 -28.92
C GLU A 10 16.60 -31.64 -29.36
N PRO A 11 16.16 -30.48 -28.82
CA PRO A 11 16.79 -29.21 -29.20
C PRO A 11 18.12 -28.95 -28.50
N GLU A 12 19.03 -28.28 -29.21
CA GLU A 12 20.32 -27.90 -28.66
C GLU A 12 20.55 -26.41 -28.86
N VAL A 13 21.31 -25.80 -27.97
CA VAL A 13 21.55 -24.37 -28.06
C VAL A 13 22.54 -24.02 -29.16
N LEU A 14 22.15 -23.17 -30.11
CA LEU A 14 23.10 -22.70 -31.14
C LEU A 14 24.02 -21.63 -30.61
N SER A 15 23.44 -20.61 -29.97
CA SER A 15 24.22 -19.46 -29.54
C SER A 15 23.61 -18.74 -28.35
N ARG A 16 24.49 -18.19 -27.51
CA ARG A 16 24.09 -17.40 -26.35
C ARG A 16 24.31 -15.93 -26.64
N HIS A 17 23.39 -15.10 -26.18
CA HIS A 17 23.46 -13.65 -26.38
C HIS A 17 22.94 -12.94 -25.15
N ALA A 18 23.18 -11.63 -25.13
CA ALA A 18 22.63 -10.80 -24.07
C ALA A 18 21.18 -10.50 -24.38
N ILE A 19 20.40 -10.14 -23.36
CA ILE A 19 19.13 -9.48 -23.66
C ILE A 19 19.41 -7.98 -23.80
N SER A 20 18.68 -7.32 -24.69
CA SER A 20 18.77 -5.87 -24.80
C SER A 20 18.17 -5.26 -23.54
N SER A 21 18.54 -4.02 -23.24
CA SER A 21 17.95 -3.35 -22.09
C SER A 21 16.47 -3.04 -22.32
N GLU A 22 16.06 -3.07 -23.58
CA GLU A 22 14.67 -2.82 -23.90
C GLU A 22 13.81 -3.99 -23.45
N GLN A 23 14.42 -5.17 -23.40
CA GLN A 23 13.72 -6.39 -22.98
C GLN A 23 13.75 -6.60 -21.46
N LEU A 24 14.80 -6.10 -20.81
CA LEU A 24 15.04 -6.37 -19.41
C LEU A 24 13.84 -6.07 -18.50
N GLY A 25 13.20 -4.92 -18.71
CA GLY A 25 12.09 -4.51 -17.86
C GLY A 25 10.89 -5.42 -17.95
N ILE A 26 10.46 -5.70 -19.18
CA ILE A 26 9.33 -6.59 -19.40
C ILE A 26 9.66 -7.98 -18.85
N TRP A 27 10.89 -8.45 -19.12
CA TRP A 27 11.34 -9.76 -18.64
C TRP A 27 11.23 -9.84 -17.11
N TYR A 28 11.69 -8.79 -16.43
CA TYR A 28 11.70 -8.74 -14.98
C TYR A 28 10.28 -8.77 -14.44
N ILE A 29 9.38 -8.04 -15.09
CA ILE A 29 8.00 -8.01 -14.63
C ILE A 29 7.39 -9.40 -14.76
N GLN A 30 7.67 -10.09 -15.86
CA GLN A 30 7.13 -11.43 -16.07
C GLN A 30 7.65 -12.42 -15.04
N ARG A 31 8.87 -12.16 -14.54
CA ARG A 31 9.57 -13.06 -13.65
C ARG A 31 9.15 -12.74 -12.22
N LEU A 32 8.70 -11.51 -12.03
CA LEU A 32 8.22 -11.00 -10.77
C LEU A 32 6.79 -11.41 -10.45
N GLU A 33 5.97 -11.45 -11.49
CA GLU A 33 4.61 -11.96 -11.37
C GLU A 33 4.41 -12.96 -12.52
N PRO A 34 4.55 -14.25 -12.19
CA PRO A 34 4.57 -15.31 -13.20
C PRO A 34 3.25 -15.53 -13.91
N THR A 35 2.13 -15.14 -13.31
CA THR A 35 0.84 -15.33 -13.96
C THR A 35 0.41 -14.12 -14.77
N CYS A 36 1.30 -13.15 -14.84
CA CYS A 36 1.04 -11.92 -15.60
C CYS A 36 0.83 -12.25 -17.07
N SER A 37 -0.27 -11.74 -17.63
CA SER A 37 -0.54 -11.85 -19.07
C SER A 37 -0.53 -10.50 -19.79
N ALA A 38 -0.14 -9.44 -19.09
CA ALA A 38 -0.26 -8.07 -19.59
C ALA A 38 0.66 -7.79 -20.78
N TYR A 39 1.54 -8.72 -21.12
CA TYR A 39 2.43 -8.52 -22.24
C TYR A 39 2.27 -9.64 -23.28
N ASN A 40 1.14 -10.33 -23.21
CA ASN A 40 0.78 -11.29 -24.22
C ASN A 40 0.19 -10.53 -25.38
N MET A 41 0.99 -10.26 -26.41
CA MET A 41 0.47 -9.65 -27.64
C MET A 41 -0.34 -10.64 -28.44
N VAL A 42 -1.52 -10.21 -28.81
CA VAL A 42 -2.41 -11.08 -29.55
C VAL A 42 -2.84 -10.42 -30.83
N VAL A 43 -2.72 -11.13 -31.94
CA VAL A 43 -3.38 -10.72 -33.17
C VAL A 43 -4.14 -11.94 -33.72
N ALA A 44 -5.43 -11.78 -33.98
CA ALA A 44 -6.22 -12.94 -34.37
C ALA A 44 -7.10 -12.68 -35.59
N PHE A 45 -7.53 -13.76 -36.25
CA PHE A 45 -8.23 -13.67 -37.52
C PHE A 45 -9.35 -14.69 -37.65
N ASP A 46 -10.40 -14.29 -38.35
CA ASP A 46 -11.42 -15.23 -38.80
C ASP A 46 -10.93 -15.79 -40.13
N VAL A 47 -10.77 -17.11 -40.20
CA VAL A 47 -10.17 -17.71 -41.38
C VAL A 47 -11.12 -18.71 -42.06
N LYS A 48 -11.46 -18.43 -43.30
CA LYS A 48 -12.23 -19.39 -44.11
C LYS A 48 -11.29 -20.00 -45.11
N VAL A 49 -11.27 -21.32 -45.21
CA VAL A 49 -10.36 -21.93 -46.18
C VAL A 49 -11.06 -22.58 -47.37
N ASN A 50 -10.23 -22.96 -48.33
CA ASN A 50 -10.64 -23.81 -49.45
C ASN A 50 -9.90 -25.14 -49.40
N GLN A 51 -10.32 -26.10 -50.22
CA GLN A 51 -9.73 -27.44 -50.11
C GLN A 51 -8.24 -27.39 -50.46
N SER A 52 -7.84 -26.40 -51.27
CA SER A 52 -6.49 -26.31 -51.81
C SER A 52 -5.42 -25.86 -50.80
N LEU A 53 -5.80 -25.60 -49.56
CA LEU A 53 -4.85 -25.15 -48.55
C LEU A 53 -3.91 -26.29 -48.15
N GLY A 54 -4.46 -27.48 -47.99
CA GLY A 54 -3.64 -28.66 -47.73
C GLY A 54 -2.80 -28.55 -46.47
N ASN A 55 -1.59 -29.08 -46.53
CA ASN A 55 -0.67 -29.06 -45.40
C ASN A 55 0.23 -27.84 -45.40
N LYS A 56 -0.09 -26.89 -46.30
CA LYS A 56 0.66 -25.64 -46.38
C LYS A 56 0.88 -24.95 -45.05
N PRO A 57 -0.14 -24.94 -44.15
CA PRO A 57 0.11 -24.22 -42.89
C PRO A 57 1.29 -24.78 -42.10
N ILE A 58 1.36 -26.09 -41.90
CA ILE A 58 2.51 -26.66 -41.21
C ILE A 58 3.75 -26.43 -42.07
N GLU A 59 3.63 -26.61 -43.38
CA GLU A 59 4.78 -26.41 -44.26
C GLU A 59 5.34 -25.01 -44.08
N ILE A 60 4.47 -24.01 -44.13
CA ILE A 60 4.87 -22.62 -43.97
C ILE A 60 5.41 -22.36 -42.55
N LEU A 61 4.67 -22.82 -41.54
CA LEU A 61 5.12 -22.66 -40.17
C LEU A 61 6.55 -23.16 -39.99
N GLU A 62 6.83 -24.36 -40.50
CA GLU A 62 8.16 -24.93 -40.39
C GLU A 62 9.16 -24.06 -41.13
N ALA A 63 8.75 -23.49 -42.25
CA ALA A 63 9.67 -22.64 -43.02
C ALA A 63 9.98 -21.35 -42.27
N VAL A 64 8.97 -20.76 -41.66
CA VAL A 64 9.12 -19.50 -40.96
C VAL A 64 9.98 -19.67 -39.71
N MET A 65 9.78 -20.77 -38.99
CA MET A 65 10.60 -21.04 -37.82
C MET A 65 12.08 -21.21 -38.20
N HIS A 66 12.33 -21.73 -39.40
CA HIS A 66 13.71 -21.94 -39.82
C HIS A 66 14.35 -20.63 -40.19
N ASP A 67 13.54 -19.74 -40.78
CA ASP A 67 14.06 -18.52 -41.38
C ASP A 67 14.37 -17.44 -40.36
N TYR A 68 13.60 -17.40 -39.28
CA TYR A 68 13.74 -16.31 -38.30
C TYR A 68 14.11 -16.83 -36.90
N PRO A 69 15.42 -16.91 -36.62
CA PRO A 69 16.00 -17.43 -35.38
C PRO A 69 15.32 -16.88 -34.14
N LEU A 70 15.01 -15.59 -34.13
CA LEU A 70 14.32 -14.96 -33.01
C LEU A 70 13.12 -15.77 -32.51
N LEU A 71 12.49 -16.53 -33.39
CA LEU A 71 11.34 -17.35 -33.03
C LEU A 71 11.74 -18.60 -32.24
N ARG A 72 13.02 -18.93 -32.25
CA ARG A 72 13.51 -20.09 -31.52
C ARG A 72 14.29 -19.66 -30.27
N VAL A 73 13.91 -18.51 -29.71
CA VAL A 73 14.63 -17.91 -28.60
C VAL A 73 14.05 -18.31 -27.25
N SER A 74 14.95 -18.46 -26.28
CA SER A 74 14.59 -18.63 -24.86
C SER A 74 15.34 -17.56 -24.05
N MET A 75 14.81 -17.17 -22.89
CA MET A 75 15.48 -16.18 -22.05
C MET A 75 15.67 -16.62 -20.59
N PRO A 76 16.58 -17.58 -20.36
CA PRO A 76 16.86 -18.17 -19.04
C PRO A 76 17.67 -17.24 -18.16
N ALA A 77 17.54 -17.37 -16.86
CA ALA A 77 18.38 -16.54 -16.00
C ALA A 77 19.47 -17.42 -15.43
N ASN A 78 20.71 -17.02 -15.68
CA ASN A 78 21.85 -17.84 -15.34
C ASN A 78 22.77 -17.12 -14.40
N ASP A 79 24.05 -17.43 -14.48
CA ASP A 79 24.99 -16.88 -13.51
C ASP A 79 25.42 -15.46 -13.89
N GLN A 80 25.12 -14.53 -12.97
CA GLN A 80 25.46 -13.11 -13.11
C GLN A 80 24.85 -12.44 -14.35
N GLY A 81 23.72 -12.97 -14.84
CA GLY A 81 23.04 -12.35 -15.96
C GLY A 81 21.95 -13.14 -16.65
N ILE A 82 21.02 -12.41 -17.25
CA ILE A 82 19.99 -12.95 -18.13
C ILE A 82 20.51 -13.14 -19.57
N GLU A 83 20.18 -14.27 -20.19
CA GLU A 83 20.71 -14.62 -21.50
C GLU A 83 19.62 -14.77 -22.53
N GLN A 84 19.99 -14.59 -23.79
CA GLN A 84 19.09 -14.82 -24.90
C GLN A 84 19.62 -16.01 -25.70
N LEU A 85 18.97 -17.16 -25.59
CA LEU A 85 19.45 -18.37 -26.25
C LEU A 85 18.69 -18.68 -27.54
N ILE A 86 19.44 -18.91 -28.61
CA ILE A 86 18.85 -19.36 -29.86
C ILE A 86 18.95 -20.88 -30.00
N TRP A 87 17.83 -21.58 -29.90
CA TRP A 87 17.79 -23.04 -30.08
C TRP A 87 17.78 -23.45 -31.56
N ASP A 88 18.45 -24.54 -31.89
CA ASP A 88 18.45 -25.03 -33.26
C ASP A 88 17.03 -25.35 -33.71
N ARG A 89 16.24 -25.91 -32.79
CA ARG A 89 14.90 -26.38 -33.09
C ARG A 89 13.97 -26.19 -31.88
N VAL A 90 12.70 -25.89 -32.13
CA VAL A 90 11.71 -25.69 -31.06
C VAL A 90 10.40 -26.37 -31.42
N TYR A 91 9.80 -27.12 -30.50
CA TYR A 91 8.51 -27.72 -30.82
C TYR A 91 7.46 -26.63 -30.70
N PRO A 92 6.77 -26.32 -31.81
CA PRO A 92 5.83 -25.19 -31.77
C PRO A 92 4.71 -25.51 -30.82
N ASN A 93 4.22 -24.52 -30.10
CA ASN A 93 3.09 -24.72 -29.20
C ASN A 93 1.79 -24.32 -29.90
N ILE A 94 1.22 -25.25 -30.63
CA ILE A 94 0.02 -24.99 -31.40
C ILE A 94 -1.16 -25.72 -30.81
N ILE A 95 -2.18 -24.97 -30.43
CA ILE A 95 -3.29 -25.59 -29.74
C ILE A 95 -4.53 -25.49 -30.63
N PHE A 96 -5.16 -26.63 -30.87
CA PHE A 96 -6.31 -26.69 -31.76
C PHE A 96 -7.49 -27.30 -31.03
N SER A 97 -8.55 -26.53 -30.83
CA SER A 97 -9.74 -27.03 -30.13
C SER A 97 -11.05 -26.81 -30.90
N ASP A 98 -11.99 -27.74 -30.71
CA ASP A 98 -13.29 -27.74 -31.37
C ASP A 98 -14.21 -26.68 -30.81
N ALA A 99 -14.54 -25.66 -31.60
CA ALA A 99 -15.43 -24.60 -31.12
C ALA A 99 -16.75 -24.59 -31.92
N ARG A 100 -17.00 -25.66 -32.67
CA ARG A 100 -18.21 -25.75 -33.48
C ARG A 100 -19.47 -25.68 -32.63
N HIS A 101 -19.36 -26.01 -31.35
CA HIS A 101 -20.48 -26.05 -30.41
C HIS A 101 -20.66 -24.79 -29.58
N ILE A 102 -19.92 -23.72 -29.91
CA ILE A 102 -19.82 -22.51 -29.07
C ILE A 102 -20.42 -21.26 -29.73
N GLU A 103 -21.39 -20.63 -29.07
CA GLU A 103 -21.97 -19.40 -29.61
C GLU A 103 -20.90 -18.31 -29.76
N ALA A 104 -21.04 -17.48 -30.78
CA ALA A 104 -20.02 -16.48 -31.11
C ALA A 104 -19.65 -15.53 -29.94
N SER A 105 -20.64 -15.20 -29.11
CA SER A 105 -20.40 -14.37 -27.94
C SER A 105 -19.36 -15.03 -27.06
N ASP A 106 -19.62 -16.29 -26.73
CA ASP A 106 -18.74 -17.07 -25.86
C ASP A 106 -17.37 -17.32 -26.49
N LEU A 107 -17.32 -17.57 -27.80
CA LEU A 107 -16.05 -17.88 -28.46
C LEU A 107 -15.03 -16.77 -28.23
N THR A 108 -15.48 -15.51 -28.26
CA THR A 108 -14.55 -14.40 -28.03
C THR A 108 -13.94 -14.46 -26.63
N GLN A 109 -14.79 -14.62 -25.62
CA GLN A 109 -14.36 -14.79 -24.23
C GLN A 109 -13.30 -15.88 -24.10
N LEU A 110 -13.57 -16.98 -24.79
CA LEU A 110 -12.71 -18.14 -24.74
C LEU A 110 -11.35 -17.84 -25.31
N VAL A 111 -11.32 -17.21 -26.49
CA VAL A 111 -10.05 -16.82 -27.12
C VAL A 111 -9.32 -15.84 -26.17
N GLU A 112 -10.06 -14.91 -25.57
CA GLU A 112 -9.43 -14.00 -24.62
C GLU A 112 -8.88 -14.75 -23.42
N GLN A 113 -9.64 -15.72 -22.89
CA GLN A 113 -9.12 -16.56 -21.80
C GLN A 113 -7.85 -17.27 -22.24
N ASP A 114 -7.94 -17.95 -23.39
CA ASP A 114 -6.86 -18.81 -23.85
C ASP A 114 -5.56 -18.09 -24.09
N THR A 115 -5.64 -16.85 -24.56
CA THR A 115 -4.44 -16.15 -24.95
C THR A 115 -3.77 -15.48 -23.74
N LYS A 116 -4.52 -15.36 -22.66
CA LYS A 116 -3.94 -14.83 -21.44
C LYS A 116 -3.07 -15.83 -20.67
N GLN A 117 -3.01 -17.08 -21.13
CA GLN A 117 -2.25 -18.10 -20.40
C GLN A 117 -0.83 -17.61 -20.39
N PRO A 118 -0.18 -17.65 -19.23
CA PRO A 118 1.08 -16.92 -19.05
C PRO A 118 2.24 -17.68 -19.66
N PHE A 119 3.24 -16.97 -20.15
CA PHE A 119 4.48 -17.57 -20.63
C PHE A 119 5.54 -17.73 -19.52
N ASP A 120 6.32 -18.82 -19.60
CA ASP A 120 7.59 -18.87 -18.90
C ASP A 120 8.69 -18.47 -19.87
N LEU A 121 9.32 -17.32 -19.64
CA LEU A 121 10.25 -16.77 -20.62
C LEU A 121 11.57 -17.55 -20.68
N THR A 122 11.66 -18.64 -19.92
CA THR A 122 12.87 -19.45 -19.93
C THR A 122 12.67 -20.82 -20.60
N GLN A 123 11.44 -21.11 -21.03
CA GLN A 123 11.17 -22.34 -21.77
C GLN A 123 10.46 -22.06 -23.09
N PRO A 124 11.21 -22.16 -24.20
CA PRO A 124 10.78 -21.88 -25.57
C PRO A 124 9.64 -22.78 -26.03
N PRO A 125 8.81 -22.28 -26.95
CA PRO A 125 8.89 -20.95 -27.57
C PRO A 125 8.21 -19.86 -26.72
N LEU A 126 8.53 -18.58 -26.97
CA LEU A 126 7.87 -17.48 -26.28
C LEU A 126 6.73 -16.95 -27.16
N TRP A 127 6.17 -17.85 -27.95
CA TRP A 127 4.97 -17.57 -28.74
C TRP A 127 4.12 -18.83 -28.86
N ARG A 128 2.82 -18.65 -29.08
CA ARG A 128 2.02 -19.80 -29.47
C ARG A 128 0.83 -19.43 -30.33
N ILE A 129 0.28 -20.45 -30.99
CA ILE A 129 -0.85 -20.27 -31.90
C ILE A 129 -2.07 -21.07 -31.43
N HIS A 130 -3.21 -20.39 -31.31
CA HIS A 130 -4.47 -21.01 -30.90
C HIS A 130 -5.44 -21.09 -32.06
N CYS A 131 -5.88 -22.30 -32.38
CA CYS A 131 -6.86 -22.48 -33.44
C CYS A 131 -8.20 -23.00 -32.91
N TYR A 132 -9.27 -22.53 -33.52
CA TYR A 132 -10.62 -22.96 -33.16
C TYR A 132 -11.37 -23.38 -34.42
N GLU A 133 -11.92 -24.59 -34.44
CA GLU A 133 -12.80 -24.98 -35.54
C GLU A 133 -14.18 -24.41 -35.22
N CYS A 134 -14.69 -23.52 -36.09
CA CYS A 134 -16.01 -22.92 -35.88
C CYS A 134 -17.11 -23.57 -36.72
N GLY A 135 -16.70 -24.07 -37.89
CA GLY A 135 -17.61 -24.65 -38.87
C GLY A 135 -16.71 -25.39 -39.83
N GLN A 136 -17.27 -25.94 -40.91
CA GLN A 136 -16.37 -26.59 -41.86
C GLN A 136 -15.64 -25.51 -42.67
N ASN A 137 -14.32 -25.63 -42.68
CA ASN A 137 -13.45 -24.72 -43.40
C ASN A 137 -13.62 -23.33 -42.86
N HIS A 138 -13.71 -23.27 -41.54
CA HIS A 138 -13.94 -22.02 -40.85
C HIS A 138 -13.27 -22.03 -39.48
N TYR A 139 -12.27 -21.18 -39.33
CA TYR A 139 -11.46 -21.23 -38.13
C TYR A 139 -11.19 -19.83 -37.58
N VAL A 140 -10.98 -19.75 -36.27
CA VAL A 140 -10.44 -18.52 -35.68
C VAL A 140 -9.00 -18.84 -35.30
N ILE A 141 -8.06 -17.99 -35.69
CA ILE A 141 -6.64 -18.20 -35.40
C ILE A 141 -6.13 -17.06 -34.57
N ALA A 142 -5.57 -17.36 -33.41
CA ALA A 142 -5.03 -16.28 -32.60
C ALA A 142 -3.53 -16.49 -32.42
N PHE A 143 -2.74 -15.51 -32.84
CA PHE A 143 -1.31 -15.59 -32.67
C PHE A 143 -0.92 -14.84 -31.41
N VAL A 144 -0.11 -15.47 -30.56
CA VAL A 144 0.26 -14.87 -29.27
C VAL A 144 1.77 -14.80 -29.08
N ILE A 145 2.30 -13.59 -28.95
CA ILE A 145 3.73 -13.44 -28.79
C ILE A 145 3.98 -12.67 -27.50
N HIS A 146 4.93 -13.11 -26.68
CA HIS A 146 5.24 -12.33 -25.49
C HIS A 146 6.05 -11.10 -25.88
N HIS A 147 5.73 -9.97 -25.28
CA HIS A 147 6.32 -8.69 -25.66
C HIS A 147 7.83 -8.64 -25.37
N ALA A 148 8.31 -9.52 -24.50
CA ALA A 148 9.74 -9.59 -24.21
C ALA A 148 10.52 -10.06 -25.43
N LEU A 149 9.84 -10.82 -26.28
CA LEU A 149 10.51 -11.40 -27.42
C LEU A 149 10.50 -10.43 -28.61
N MET A 150 9.36 -9.80 -28.87
CA MET A 150 9.30 -8.82 -29.95
C MET A 150 8.16 -7.83 -29.78
N ASP A 151 8.22 -6.78 -30.61
CA ASP A 151 7.30 -5.67 -30.48
C ASP A 151 6.26 -5.67 -31.60
N PHE A 152 5.36 -4.70 -31.57
CA PHE A 152 4.30 -4.74 -32.55
C PHE A 152 4.82 -4.40 -33.95
N TRP A 153 5.81 -3.52 -34.04
CA TRP A 153 6.43 -3.28 -35.35
C TRP A 153 6.86 -4.61 -35.94
N SER A 154 7.42 -5.48 -35.12
CA SER A 154 7.82 -6.80 -35.59
C SER A 154 6.63 -7.62 -36.06
N ILE A 155 5.57 -7.67 -35.23
CA ILE A 155 4.34 -8.36 -35.62
C ILE A 155 3.91 -7.98 -37.04
N GLY A 156 4.02 -6.69 -37.37
CA GLY A 156 3.73 -6.22 -38.70
C GLY A 156 4.57 -6.91 -39.76
N LEU A 157 5.90 -6.89 -39.60
CA LEU A 157 6.78 -7.53 -40.58
C LEU A 157 6.43 -9.02 -40.78
N LEU A 158 6.16 -9.73 -39.70
CA LEU A 158 5.80 -11.13 -39.80
C LEU A 158 4.45 -11.28 -40.49
N LEU A 159 3.51 -10.41 -40.14
CA LEU A 159 2.15 -10.55 -40.61
C LEU A 159 2.17 -10.40 -42.12
N ARG A 160 2.98 -9.47 -42.59
CA ARG A 160 3.00 -9.22 -44.00
C ARG A 160 3.80 -10.33 -44.72
N ASP A 161 4.94 -10.72 -44.16
CA ASP A 161 5.71 -11.84 -44.76
C ASP A 161 4.96 -13.18 -44.79
N VAL A 162 4.26 -13.50 -43.72
CA VAL A 162 3.56 -14.77 -43.65
C VAL A 162 2.33 -14.70 -44.54
N SER A 163 1.72 -13.52 -44.61
CA SER A 163 0.58 -13.35 -45.52
C SER A 163 1.00 -13.67 -46.96
N LYS A 164 2.14 -13.13 -47.38
CA LYS A 164 2.65 -13.39 -48.72
C LYS A 164 2.86 -14.89 -48.94
N ARG A 165 3.43 -15.56 -47.95
CA ARG A 165 3.65 -16.99 -48.05
C ARG A 165 2.34 -17.72 -48.31
N PHE A 166 1.25 -17.24 -47.73
CA PHE A 166 -0.06 -17.84 -47.94
C PHE A 166 -0.74 -17.29 -49.19
N GLY A 167 -0.04 -16.44 -49.91
CA GLY A 167 -0.60 -15.77 -51.08
C GLY A 167 -1.80 -14.87 -50.83
N LEU A 168 -1.67 -13.95 -49.88
CA LEU A 168 -2.74 -13.03 -49.54
C LEU A 168 -2.41 -11.64 -50.04
N VAL A 169 -1.12 -11.33 -50.03
CA VAL A 169 -0.63 -10.09 -50.63
C VAL A 169 0.41 -10.46 -51.67
N ALA A 170 0.68 -9.52 -52.57
CA ALA A 170 1.53 -9.82 -53.72
C ALA A 170 3.00 -9.68 -53.35
N GLU A 171 3.28 -8.77 -52.41
CA GLU A 171 4.64 -8.36 -52.07
C GLU A 171 4.86 -8.28 -50.57
N SER A 172 6.09 -8.56 -50.15
CA SER A 172 6.49 -8.40 -48.77
C SER A 172 7.93 -7.93 -48.74
N ASP A 173 8.21 -7.03 -47.80
CA ASP A 173 9.58 -6.61 -47.55
C ASP A 173 10.40 -7.75 -46.96
N ALA A 174 11.72 -7.67 -47.11
CA ALA A 174 12.61 -8.64 -46.50
C ALA A 174 12.58 -8.51 -44.98
N VAL A 175 12.50 -9.63 -44.28
CA VAL A 175 12.53 -9.63 -42.84
C VAL A 175 13.84 -10.22 -42.30
N ASN A 176 14.47 -9.49 -41.37
CA ASN A 176 15.69 -9.94 -40.70
C ASN A 176 15.38 -10.51 -39.32
N GLY A 177 15.67 -11.78 -39.11
CA GLY A 177 15.32 -12.43 -37.85
C GLY A 177 16.51 -12.81 -36.97
N ILE A 178 17.63 -12.12 -37.18
CA ILE A 178 18.88 -12.43 -36.49
C ILE A 178 19.61 -11.17 -36.02
N GLU A 179 19.26 -10.02 -36.60
CA GLU A 179 19.88 -8.75 -36.25
C GLU A 179 19.76 -8.39 -34.76
N PHE A 180 18.61 -8.72 -34.17
CA PHE A 180 18.31 -8.37 -32.79
CA PHE A 180 18.35 -8.30 -32.81
C PHE A 180 19.40 -8.79 -31.80
N VAL A 181 19.83 -10.06 -31.88
CA VAL A 181 20.83 -10.50 -30.91
C VAL A 181 22.13 -9.76 -31.12
N GLN A 182 22.43 -9.38 -32.37
CA GLN A 182 23.63 -8.60 -32.61
C GLN A 182 23.47 -7.27 -31.88
N TYR A 183 22.35 -6.58 -32.16
CA TYR A 183 22.03 -5.29 -31.54
C TYR A 183 22.08 -5.38 -30.03
N ALA A 184 21.58 -6.50 -29.51
CA ALA A 184 21.60 -6.73 -28.07
C ALA A 184 23.03 -6.77 -27.56
N ASP A 185 23.85 -7.53 -28.26
CA ASP A 185 25.23 -7.73 -27.86
C ASP A 185 26.07 -6.46 -27.91
N LYS A 186 26.01 -5.75 -29.03
CA LYS A 186 26.78 -4.52 -29.17
C LYS A 186 26.34 -3.49 -28.12
N GLN A 187 25.08 -3.56 -27.72
CA GLN A 187 24.55 -2.66 -26.71
C GLN A 187 25.13 -2.92 -25.33
N GLN A 188 25.24 -4.19 -24.96
CA GLN A 188 25.64 -4.53 -23.60
C GLN A 188 27.14 -4.65 -23.48
N SER A 189 27.84 -4.09 -24.47
CA SER A 189 29.28 -3.87 -24.40
C SER A 189 29.52 -2.39 -24.16
N SER A 190 28.51 -1.70 -23.65
CA SER A 190 28.55 -0.25 -23.46
C SER A 190 28.06 0.13 -22.06
N VAL A 191 28.47 1.31 -21.60
CA VAL A 191 28.34 1.66 -20.20
C VAL A 191 27.02 2.35 -19.81
N ILE A 192 26.75 3.51 -20.42
CA ILE A 192 25.78 4.48 -19.89
C ILE A 192 26.22 4.87 -18.46
N ASP A 193 27.37 5.53 -18.37
CA ASP A 193 27.83 6.09 -17.10
C ASP A 193 26.83 7.14 -16.61
N ASP A 194 26.78 7.36 -15.31
CA ASP A 194 25.80 8.27 -14.74
C ASP A 194 26.12 9.72 -15.08
N THR A 195 27.09 9.92 -15.96
CA THR A 195 27.46 11.26 -16.41
C THR A 195 26.85 11.57 -17.78
N ASP A 196 26.31 10.53 -18.43
CA ASP A 196 25.70 10.64 -19.75
C ASP A 196 24.63 11.75 -19.79
N GLU A 197 24.80 12.68 -20.72
CA GLU A 197 23.97 13.89 -20.80
C GLU A 197 22.48 13.60 -20.95
N SER A 198 22.14 12.44 -21.52
CA SER A 198 20.75 12.04 -21.66
C SER A 198 20.20 11.52 -20.35
N LEU A 199 21.02 10.74 -19.65
CA LEU A 199 20.64 10.20 -18.36
C LEU A 199 20.38 11.33 -17.39
N ILE A 200 21.20 12.38 -17.48
CA ILE A 200 21.04 13.54 -16.61
C ILE A 200 19.72 14.25 -16.90
N PHE A 201 19.38 14.37 -18.18
CA PHE A 201 18.09 14.88 -18.61
C PHE A 201 16.92 14.21 -17.89
N TRP A 202 16.86 12.88 -17.93
CA TRP A 202 15.74 12.18 -17.31
C TRP A 202 15.71 12.36 -15.79
N LYS A 203 16.87 12.27 -15.14
CA LYS A 203 16.91 12.57 -13.72
C LYS A 203 16.32 13.95 -13.43
N ASN A 204 16.72 14.97 -14.18
CA ASN A 204 16.11 16.28 -14.02
C ASN A 204 14.64 16.30 -14.36
N ALA A 205 14.27 15.53 -15.38
CA ALA A 205 12.89 15.53 -15.81
C ALA A 205 11.99 14.97 -14.72
N LEU A 206 12.49 13.95 -14.02
CA LEU A 206 11.63 13.14 -13.17
C LEU A 206 11.91 13.26 -11.67
N LYS A 207 12.94 14.03 -11.31
CA LYS A 207 13.32 14.22 -9.91
C LYS A 207 12.11 14.57 -9.04
N HIS A 208 11.39 15.63 -9.43
CA HIS A 208 10.25 16.14 -8.66
C HIS A 208 8.90 15.51 -9.10
N ALA A 209 8.96 14.25 -9.56
CA ALA A 209 7.76 13.54 -9.99
C ALA A 209 7.21 12.71 -8.86
N PRO A 210 5.88 12.72 -8.67
CA PRO A 210 5.24 12.05 -7.53
C PRO A 210 5.39 10.53 -7.54
N HIS A 211 5.20 9.92 -6.37
CA HIS A 211 5.30 8.48 -6.21
C HIS A 211 4.15 7.76 -6.91
N VAL A 212 2.96 8.32 -6.79
CA VAL A 212 1.77 7.73 -7.39
C VAL A 212 0.73 8.84 -7.63
N HIS A 213 -0.02 8.69 -8.72
CA HIS A 213 -1.02 9.66 -9.13
C HIS A 213 -2.15 9.77 -8.10
N SER A 214 -2.87 10.89 -8.12
CA SER A 214 -3.90 11.15 -7.13
C SER A 214 -5.33 11.02 -7.64
N ILE A 215 -5.52 10.25 -8.71
CA ILE A 215 -6.88 9.92 -9.16
C ILE A 215 -7.56 9.08 -8.08
N PRO A 216 -8.82 9.42 -7.72
CA PRO A 216 -9.47 8.62 -6.69
C PRO A 216 -9.89 7.26 -7.23
N LEU A 217 -9.62 6.23 -6.43
CA LEU A 217 -9.88 4.88 -6.85
C LEU A 217 -11.23 4.43 -6.33
N ASP A 218 -11.75 3.35 -6.90
CA ASP A 218 -13.01 2.80 -6.48
C ASP A 218 -12.76 1.74 -5.42
N TYR A 219 -11.59 1.14 -5.48
CA TYR A 219 -11.26 0.04 -4.61
C TYR A 219 -9.95 0.32 -3.87
N PRO A 220 -9.68 -0.43 -2.80
CA PRO A 220 -8.39 -0.20 -2.17
C PRO A 220 -7.28 -0.95 -2.91
N ARG A 221 -6.18 -0.22 -3.15
CA ARG A 221 -5.07 -0.69 -3.94
C ARG A 221 -4.32 -1.82 -3.25
N PRO A 222 -4.29 -3.00 -3.88
CA PRO A 222 -3.55 -4.19 -3.44
C PRO A 222 -2.11 -3.90 -3.10
N ALA A 223 -1.55 -4.58 -2.10
CA ALA A 223 -0.14 -4.39 -1.78
C ALA A 223 0.75 -4.85 -2.94
N VAL A 224 0.39 -5.96 -3.59
CA VAL A 224 1.17 -6.41 -4.75
C VAL A 224 0.36 -6.56 -6.04
N GLN A 225 0.72 -5.72 -7.00
CA GLN A 225 0.10 -5.63 -8.33
C GLN A 225 -0.11 -6.99 -9.01
N GLN A 226 -1.35 -7.27 -9.41
CA GLN A 226 -1.66 -8.57 -10.01
C GLN A 226 -1.95 -8.54 -11.53
N HIS A 227 -1.64 -7.42 -12.17
CA HIS A 227 -1.97 -7.13 -13.56
C HIS A 227 -3.31 -7.69 -14.05
N LYS A 228 -4.39 -7.41 -13.35
CA LYS A 228 -5.70 -7.69 -13.88
C LYS A 228 -6.25 -6.40 -14.50
N GLY A 229 -6.94 -6.52 -15.62
CA GLY A 229 -7.48 -5.33 -16.25
C GLY A 229 -8.55 -5.61 -17.31
N SER A 230 -9.03 -4.54 -17.91
CA SER A 230 -10.11 -4.62 -18.85
C SER A 230 -9.96 -3.46 -19.84
N SER A 231 -10.73 -3.48 -20.91
CA SER A 231 -10.55 -2.47 -21.94
C SER A 231 -11.90 -1.95 -22.30
N LEU A 232 -11.95 -0.66 -22.61
CA LEU A 232 -13.18 -0.04 -23.01
C LEU A 232 -12.97 0.59 -24.40
N VAL A 233 -13.65 0.07 -25.43
CA VAL A 233 -13.45 0.64 -26.76
C VAL A 233 -14.44 1.77 -27.03
N PHE A 234 -13.93 2.86 -27.58
CA PHE A 234 -14.75 4.05 -27.81
C PHE A 234 -14.37 4.69 -29.14
N ARG A 235 -15.21 5.58 -29.66
CA ARG A 235 -14.84 6.33 -30.86
C ARG A 235 -15.14 7.81 -30.74
N VAL A 236 -14.24 8.63 -31.26
CA VAL A 236 -14.45 10.08 -31.30
C VAL A 236 -15.13 10.49 -32.61
N SER A 237 -16.14 11.35 -32.50
CA SER A 237 -17.03 11.66 -33.62
C SER A 237 -16.29 12.33 -34.78
N GLU A 238 -16.84 12.19 -36.00
CA GLU A 238 -16.18 12.76 -37.17
C GLU A 238 -15.98 14.24 -36.94
N SER A 239 -16.99 14.91 -36.37
CA SER A 239 -16.88 16.34 -36.14
C SER A 239 -15.70 16.65 -35.24
N VAL A 240 -15.67 16.03 -34.05
CA VAL A 240 -14.59 16.26 -33.09
C VAL A 240 -13.25 15.74 -33.60
N SER A 241 -13.24 14.67 -34.39
CA SER A 241 -11.98 14.15 -34.91
C SER A 241 -11.36 15.11 -35.93
N SER A 242 -12.19 15.62 -36.83
CA SER A 242 -11.68 16.55 -37.83
C SER A 242 -11.23 17.83 -37.14
N GLY A 243 -11.98 18.22 -36.12
CA GLY A 243 -11.67 19.38 -35.33
C GLY A 243 -10.28 19.27 -34.75
N LEU A 244 -9.99 18.11 -34.18
CA LEU A 244 -8.71 17.89 -33.54
C LEU A 244 -7.58 18.00 -34.55
N VAL A 245 -7.73 17.35 -35.70
CA VAL A 245 -6.70 17.42 -36.73
C VAL A 245 -6.40 18.88 -37.04
N ASN A 246 -7.45 19.64 -37.33
CA ASN A 246 -7.32 21.05 -37.65
C ASN A 246 -6.74 21.87 -36.53
N LEU A 247 -7.24 21.66 -35.31
CA LEU A 247 -6.75 22.41 -34.15
C LEU A 247 -5.25 22.20 -33.98
N ALA A 248 -4.79 20.99 -34.25
CA ALA A 248 -3.37 20.67 -34.12
C ALA A 248 -2.57 21.49 -35.11
N LYS A 249 -3.08 21.57 -36.33
CA LYS A 249 -2.45 22.36 -37.38
C LYS A 249 -2.59 23.86 -37.07
N ASP A 250 -3.63 24.24 -36.33
CA ASP A 250 -3.88 25.64 -35.96
C ASP A 250 -3.00 26.06 -34.77
N TYR A 251 -2.36 25.07 -34.16
CA TYR A 251 -1.22 25.28 -33.28
C TYR A 251 0.03 24.92 -34.07
N GLU A 252 1.05 24.42 -33.39
CA GLU A 252 2.21 23.89 -34.11
C GLU A 252 2.55 22.51 -33.59
N ILE A 253 1.58 21.60 -33.66
CA ILE A 253 1.70 20.35 -32.93
C ILE A 253 1.22 19.09 -33.66
N THR A 254 1.86 17.97 -33.33
CA THR A 254 1.40 16.63 -33.67
C THR A 254 -0.06 16.44 -33.26
N LEU A 255 -0.81 15.65 -34.03
CA LEU A 255 -2.12 15.20 -33.52
C LEU A 255 -1.94 14.49 -32.18
N PHE A 256 -0.99 13.55 -32.15
CA PHE A 256 -0.61 12.88 -30.91
C PHE A 256 -0.28 13.89 -29.84
N GLY A 257 0.50 14.89 -30.22
CA GLY A 257 0.80 15.99 -29.33
C GLY A 257 -0.48 16.53 -28.73
N LEU A 258 -1.44 16.85 -29.59
CA LEU A 258 -2.68 17.45 -29.13
C LEU A 258 -3.41 16.53 -28.14
N VAL A 259 -3.64 15.28 -28.54
CA VAL A 259 -4.43 14.34 -27.77
C VAL A 259 -3.78 14.03 -26.42
N LEU A 260 -2.45 13.90 -26.43
CA LEU A 260 -1.73 13.70 -25.19
C LEU A 260 -2.00 14.89 -24.27
N SER A 261 -1.89 16.11 -24.81
CA SER A 261 -2.20 17.31 -24.02
C SER A 261 -3.61 17.25 -23.48
N GLY A 262 -4.54 16.78 -24.31
CA GLY A 262 -5.90 16.54 -23.87
C GLY A 262 -5.92 15.63 -22.64
N PHE A 263 -5.16 14.54 -22.71
CA PHE A 263 -5.13 13.53 -21.67
C PHE A 263 -4.66 14.07 -20.31
N TYR A 264 -3.56 14.81 -20.33
CA TYR A 264 -3.04 15.48 -19.14
C TYR A 264 -4.13 16.35 -18.50
N VAL A 265 -4.75 17.20 -19.33
CA VAL A 265 -5.81 18.09 -18.86
C VAL A 265 -6.91 17.30 -18.19
N LEU A 266 -7.27 16.15 -18.78
CA LEU A 266 -8.25 15.27 -18.15
C LEU A 266 -7.79 14.83 -16.75
N LEU A 267 -6.54 14.40 -16.64
CA LEU A 267 -6.02 13.88 -15.37
C LEU A 267 -5.87 15.01 -14.36
N HIS A 268 -5.59 16.20 -14.88
CA HIS A 268 -5.56 17.39 -14.06
C HIS A 268 -6.91 17.62 -13.41
N LYS A 269 -7.98 17.45 -14.20
CA LYS A 269 -9.31 17.74 -13.70
C LYS A 269 -9.82 16.59 -12.84
N LEU A 270 -9.27 15.41 -13.05
CA LEU A 270 -9.73 14.22 -12.34
C LEU A 270 -9.11 14.09 -10.97
N SER A 271 -7.84 14.48 -10.85
CA SER A 271 -7.09 14.28 -9.62
C SER A 271 -6.83 15.57 -8.86
N ASN A 272 -6.98 16.67 -9.57
CA ASN A 272 -6.63 18.02 -9.12
C ASN A 272 -5.20 18.11 -8.59
N GLU A 273 -4.27 17.59 -9.39
CA GLU A 273 -2.85 17.74 -9.14
C GLU A 273 -2.20 18.42 -10.34
N ASN A 274 -1.13 19.17 -10.09
CA ASN A 274 -0.47 19.92 -11.15
C ASN A 274 0.80 19.20 -11.63
N ASN A 275 1.21 18.15 -10.93
CA ASN A 275 2.31 17.32 -11.39
C ASN A 275 1.79 15.98 -11.86
N LEU A 276 1.95 15.73 -13.15
CA LEU A 276 1.40 14.53 -13.76
C LEU A 276 2.48 13.78 -14.55
N VAL A 277 2.44 12.44 -14.50
CA VAL A 277 3.38 11.68 -15.28
C VAL A 277 2.66 10.60 -16.08
N ILE A 278 2.77 10.73 -17.41
CA ILE A 278 2.23 9.77 -18.36
C ILE A 278 3.37 9.09 -19.11
N ALA A 279 3.28 7.78 -19.32
CA ALA A 279 4.34 7.07 -20.03
C ALA A 279 3.91 6.77 -21.47
N THR A 280 4.79 7.04 -22.42
CA THR A 280 4.55 6.68 -23.81
C THR A 280 5.68 5.80 -24.35
N PRO A 281 5.30 4.78 -25.13
CA PRO A 281 6.18 3.98 -25.99
C PRO A 281 6.80 4.79 -27.12
N VAL A 282 8.03 4.45 -27.47
CA VAL A 282 8.62 4.93 -28.70
C VAL A 282 9.13 3.72 -29.48
N ALA A 283 8.99 3.80 -30.80
CA ALA A 283 9.33 2.69 -31.68
C ALA A 283 10.75 2.21 -31.44
N GLY A 284 11.64 3.17 -31.23
CA GLY A 284 13.04 2.88 -31.03
C GLY A 284 13.72 2.31 -32.27
N ARG A 285 13.32 2.79 -33.45
CA ARG A 285 13.92 2.29 -34.69
C ARG A 285 14.43 3.43 -35.54
N LEU A 286 15.40 4.15 -35.00
CA LEU A 286 15.98 5.31 -35.66
C LEU A 286 16.99 4.89 -36.71
N GLU A 287 17.78 3.86 -36.39
CA GLU A 287 18.77 3.32 -37.32
C GLU A 287 18.07 2.47 -38.38
N ARG A 288 18.09 2.93 -39.63
CA ARG A 288 17.37 2.29 -40.73
C ARG A 288 17.78 0.83 -40.94
N SER A 289 18.99 0.48 -40.52
CA SER A 289 19.41 -0.92 -40.53
C SER A 289 18.47 -1.83 -39.70
N LEU A 290 17.66 -1.22 -38.83
CA LEU A 290 16.76 -1.94 -37.94
C LEU A 290 15.31 -1.99 -38.40
N ARG A 291 14.98 -1.23 -39.44
CA ARG A 291 13.59 -1.04 -39.78
C ARG A 291 12.93 -2.30 -40.36
N ASN A 292 13.75 -3.29 -40.70
CA ASN A 292 13.24 -4.56 -41.18
C ASN A 292 13.54 -5.71 -40.21
N ALA A 293 14.00 -5.39 -39.01
CA ALA A 293 14.41 -6.42 -38.05
C ALA A 293 13.29 -6.85 -37.11
N LEU A 294 13.16 -8.16 -36.90
CA LEU A 294 12.29 -8.67 -35.84
C LEU A 294 13.03 -8.47 -34.54
N GLY A 295 12.33 -8.02 -33.50
CA GLY A 295 12.94 -7.83 -32.21
C GLY A 295 12.08 -6.98 -31.31
N GLN A 296 12.53 -6.80 -30.07
CA GLN A 296 11.82 -5.94 -29.13
C GLN A 296 12.63 -4.66 -28.97
N PHE A 297 12.20 -3.62 -29.68
CA PHE A 297 12.97 -2.39 -29.76
C PHE A 297 12.28 -1.23 -28.99
N VAL A 298 11.11 -1.50 -28.43
CA VAL A 298 10.31 -0.41 -27.94
C VAL A 298 10.82 0.04 -26.59
N ASN A 299 11.05 1.33 -26.46
CA ASN A 299 11.41 1.90 -25.17
C ASN A 299 10.27 2.76 -24.64
N THR A 300 10.12 2.79 -23.31
CA THR A 300 9.13 3.66 -22.67
C THR A 300 9.79 4.93 -22.16
N ILE A 301 9.16 6.08 -22.39
CA ILE A 301 9.63 7.32 -21.80
C ILE A 301 8.56 7.89 -20.87
N ALA A 302 8.97 8.36 -19.70
CA ALA A 302 8.02 8.94 -18.74
C ALA A 302 8.03 10.46 -18.80
N ILE A 303 7.02 11.01 -19.47
CA ILE A 303 6.85 12.45 -19.61
C ILE A 303 6.19 13.01 -18.36
N HIS A 304 6.82 14.03 -17.76
CA HIS A 304 6.35 14.62 -16.52
C HIS A 304 5.96 16.10 -16.70
N MET A 305 4.66 16.36 -16.82
CA MET A 305 4.19 17.72 -17.07
C MET A 305 3.85 18.44 -15.78
N ASP A 306 4.22 19.71 -15.72
CA ASP A 306 3.76 20.58 -14.65
C ASP A 306 2.63 21.43 -15.24
N ILE A 307 1.42 21.26 -14.70
CA ILE A 307 0.23 21.96 -15.20
C ILE A 307 0.05 23.34 -14.58
N ASP A 308 0.02 24.37 -15.40
CA ASP A 308 -0.31 25.70 -14.91
C ASP A 308 -1.75 25.98 -15.32
N ALA A 309 -2.69 25.87 -14.39
CA ALA A 309 -4.11 26.06 -14.70
C ALA A 309 -4.36 27.40 -15.36
N ASP A 310 -3.41 28.31 -15.17
CA ASP A 310 -3.44 29.63 -15.78
C ASP A 310 -3.04 29.62 -17.27
N GLN A 311 -2.27 28.62 -17.70
CA GLN A 311 -1.92 28.44 -19.12
C GLN A 311 -3.16 28.41 -20.01
N THR A 312 -3.09 29.05 -21.16
CA THR A 312 -4.11 28.80 -22.17
C THR A 312 -3.84 27.41 -22.75
N LEU A 313 -4.88 26.76 -23.28
CA LEU A 313 -4.68 25.50 -23.98
C LEU A 313 -3.58 25.61 -25.02
N ARG A 314 -3.64 26.69 -25.80
CA ARG A 314 -2.66 26.93 -26.84
C ARG A 314 -1.24 26.91 -26.26
N GLN A 315 -1.01 27.78 -25.28
CA GLN A 315 0.28 27.85 -24.63
C GLN A 315 0.70 26.49 -24.04
N PHE A 316 -0.25 25.78 -23.44
CA PHE A 316 0.03 24.53 -22.75
C PHE A 316 0.29 23.36 -23.67
N THR A 317 -0.56 23.25 -24.69
CA THR A 317 -0.39 22.19 -25.65
C THR A 317 0.99 22.26 -26.27
N GLN A 318 1.38 23.46 -26.68
CA GLN A 318 2.71 23.65 -27.25
C GLN A 318 3.80 23.29 -26.24
N GLN A 319 3.59 23.68 -24.98
CA GLN A 319 4.51 23.36 -23.89
C GLN A 319 4.74 21.84 -23.77
N VAL A 320 3.68 21.07 -23.99
CA VAL A 320 3.78 19.60 -24.04
C VAL A 320 4.54 19.12 -25.27
N GLN A 321 4.19 19.66 -26.43
CA GLN A 321 4.79 19.22 -27.68
C GLN A 321 6.29 19.41 -27.64
N GLU A 322 6.70 20.53 -27.04
CA GLU A 322 8.11 20.88 -26.92
C GLU A 322 8.83 19.91 -25.99
N GLN A 323 8.32 19.77 -24.77
CA GLN A 323 8.92 18.83 -23.85
C GLN A 323 8.93 17.43 -24.46
N LEU A 324 7.88 17.08 -25.20
CA LEU A 324 7.84 15.79 -25.86
C LEU A 324 8.99 15.70 -26.85
N ARG A 325 9.20 16.78 -27.60
CA ARG A 325 10.25 16.84 -28.61
C ARG A 325 11.63 16.74 -27.97
N GLN A 326 11.80 17.34 -26.80
CA GLN A 326 13.08 17.26 -26.11
C GLN A 326 13.32 15.84 -25.66
N SER A 327 12.28 15.24 -25.10
CA SER A 327 12.41 13.92 -24.53
C SER A 327 12.75 12.88 -25.59
N LEU A 328 12.22 13.05 -26.78
CA LEU A 328 12.50 12.10 -27.85
C LEU A 328 13.98 12.14 -28.25
N LYS A 329 14.69 13.20 -27.89
CA LYS A 329 16.12 13.29 -28.13
C LYS A 329 16.86 12.27 -27.29
N HIS A 330 16.24 11.88 -26.18
CA HIS A 330 16.90 11.04 -25.20
C HIS A 330 16.19 9.72 -25.02
N GLN A 331 15.59 9.22 -26.08
CA GLN A 331 14.85 7.97 -25.98
C GLN A 331 15.76 6.77 -25.93
N LYS A 332 17.05 7.00 -26.15
CA LYS A 332 17.99 5.89 -26.21
C LYS A 332 18.12 5.26 -24.83
N ILE A 333 17.99 6.09 -23.81
CA ILE A 333 18.09 5.62 -22.42
C ILE A 333 16.86 4.82 -22.04
N ALA A 334 17.07 3.55 -21.70
CA ALA A 334 15.99 2.65 -21.38
C ALA A 334 15.26 3.06 -20.09
N PHE A 335 13.96 2.82 -20.05
CA PHE A 335 13.18 3.17 -18.86
C PHE A 335 13.73 2.46 -17.61
N SER A 336 14.13 1.20 -17.74
CA SER A 336 14.76 0.48 -16.64
C SER A 336 15.98 1.25 -16.14
N ARG A 337 16.75 1.81 -17.08
CA ARG A 337 17.91 2.58 -16.67
C ARG A 337 17.53 3.88 -15.96
N VAL A 338 16.46 4.52 -16.43
CA VAL A 338 15.99 5.74 -15.79
C VAL A 338 15.53 5.46 -14.37
N VAL A 339 14.81 4.36 -14.19
CA VAL A 339 14.34 3.99 -12.86
C VAL A 339 15.53 3.76 -11.95
N GLU A 340 16.57 3.13 -12.50
CA GLU A 340 17.78 2.90 -11.70
C GLU A 340 18.35 4.22 -11.19
N ALA A 341 18.47 5.18 -12.10
CA ALA A 341 19.12 6.46 -11.80
C ALA A 341 18.31 7.33 -10.83
N VAL A 342 17.00 7.41 -11.07
CA VAL A 342 16.12 8.22 -10.22
C VAL A 342 15.96 7.62 -8.82
N SER A 343 16.07 6.29 -8.75
CA SER A 343 15.96 5.50 -7.52
C SER A 343 14.72 5.82 -6.68
N PRO A 344 13.54 5.65 -7.28
CA PRO A 344 12.34 5.93 -6.49
C PRO A 344 12.14 4.85 -5.43
N LYS A 345 11.30 5.13 -4.44
CA LYS A 345 10.96 4.13 -3.44
C LYS A 345 10.29 2.97 -4.14
N ARG A 346 10.86 1.78 -4.07
CA ARG A 346 10.19 0.63 -4.71
C ARG A 346 8.94 0.32 -3.91
N ASP A 347 7.89 -0.07 -4.62
CA ASP A 347 6.58 -0.25 -4.03
C ASP A 347 5.85 -1.24 -4.92
N GLY A 348 5.62 -2.45 -4.41
CA GLY A 348 5.04 -3.53 -5.18
C GLY A 348 3.60 -3.34 -5.64
N SER A 349 3.06 -2.16 -5.34
CA SER A 349 1.67 -1.88 -5.60
C SER A 349 1.51 -1.10 -6.89
N ILE A 350 2.61 -0.53 -7.36
CA ILE A 350 2.58 0.32 -8.55
C ILE A 350 3.76 0.10 -9.44
N ASN A 351 3.63 0.55 -10.67
CA ASN A 351 4.78 0.66 -11.56
C ASN A 351 5.63 1.88 -11.18
N PRO A 352 6.96 1.73 -11.18
CA PRO A 352 7.83 2.87 -10.83
C PRO A 352 7.61 4.09 -11.71
N LEU A 353 7.77 5.27 -11.12
CA LEU A 353 7.77 6.56 -11.85
C LEU A 353 6.49 6.94 -12.60
N ALA A 354 5.73 5.96 -13.04
CA ALA A 354 4.58 6.22 -13.90
C ALA A 354 3.55 5.09 -13.86
N GLN A 355 2.30 5.45 -13.61
CA GLN A 355 1.23 4.46 -13.59
C GLN A 355 0.15 4.72 -14.63
N ILE A 356 0.32 5.78 -15.43
CA ILE A 356 -0.58 6.03 -16.55
C ILE A 356 0.20 6.07 -17.87
N GLY A 357 -0.29 5.34 -18.87
CA GLY A 357 0.33 5.39 -20.18
C GLY A 357 -0.59 5.94 -21.25
N MET A 358 0.03 6.43 -22.33
CA MET A 358 -0.70 6.68 -23.57
C MET A 358 0.06 6.09 -24.76
N PHE A 359 -0.56 5.14 -25.46
CA PHE A 359 0.05 4.57 -26.67
C PHE A 359 -0.57 5.25 -27.87
N TRP A 360 0.27 5.71 -28.78
CA TRP A 360 -0.23 6.23 -30.05
C TRP A 360 0.44 5.49 -31.17
N GLU A 361 -0.34 4.73 -31.92
CA GLU A 361 0.23 3.96 -33.00
C GLU A 361 -0.66 3.98 -34.22
N ARG A 362 -0.06 4.14 -35.40
CA ARG A 362 -0.81 4.09 -36.67
C ARG A 362 -0.28 3.00 -37.58
N LEU A 363 1.04 2.83 -37.56
CA LEU A 363 1.74 1.75 -38.27
C LEU A 363 1.43 1.71 -39.76
N GLY A 364 2.19 2.47 -40.54
CA GLY A 364 2.01 2.49 -41.98
C GLY A 364 2.69 1.30 -42.64
N GLY A 365 2.37 1.08 -43.91
CA GLY A 365 2.92 -0.07 -44.62
C GLY A 365 2.02 -1.28 -44.40
N MET A 366 1.10 -1.13 -43.45
CA MET A 366 0.13 -2.17 -43.14
C MET A 366 -1.21 -1.84 -43.80
N ASP A 367 -1.15 -1.38 -45.05
CA ASP A 367 -2.30 -0.80 -45.73
C ASP A 367 -3.46 -1.76 -45.97
N GLU A 368 -3.17 -3.01 -46.33
CA GLU A 368 -4.21 -4.00 -46.55
C GLU A 368 -4.76 -4.44 -45.20
N PHE A 369 -3.90 -4.38 -44.19
CA PHE A 369 -4.25 -4.91 -42.89
C PHE A 369 -4.81 -3.87 -41.93
N LYS A 370 -4.81 -2.58 -42.33
CA LYS A 370 -5.15 -1.48 -41.40
C LYS A 370 -6.47 -1.72 -40.65
N GLU A 371 -7.51 -2.14 -41.36
CA GLU A 371 -8.80 -2.39 -40.72
C GLU A 371 -8.82 -3.71 -39.96
N LEU A 372 -8.00 -4.66 -40.37
CA LEU A 372 -7.89 -5.96 -39.67
C LEU A 372 -7.16 -5.86 -38.32
N LEU A 373 -6.59 -4.70 -38.03
CA LEU A 373 -5.82 -4.53 -36.80
C LEU A 373 -6.47 -3.52 -35.85
N LEU A 374 -7.72 -3.16 -36.12
CA LEU A 374 -8.44 -2.24 -35.25
C LEU A 374 -9.06 -2.97 -34.07
N PRO A 375 -9.31 -2.26 -32.98
CA PRO A 375 -10.01 -2.81 -31.82
C PRO A 375 -11.48 -3.12 -32.10
N ILE A 376 -11.99 -2.70 -33.24
CA ILE A 376 -13.40 -2.92 -33.60
C ILE A 376 -13.51 -3.88 -34.76
N GLN A 377 -14.67 -4.52 -34.89
CA GLN A 377 -14.83 -5.46 -35.98
C GLN A 377 -15.19 -4.76 -37.27
N THR A 378 -14.59 -5.21 -38.37
CA THR A 378 -14.78 -4.64 -39.70
C THR A 378 -15.02 -5.75 -40.74
N PRO A 379 -15.95 -5.52 -41.68
CA PRO A 379 -16.22 -6.36 -42.87
C PRO A 379 -15.02 -6.55 -43.83
N ALA A 380 -13.91 -5.87 -43.56
CA ALA A 380 -12.68 -5.98 -44.33
C ALA A 380 -12.09 -7.38 -44.37
N THR A 381 -11.76 -7.85 -45.57
CA THR A 381 -11.12 -9.16 -45.71
C THR A 381 -9.90 -9.13 -46.61
N LEU A 382 -9.04 -10.13 -46.47
CA LEU A 382 -7.99 -10.41 -47.45
C LEU A 382 -8.25 -11.74 -48.17
N VAL A 383 -8.55 -11.69 -49.47
CA VAL A 383 -8.86 -12.92 -50.17
C VAL A 383 -7.68 -13.41 -50.99
N GLY A 384 -7.31 -14.65 -50.70
CA GLY A 384 -6.28 -15.34 -51.44
C GLY A 384 -6.90 -16.56 -52.06
N GLN A 385 -6.13 -17.22 -52.91
CA GLN A 385 -6.62 -18.37 -53.62
C GLN A 385 -7.05 -19.51 -52.69
N ASP A 386 -6.37 -19.66 -51.56
CA ASP A 386 -6.65 -20.80 -50.69
C ASP A 386 -7.52 -20.45 -49.48
N LEU A 387 -7.35 -19.22 -49.00
CA LEU A 387 -8.02 -18.77 -47.79
C LEU A 387 -8.39 -17.30 -47.82
N THR A 388 -9.33 -16.92 -46.96
CA THR A 388 -9.68 -15.52 -46.69
C THR A 388 -9.45 -15.16 -45.22
N LEU A 389 -8.86 -13.99 -44.95
CA LEU A 389 -8.73 -13.49 -43.58
C LEU A 389 -9.83 -12.53 -43.25
N GLY A 390 -10.23 -12.48 -41.99
CA GLY A 390 -11.30 -11.60 -41.56
C GLY A 390 -11.03 -11.10 -40.16
N SER A 391 -11.71 -10.01 -39.79
CA SER A 391 -11.52 -9.37 -38.48
C SER A 391 -11.91 -10.29 -37.35
N PHE A 392 -11.01 -10.47 -36.39
CA PHE A 392 -11.41 -11.09 -35.12
C PHE A 392 -10.80 -10.37 -33.92
N PRO A 393 -11.49 -9.31 -33.44
CA PRO A 393 -11.03 -8.49 -32.31
C PRO A 393 -10.98 -9.30 -31.02
N VAL A 394 -9.88 -9.24 -30.28
CA VAL A 394 -9.83 -9.79 -28.92
C VAL A 394 -9.10 -8.86 -27.96
N ARG A 395 -9.60 -8.77 -26.73
CA ARG A 395 -8.97 -7.90 -25.76
C ARG A 395 -7.60 -8.49 -25.41
N GLN A 396 -6.61 -7.63 -25.26
CA GLN A 396 -5.24 -8.11 -25.19
C GLN A 396 -4.37 -7.09 -24.46
N GLN A 397 -3.23 -7.56 -23.93
CA GLN A 397 -2.35 -6.67 -23.20
C GLN A 397 -3.06 -5.77 -22.19
N GLU A 398 -3.92 -6.37 -21.38
CA GLU A 398 -4.56 -5.65 -20.29
C GLU A 398 -3.78 -5.84 -19.00
N GLY A 399 -3.75 -4.80 -18.18
CA GLY A 399 -3.12 -4.90 -16.87
C GLY A 399 -1.75 -4.25 -16.72
N GLN A 400 -1.21 -3.65 -17.79
CA GLN A 400 0.14 -3.09 -17.71
C GLN A 400 0.28 -1.95 -16.70
N LEU A 401 -0.61 -0.96 -16.78
CA LEU A 401 -0.57 0.16 -15.85
C LEU A 401 -1.92 0.36 -15.18
N ASP A 402 -2.08 1.46 -14.45
CA ASP A 402 -3.34 1.75 -13.78
C ASP A 402 -4.36 2.10 -14.84
N ILE A 403 -3.93 2.96 -15.75
CA ILE A 403 -4.74 3.37 -16.87
C ILE A 403 -3.80 3.47 -18.06
N THR A 404 -4.23 2.97 -19.22
CA THR A 404 -3.54 3.26 -20.46
C THR A 404 -4.50 3.66 -21.52
N LEU A 405 -4.22 4.80 -22.14
CA LEU A 405 -5.02 5.27 -23.25
C LEU A 405 -4.35 4.83 -24.54
N GLU A 406 -5.06 4.06 -25.34
CA GLU A 406 -4.52 3.51 -26.58
C GLU A 406 -5.24 4.10 -27.77
N MET A 407 -4.51 4.85 -28.59
CA MET A 407 -5.13 5.53 -29.71
C MET A 407 -4.20 5.57 -30.90
N GLY A 408 -4.73 6.10 -32.01
CA GLY A 408 -3.98 6.24 -33.25
C GLY A 408 -4.79 5.74 -34.42
N GLY A 409 -5.73 4.84 -34.13
CA GLY A 409 -6.57 4.25 -35.16
C GLY A 409 -7.68 5.18 -35.64
N GLU A 410 -8.07 4.99 -36.90
CA GLU A 410 -9.13 5.77 -37.48
C GLU A 410 -9.99 4.87 -38.36
N TYR A 411 -11.30 5.09 -38.34
CA TYR A 411 -12.21 4.25 -39.09
C TYR A 411 -13.48 5.02 -39.42
N GLN A 412 -13.70 5.23 -40.71
CA GLN A 412 -14.84 5.99 -41.23
C GLN A 412 -14.91 7.38 -40.61
N GLY A 413 -13.74 8.02 -40.52
CA GLY A 413 -13.65 9.40 -40.10
C GLY A 413 -13.61 9.59 -38.61
N GLU A 414 -13.86 8.52 -37.87
CA GLU A 414 -13.86 8.56 -36.42
C GLU A 414 -12.56 8.02 -35.84
N LEU A 415 -11.93 8.79 -34.95
CA LEU A 415 -10.77 8.28 -34.23
C LEU A 415 -11.19 7.11 -33.35
N VAL A 416 -10.46 6.02 -33.41
CA VAL A 416 -10.78 4.87 -32.55
C VAL A 416 -9.76 4.77 -31.42
N GLY A 417 -10.27 4.57 -30.21
CA GLY A 417 -9.42 4.48 -29.04
C GLY A 417 -9.82 3.35 -28.12
N VAL A 418 -8.85 2.89 -27.32
CA VAL A 418 -9.14 1.93 -26.27
C VAL A 418 -8.65 2.47 -24.95
N LEU A 419 -9.57 2.62 -23.98
CA LEU A 419 -9.20 2.92 -22.61
C LEU A 419 -8.94 1.67 -21.80
N LYS A 420 -7.70 1.46 -21.39
CA LYS A 420 -7.39 0.30 -20.56
C LYS A 420 -7.31 0.66 -19.09
N TYR A 421 -7.94 -0.16 -18.25
CA TYR A 421 -8.05 0.15 -16.84
C TYR A 421 -7.93 -1.07 -15.94
N ASN A 422 -7.16 -0.89 -14.87
CA ASN A 422 -6.89 -1.92 -13.87
C ASN A 422 -8.15 -2.19 -13.09
N THR A 423 -8.61 -3.44 -13.09
CA THR A 423 -9.94 -3.71 -12.54
C THR A 423 -9.92 -3.87 -11.03
N ASP A 424 -8.71 -3.89 -10.45
CA ASP A 424 -8.56 -3.90 -8.99
C ASP A 424 -8.60 -2.47 -8.43
N LEU A 425 -8.42 -1.49 -9.30
CA LEU A 425 -8.48 -0.11 -8.88
C LEU A 425 -9.80 0.56 -9.28
N PHE A 426 -10.25 0.29 -10.50
CA PHE A 426 -11.39 1.03 -11.05
C PHE A 426 -12.56 0.13 -11.41
N SER A 427 -13.75 0.67 -11.18
CA SER A 427 -14.98 0.04 -11.63
C SER A 427 -15.17 0.33 -13.11
N ALA A 428 -15.95 -0.50 -13.79
CA ALA A 428 -16.31 -0.24 -15.16
C ALA A 428 -17.01 1.12 -15.32
N GLN A 429 -17.89 1.46 -14.38
CA GLN A 429 -18.63 2.72 -14.45
C GLN A 429 -17.64 3.89 -14.43
N SER A 430 -16.53 3.70 -13.71
CA SER A 430 -15.51 4.75 -13.66
C SER A 430 -14.79 4.87 -14.98
N ALA A 431 -14.55 3.72 -15.63
CA ALA A 431 -13.90 3.72 -16.93
C ALA A 431 -14.79 4.46 -17.94
N GLU A 432 -16.09 4.16 -17.95
CA GLU A 432 -17.02 4.83 -18.86
C GLU A 432 -16.99 6.34 -18.64
N ASN A 433 -17.02 6.73 -17.37
CA ASN A 433 -16.88 8.12 -16.95
C ASN A 433 -15.66 8.77 -17.57
N MET A 434 -14.52 8.09 -17.40
CA MET A 434 -13.24 8.58 -17.93
C MET A 434 -13.31 8.76 -19.44
N VAL A 435 -13.91 7.80 -20.12
CA VAL A 435 -14.03 7.95 -21.55
C VAL A 435 -14.91 9.15 -21.82
N GLN A 436 -16.03 9.23 -21.11
CA GLN A 436 -16.95 10.34 -21.32
C GLN A 436 -16.26 11.69 -21.02
N LEU A 437 -15.44 11.71 -19.97
CA LEU A 437 -14.72 12.93 -19.65
C LEU A 437 -13.67 13.25 -20.72
N LEU A 438 -12.87 12.25 -21.09
CA LEU A 438 -11.93 12.41 -22.20
C LEU A 438 -12.60 12.99 -23.45
N GLN A 439 -13.72 12.39 -23.86
CA GLN A 439 -14.49 12.87 -24.99
C GLN A 439 -14.80 14.35 -24.79
N ALA A 440 -15.16 14.70 -23.56
CA ALA A 440 -15.59 16.06 -23.26
C ALA A 440 -14.45 17.05 -23.39
N VAL A 441 -13.26 16.62 -22.97
CA VAL A 441 -12.07 17.46 -23.06
C VAL A 441 -11.74 17.78 -24.50
N LEU A 442 -11.78 16.75 -25.36
CA LEU A 442 -11.47 16.94 -26.78
C LEU A 442 -12.50 17.85 -27.48
N SER A 443 -13.76 17.75 -27.08
CA SER A 443 -14.79 18.62 -27.64
C SER A 443 -14.58 20.06 -27.21
N GLU A 444 -14.42 20.26 -25.91
CA GLU A 444 -14.27 21.61 -25.39
C GLU A 444 -12.92 22.22 -25.82
N MET A 445 -12.03 21.40 -26.34
CA MET A 445 -10.76 21.91 -26.84
C MET A 445 -10.91 22.51 -28.23
N VAL A 446 -11.55 21.79 -29.15
CA VAL A 446 -11.77 22.34 -30.49
C VAL A 446 -12.80 23.45 -30.45
N ALA A 447 -13.63 23.46 -29.41
CA ALA A 447 -14.65 24.49 -29.25
C ALA A 447 -14.03 25.82 -28.82
N HIS A 448 -13.22 25.77 -27.77
CA HIS A 448 -12.71 26.98 -27.16
C HIS A 448 -11.20 26.98 -27.09
N PRO A 449 -10.52 27.01 -28.24
CA PRO A 449 -9.06 26.79 -28.27
C PRO A 449 -8.24 27.76 -27.43
N GLU A 450 -8.76 28.95 -27.16
CA GLU A 450 -7.96 29.97 -26.51
C GLU A 450 -8.25 30.11 -25.03
N ARG A 451 -9.01 29.18 -24.48
CA ARG A 451 -9.46 29.33 -23.10
C ARG A 451 -8.38 28.91 -22.11
N LYS A 452 -8.36 29.57 -20.96
CA LYS A 452 -7.44 29.20 -19.88
C LYS A 452 -7.84 27.84 -19.33
N ILE A 453 -6.86 26.98 -19.09
CA ILE A 453 -7.10 25.62 -18.60
C ILE A 453 -8.11 25.56 -17.45
N VAL A 454 -7.97 26.50 -16.49
CA VAL A 454 -8.84 26.53 -15.31
C VAL A 454 -10.29 26.84 -15.66
N GLU A 455 -10.48 27.70 -16.66
CA GLU A 455 -11.82 28.16 -17.05
C GLU A 455 -12.57 27.09 -17.84
N LEU A 456 -11.81 26.13 -18.33
CA LEU A 456 -12.36 24.99 -19.05
C LEU A 456 -13.12 24.08 -18.10
N ASP A 457 -14.37 23.75 -18.39
CA ASP A 457 -15.05 22.83 -17.49
C ASP A 457 -15.60 21.60 -18.24
N ILE A 458 -15.11 20.45 -17.79
CA ILE A 458 -15.36 19.13 -18.33
C ILE A 458 -16.74 18.60 -17.92
N ALA A 459 -17.26 19.18 -16.84
CA ALA A 459 -18.40 18.57 -16.16
C ALA A 459 -19.66 18.71 -16.97
N PRO A 460 -20.49 17.65 -16.97
CA PRO A 460 -21.80 17.55 -17.62
C PRO A 460 -22.66 18.79 -17.45
N ASP A 461 -23.36 19.17 -18.51
CA ASP A 461 -24.31 20.26 -18.45
C ASP A 461 -25.39 19.93 -17.43
N TYR A 462 -25.13 20.21 -16.17
CA TYR A 462 -26.10 19.92 -15.12
C TYR A 462 -27.27 20.88 -15.23
N LYS A 463 -28.16 20.59 -16.17
CA LYS A 463 -29.23 21.52 -16.56
C LYS A 463 -30.26 21.71 -15.45
N ASP A 464 -30.42 20.69 -14.62
CA ASP A 464 -31.40 20.77 -13.55
C ASP A 464 -30.89 21.61 -12.39
N GLY A 465 -29.60 21.90 -12.39
CA GLY A 465 -28.98 22.64 -11.30
C GLY A 465 -28.49 21.72 -10.19
N ILE A 466 -28.59 20.43 -10.44
CA ILE A 466 -28.15 19.41 -9.52
C ILE A 466 -27.20 18.45 -10.24
N GLN A 467 -26.28 17.84 -9.51
CA GLN A 467 -25.32 16.93 -10.12
C GLN A 467 -25.94 15.57 -10.43
N PHE A 468 -26.85 15.11 -9.56
CA PHE A 468 -27.71 13.93 -9.77
C PHE A 468 -29.05 14.25 -9.10
N GLU A 469 -30.15 13.61 -9.48
CA GLU A 469 -31.41 13.99 -8.85
C GLU A 469 -31.54 13.36 -7.46
N ALA A 470 -30.73 12.32 -7.23
CA ALA A 470 -30.56 11.77 -5.88
C ALA A 470 -30.15 12.86 -4.91
N LEU A 471 -29.19 13.70 -5.31
CA LEU A 471 -28.60 14.69 -4.41
C LEU A 471 -29.52 15.89 -4.10
N ARG A 472 -30.74 15.84 -4.63
CA ARG A 472 -31.79 16.79 -4.28
C ARG A 472 -32.87 16.09 -3.47
N GLY A 473 -33.26 16.70 -2.36
CA GLY A 473 -34.21 16.08 -1.47
C GLY A 473 -35.67 16.33 -1.80
N LYS A 474 -36.47 15.28 -1.60
CA LYS A 474 -37.94 15.35 -1.68
C LYS A 474 -38.50 16.66 -1.15
N ALA A 475 -39.32 17.32 -1.96
CA ALA A 475 -39.86 18.63 -1.62
C ALA A 475 -41.18 18.51 -0.87
N THR A 476 -41.25 19.13 0.32
CA THR A 476 -42.48 19.11 1.12
C THR A 476 -42.71 20.47 1.76
N ASP A 477 -43.64 20.51 2.71
CA ASP A 477 -43.92 21.72 3.47
C ASP A 477 -43.68 21.48 4.96
N TYR A 478 -42.83 20.49 5.25
CA TYR A 478 -42.56 20.10 6.62
C TYR A 478 -42.16 21.29 7.45
N ALA A 479 -41.32 22.16 6.89
CA ALA A 479 -40.80 23.29 7.64
C ALA A 479 -41.89 24.29 8.01
N GLN A 480 -43.11 24.05 7.57
CA GLN A 480 -44.22 24.90 7.94
C GLN A 480 -45.03 24.34 9.10
N HIS A 481 -44.83 23.06 9.45
CA HIS A 481 -45.66 22.44 10.48
C HIS A 481 -45.33 22.94 11.86
N ASP A 482 -46.28 22.74 12.79
CA ASP A 482 -46.18 23.13 14.20
C ASP A 482 -45.80 21.93 15.09
N LEU A 483 -44.56 21.93 15.58
CA LEU A 483 -44.09 20.85 16.44
C LEU A 483 -44.84 20.80 17.77
N PHE A 484 -45.13 21.97 18.34
CA PHE A 484 -45.80 22.01 19.63
C PHE A 484 -47.17 21.34 19.53
N ALA A 485 -47.90 21.66 18.46
CA ALA A 485 -49.24 21.11 18.28
C ALA A 485 -49.25 19.59 18.25
N MET A 486 -48.24 18.99 17.63
CA MET A 486 -48.14 17.53 17.55
C MET A 486 -47.97 16.95 18.94
N ILE A 487 -47.09 17.55 19.73
CA ILE A 487 -46.83 17.03 21.06
C ILE A 487 -48.05 17.25 21.93
N LEU A 488 -48.75 18.37 21.73
CA LEU A 488 -49.97 18.62 22.49
C LEU A 488 -51.03 17.58 22.14
N LYS A 489 -51.16 17.28 20.85
CA LYS A 489 -52.08 16.25 20.37
C LYS A 489 -51.79 14.91 21.02
N GLN A 490 -50.51 14.54 21.11
CA GLN A 490 -50.15 13.27 21.73
C GLN A 490 -50.46 13.28 23.20
N ILE A 491 -50.32 14.44 23.82
CA ILE A 491 -50.62 14.56 25.25
C ILE A 491 -52.10 14.31 25.52
N ASP A 492 -52.96 14.82 24.65
CA ASP A 492 -54.39 14.56 24.77
C ASP A 492 -54.69 13.08 24.51
N GLU A 493 -54.24 12.59 23.37
CA GLU A 493 -54.55 11.24 22.93
C GLU A 493 -53.95 10.17 23.82
N ARG A 494 -52.65 10.25 24.07
CA ARG A 494 -51.98 9.17 24.77
C ARG A 494 -52.38 9.05 26.26
N GLY A 495 -52.79 10.16 26.87
CA GLY A 495 -53.30 10.09 28.23
C GLY A 495 -52.31 9.63 29.31
N ASP A 496 -52.62 8.52 29.96
CA ASP A 496 -51.82 8.07 31.11
C ASP A 496 -50.76 7.04 30.72
N ASN A 497 -50.57 6.85 29.42
CA ASN A 497 -49.51 5.99 28.93
C ASN A 497 -48.14 6.51 29.33
N HIS A 498 -47.12 5.68 29.17
CA HIS A 498 -45.77 6.12 29.45
C HIS A 498 -45.28 7.11 28.39
N ALA A 499 -44.48 8.08 28.83
CA ALA A 499 -43.84 9.03 27.94
C ALA A 499 -42.33 8.99 28.16
N LEU A 500 -41.94 9.23 29.41
CA LEU A 500 -40.52 9.26 29.79
C LEU A 500 -40.20 8.24 30.87
N THR A 501 -38.95 7.77 30.89
CA THR A 501 -38.54 6.72 31.80
C THR A 501 -37.12 6.96 32.28
N SER A 502 -37.02 7.49 33.50
CA SER A 502 -35.73 7.89 34.04
C SER A 502 -35.32 7.10 35.27
N HIS A 505 -38.45 6.15 37.72
CA HIS A 505 -39.46 7.15 38.09
C HIS A 505 -40.23 7.65 36.87
N THR A 506 -41.15 6.80 36.36
CA THR A 506 -41.77 7.01 35.05
C THR A 506 -42.84 8.12 34.97
N VAL A 507 -42.73 8.93 33.93
CA VAL A 507 -43.62 10.07 33.71
C VAL A 507 -44.63 9.79 32.60
N SER A 508 -45.92 10.01 32.88
CA SER A 508 -46.95 9.76 31.86
C SER A 508 -47.07 10.95 30.94
N TYR A 509 -47.68 10.75 29.78
CA TYR A 509 -47.94 11.86 28.86
C TYR A 509 -48.74 12.96 29.59
N ARG A 510 -49.77 12.57 30.33
CA ARG A 510 -50.55 13.56 31.07
C ARG A 510 -49.66 14.37 31.99
N GLU A 511 -48.83 13.67 32.77
CA GLU A 511 -47.87 14.31 33.67
C GLU A 511 -46.86 15.20 32.93
N LEU A 512 -46.46 14.78 31.74
CA LEU A 512 -45.53 15.56 30.94
C LEU A 512 -46.12 16.93 30.59
N GLY A 513 -47.39 16.93 30.18
CA GLY A 513 -48.07 18.16 29.81
C GLY A 513 -48.03 19.13 30.97
N GLN A 514 -48.26 18.60 32.16
CA GLN A 514 -48.25 19.40 33.38
C GLN A 514 -46.87 20.00 33.61
N HIS A 515 -45.83 19.20 33.40
CA HIS A 515 -44.46 19.67 33.60
C HIS A 515 -44.05 20.73 32.57
N ILE A 516 -44.63 20.68 31.38
CA ILE A 516 -44.28 21.67 30.38
C ILE A 516 -44.91 22.98 30.78
N ALA A 517 -46.21 22.90 31.10
CA ALA A 517 -46.95 24.05 31.59
C ALA A 517 -46.25 24.69 32.79
N GLY A 518 -45.88 23.87 33.77
CA GLY A 518 -45.32 24.37 35.01
C GLY A 518 -43.98 25.06 34.81
N ILE A 519 -43.17 24.53 33.91
CA ILE A 519 -41.86 25.09 33.68
C ILE A 519 -41.97 26.37 32.87
N ALA A 520 -42.81 26.31 31.83
CA ALA A 520 -43.03 27.47 30.98
C ALA A 520 -43.59 28.63 31.81
N GLU A 521 -44.50 28.31 32.71
CA GLU A 521 -45.11 29.32 33.55
C GLU A 521 -44.12 29.90 34.54
N TYR A 522 -43.38 29.01 35.23
CA TYR A 522 -42.30 29.41 36.12
C TYR A 522 -41.34 30.39 35.43
N LEU A 523 -40.89 30.02 34.24
CA LEU A 523 -40.00 30.88 33.48
C LEU A 523 -40.64 32.24 33.21
N ARG A 524 -41.89 32.23 32.76
CA ARG A 524 -42.62 33.47 32.44
C ARG A 524 -42.71 34.40 33.65
N ALA A 525 -43.11 33.82 34.78
CA ALA A 525 -43.18 34.51 36.04
C ALA A 525 -41.87 35.12 36.45
N HIS A 526 -40.74 34.60 35.96
CA HIS A 526 -39.47 35.14 36.43
C HIS A 526 -38.64 35.81 35.36
N GLY A 527 -39.36 36.46 34.44
CA GLY A 527 -38.75 37.41 33.51
C GLY A 527 -38.56 36.98 32.07
N ILE A 528 -38.83 35.72 31.77
CA ILE A 528 -38.55 35.18 30.45
C ILE A 528 -39.67 35.47 29.43
N THR A 529 -39.27 36.01 28.27
CA THR A 529 -40.20 36.30 27.17
C THR A 529 -39.78 35.67 25.83
N GLN A 530 -40.69 35.71 24.85
CA GLN A 530 -40.38 35.21 23.53
C GLN A 530 -39.12 35.90 23.07
N GLY A 531 -38.21 35.11 22.50
CA GLY A 531 -36.95 35.62 22.03
C GLY A 531 -35.79 35.51 23.00
N ASP A 532 -36.07 35.40 24.30
CA ASP A 532 -34.98 35.26 25.26
C ASP A 532 -34.21 33.94 25.09
N ARG A 533 -33.03 33.88 25.71
CA ARG A 533 -32.26 32.65 25.72
C ARG A 533 -32.06 32.16 27.15
N VAL A 534 -32.38 30.89 27.38
CA VAL A 534 -32.28 30.29 28.70
C VAL A 534 -31.16 29.28 28.76
N GLY A 535 -30.21 29.50 29.67
CA GLY A 535 -29.18 28.50 29.92
C GLY A 535 -29.83 27.27 30.53
N LEU A 536 -29.43 26.09 30.05
CA LEU A 536 -30.01 24.85 30.53
C LEU A 536 -28.96 23.89 31.11
N MET A 537 -28.79 23.93 32.43
CA MET A 537 -27.79 23.08 33.09
C MET A 537 -28.46 22.00 33.95
N LEU A 538 -28.72 20.84 33.33
CA LEU A 538 -29.42 19.73 33.99
C LEU A 538 -28.72 18.39 33.92
N ASP A 539 -29.15 17.50 34.81
CA ASP A 539 -28.76 16.10 34.77
C ASP A 539 -29.76 15.33 33.96
N ARG A 540 -29.39 14.13 33.52
CA ARG A 540 -30.23 13.37 32.61
C ARG A 540 -31.42 12.79 33.34
N THR A 541 -32.39 13.64 33.66
CA THR A 541 -33.60 13.21 34.36
C THR A 541 -34.78 13.27 33.41
N ALA A 542 -35.97 12.96 33.92
CA ALA A 542 -37.19 13.11 33.13
C ALA A 542 -37.58 14.57 32.93
N LEU A 543 -36.92 15.47 33.65
CA LEU A 543 -37.21 16.89 33.51
C LEU A 543 -36.49 17.49 32.30
N LEU A 544 -35.44 16.81 31.83
CA LEU A 544 -34.67 17.31 30.69
C LEU A 544 -35.55 17.55 29.46
N PRO A 545 -36.29 16.52 29.00
CA PRO A 545 -37.06 16.84 27.79
C PRO A 545 -38.19 17.82 28.12
N ALA A 546 -38.64 17.79 29.37
CA ALA A 546 -39.71 18.67 29.79
C ALA A 546 -39.24 20.13 29.79
N ALA A 547 -37.99 20.33 30.24
CA ALA A 547 -37.36 21.65 30.25
C ALA A 547 -37.21 22.26 28.86
N ILE A 548 -36.71 21.45 27.92
CA ILE A 548 -36.60 21.87 26.54
C ILE A 548 -37.96 22.32 26.00
N LEU A 549 -38.99 21.50 26.19
CA LEU A 549 -40.32 21.86 25.72
C LEU A 549 -40.90 23.03 26.52
N GLY A 550 -40.61 23.10 27.82
CA GLY A 550 -41.03 24.22 28.62
C GLY A 550 -40.43 25.55 28.16
N ILE A 551 -39.11 25.54 27.96
CA ILE A 551 -38.41 26.72 27.48
C ILE A 551 -38.99 27.17 26.15
N TRP A 552 -39.18 26.21 25.25
CA TRP A 552 -39.85 26.48 23.99
C TRP A 552 -41.24 27.10 24.19
N ALA A 553 -42.10 26.46 24.96
CA ALA A 553 -43.46 26.95 25.16
C ALA A 553 -43.51 28.36 25.77
N ALA A 554 -42.42 28.75 26.43
CA ALA A 554 -42.31 30.09 27.00
C ALA A 554 -41.88 31.11 25.95
N GLY A 555 -41.67 30.64 24.72
CA GLY A 555 -41.21 31.50 23.65
C GLY A 555 -39.69 31.60 23.55
N ALA A 556 -38.98 30.89 24.42
CA ALA A 556 -37.55 31.10 24.53
C ALA A 556 -36.75 30.03 23.82
N ALA A 557 -35.47 30.30 23.63
CA ALA A 557 -34.55 29.32 23.10
C ALA A 557 -33.63 28.90 24.23
N TYR A 558 -33.22 27.64 24.21
CA TYR A 558 -32.32 27.17 25.24
C TYR A 558 -30.89 27.07 24.73
N VAL A 559 -29.96 27.31 25.64
CA VAL A 559 -28.54 27.16 25.35
C VAL A 559 -27.98 26.08 26.29
N PRO A 560 -27.61 24.92 25.73
CA PRO A 560 -27.20 23.79 26.56
C PRO A 560 -25.98 24.12 27.37
N LEU A 561 -26.03 23.80 28.65
CA LEU A 561 -24.89 23.93 29.53
C LEU A 561 -24.73 22.64 30.30
N ASP A 562 -24.24 21.61 29.62
CA ASP A 562 -24.03 20.30 30.24
C ASP A 562 -23.08 20.42 31.42
N PRO A 563 -23.56 20.02 32.61
CA PRO A 563 -22.82 20.12 33.87
C PRO A 563 -21.56 19.25 33.91
N ASN A 564 -21.45 18.30 32.99
CA ASN A 564 -20.28 17.44 32.95
C ASN A 564 -19.12 18.03 32.16
N PHE A 565 -19.42 19.04 31.36
CA PHE A 565 -18.40 19.79 30.63
C PHE A 565 -17.57 20.59 31.63
N PRO A 566 -16.31 20.91 31.26
CA PRO A 566 -15.42 21.75 32.08
C PRO A 566 -15.99 23.14 32.37
N THR A 567 -15.88 23.59 33.62
CA THR A 567 -16.46 24.87 34.04
C THR A 567 -16.03 26.03 33.14
N GLU A 568 -14.76 26.07 32.74
CA GLU A 568 -14.30 27.19 31.91
C GLU A 568 -14.97 27.11 30.55
N ARG A 569 -15.33 25.90 30.12
CA ARG A 569 -16.04 25.72 28.86
C ARG A 569 -17.46 26.24 29.00
N LEU A 570 -18.12 25.85 30.09
CA LEU A 570 -19.44 26.34 30.36
C LEU A 570 -19.41 27.87 30.44
N GLN A 571 -18.42 28.39 31.14
CA GLN A 571 -18.30 29.81 31.35
C GLN A 571 -18.08 30.59 30.05
N ASN A 572 -17.35 30.00 29.10
CA ASN A 572 -17.15 30.66 27.82
C ASN A 572 -18.43 30.76 26.99
N ILE A 573 -19.25 29.71 27.05
CA ILE A 573 -20.52 29.73 26.34
C ILE A 573 -21.40 30.82 26.91
N ILE A 574 -21.51 30.82 28.23
CA ILE A 574 -22.35 31.78 28.92
C ILE A 574 -21.92 33.20 28.61
N GLU A 575 -20.62 33.43 28.46
CA GLU A 575 -20.10 34.74 28.06
C GLU A 575 -20.63 35.12 26.69
N ASP A 576 -20.56 34.18 25.76
CA ASP A 576 -20.88 34.45 24.37
C ASP A 576 -22.38 34.51 24.10
N ALA A 577 -23.13 33.63 24.75
CA ALA A 577 -24.55 33.49 24.48
C ALA A 577 -25.39 34.56 25.18
N GLU A 578 -24.84 35.11 26.27
CA GLU A 578 -25.54 36.08 27.12
C GLU A 578 -27.00 35.70 27.40
N PRO A 579 -27.21 34.57 28.11
CA PRO A 579 -28.58 34.14 28.46
C PRO A 579 -29.23 35.02 29.51
N LYS A 580 -30.55 35.11 29.50
CA LYS A 580 -31.28 35.91 30.50
C LYS A 580 -31.24 35.28 31.89
N VAL A 581 -31.45 33.96 31.96
CA VAL A 581 -31.22 33.16 33.14
C VAL A 581 -30.65 31.81 32.78
N ILE A 582 -30.29 31.04 33.81
CA ILE A 582 -29.86 29.67 33.64
C ILE A 582 -30.80 28.77 34.44
N LEU A 583 -31.52 27.90 33.74
CA LEU A 583 -32.36 26.90 34.38
C LEU A 583 -31.45 25.76 34.79
N THR A 584 -31.44 25.45 36.07
CA THR A 584 -30.59 24.38 36.56
C THR A 584 -31.28 23.67 37.71
N GLN A 585 -30.62 22.69 38.33
CA GLN A 585 -31.21 22.10 39.53
C GLN A 585 -30.51 22.56 40.83
N THR A 586 -31.13 22.24 41.96
CA THR A 586 -30.79 22.83 43.27
C THR A 586 -29.31 22.69 43.65
N GLU A 587 -28.75 21.50 43.47
CA GLU A 587 -27.34 21.21 43.73
C GLU A 587 -26.40 22.15 42.96
N LEU A 588 -26.78 22.46 41.72
CA LEU A 588 -25.86 23.11 40.80
C LEU A 588 -25.93 24.61 40.81
N MET A 589 -26.75 25.17 41.70
CA MET A 589 -27.06 26.60 41.65
C MET A 589 -25.82 27.51 41.77
N ASP A 590 -24.92 27.26 42.71
CA ASP A 590 -23.74 28.12 42.79
C ASP A 590 -22.44 27.42 42.49
N GLY A 591 -22.48 26.46 41.58
CA GLY A 591 -21.28 25.83 41.07
C GLY A 591 -20.43 26.78 40.25
N LEU A 592 -21.06 27.39 39.25
CA LEU A 592 -20.41 28.32 38.31
C LEU A 592 -20.23 29.69 38.93
N ASN A 593 -19.08 30.32 38.69
CA ASN A 593 -18.91 31.71 39.13
C ASN A 593 -19.21 32.64 37.96
N VAL A 594 -20.51 32.81 37.68
CA VAL A 594 -20.97 33.64 36.57
C VAL A 594 -21.96 34.69 37.06
N SER A 595 -22.01 35.82 36.35
CA SER A 595 -22.91 36.92 36.68
C SER A 595 -24.24 36.77 35.96
N VAL A 596 -24.92 35.66 36.22
CA VAL A 596 -26.14 35.34 35.50
C VAL A 596 -27.06 34.61 36.47
N PRO A 597 -28.25 35.16 36.67
CA PRO A 597 -29.30 34.61 37.54
C PRO A 597 -29.56 33.15 37.26
N ARG A 598 -29.98 32.42 38.29
CA ARG A 598 -30.26 31.00 38.13
C ARG A 598 -31.60 30.63 38.74
N LEU A 599 -32.31 29.74 38.06
CA LEU A 599 -33.60 29.27 38.54
C LEU A 599 -33.55 27.78 38.84
N ASP A 600 -33.93 27.42 40.06
CA ASP A 600 -34.01 26.01 40.43
C ASP A 600 -35.26 25.44 39.79
N ILE A 601 -35.08 24.55 38.83
CA ILE A 601 -36.20 23.97 38.09
C ILE A 601 -37.11 23.15 39.02
N ASN A 602 -36.56 22.66 40.13
CA ASN A 602 -37.36 21.93 41.09
C ASN A 602 -38.41 22.80 41.76
N GLN A 603 -38.30 24.11 41.57
CA GLN A 603 -39.23 25.05 42.18
C GLN A 603 -40.38 25.34 41.25
N ALA A 604 -40.17 25.07 39.96
CA ALA A 604 -41.26 25.15 39.00
C ALA A 604 -42.30 24.15 39.44
N GLY A 605 -43.55 24.56 39.52
CA GLY A 605 -44.55 23.61 39.96
C GLY A 605 -44.91 22.60 38.87
N VAL A 606 -46.08 22.02 39.05
CA VAL A 606 -46.83 21.47 37.96
C VAL A 606 -48.03 22.41 37.84
N VAL A 607 -48.49 22.62 36.62
CA VAL A 607 -49.68 23.43 36.37
C VAL A 607 -50.51 22.72 35.32
N ALA A 608 -51.82 22.71 35.50
CA ALA A 608 -52.70 22.15 34.50
C ALA A 608 -52.50 22.88 33.20
N LEU A 609 -52.27 22.13 32.12
CA LEU A 609 -52.02 22.71 30.81
C LEU A 609 -53.15 23.64 30.37
N GLU A 610 -54.39 23.26 30.71
CA GLU A 610 -55.58 24.05 30.36
C GLU A 610 -55.47 25.50 30.80
N GLN A 611 -54.94 25.72 32.00
CA GLN A 611 -54.90 27.05 32.60
C GLN A 611 -53.91 28.05 31.95
N VAL A 612 -52.92 27.54 31.25
CA VAL A 612 -51.89 28.41 30.65
C VAL A 612 -51.66 28.16 29.17
N ARG A 613 -52.59 27.45 28.53
CA ARG A 613 -52.42 27.06 27.13
C ARG A 613 -52.43 28.25 26.16
N GLU A 614 -53.31 29.22 26.40
CA GLU A 614 -53.40 30.42 25.57
C GLU A 614 -52.06 31.15 25.47
N THR A 615 -51.28 31.08 26.54
CA THR A 615 -50.03 31.81 26.65
C THR A 615 -48.83 31.07 26.06
N LEU A 616 -49.03 29.82 25.68
CA LEU A 616 -47.91 28.99 25.25
C LEU A 616 -47.74 28.98 23.74
N ALA A 617 -46.60 29.48 23.29
CA ALA A 617 -46.25 29.45 21.88
C ALA A 617 -44.76 29.25 21.70
N PHE A 618 -44.36 28.58 20.63
CA PHE A 618 -42.95 28.53 20.31
C PHE A 618 -42.52 29.87 19.71
N GLY A 619 -41.25 30.22 19.86
CA GLY A 619 -40.72 31.43 19.23
C GLY A 619 -40.05 31.04 17.91
N ASP A 620 -39.32 31.97 17.31
CA ASP A 620 -38.65 31.66 16.04
C ASP A 620 -37.41 30.80 16.24
N ILE A 621 -36.62 31.14 17.25
CA ILE A 621 -35.39 30.43 17.54
C ILE A 621 -35.63 29.32 18.56
N ALA A 622 -35.02 28.16 18.32
CA ALA A 622 -35.21 27.00 19.18
C ALA A 622 -34.04 26.80 20.14
N TYR A 623 -32.82 26.86 19.60
CA TYR A 623 -31.66 26.75 20.47
C TYR A 623 -30.41 27.39 19.88
N VAL A 624 -29.45 27.65 20.76
CA VAL A 624 -28.13 28.07 20.36
C VAL A 624 -27.20 26.97 20.81
N MET A 625 -26.67 26.22 19.86
CA MET A 625 -25.86 25.06 20.16
C MET A 625 -24.41 25.34 19.83
N TYR A 626 -23.49 25.07 20.76
CA TYR A 626 -22.10 25.47 20.56
C TYR A 626 -21.25 24.36 19.97
N THR A 627 -20.19 24.73 19.26
CA THR A 627 -19.42 23.75 18.51
C THR A 627 -18.00 24.21 18.21
N SER A 628 -17.17 23.29 17.71
CA SER A 628 -15.77 23.52 17.37
C SER A 628 -15.58 24.35 16.10
N LYS A 633 -12.28 30.59 19.38
CA LYS A 633 -13.46 31.34 19.80
C LYS A 633 -14.72 30.48 19.64
N PRO A 634 -15.73 30.69 20.50
CA PRO A 634 -16.91 29.81 20.53
C PRO A 634 -17.93 30.13 19.43
N LYS A 635 -18.37 29.08 18.74
CA LYS A 635 -19.36 29.20 17.69
C LYS A 635 -20.72 28.69 18.14
N GLY A 636 -21.59 29.61 18.54
CA GLY A 636 -22.97 29.24 18.79
C GLY A 636 -23.74 29.24 17.49
N VAL A 637 -24.19 28.06 17.06
CA VAL A 637 -25.10 27.95 15.93
C VAL A 637 -26.52 28.19 16.42
N ARG A 638 -27.22 29.15 15.79
CA ARG A 638 -28.64 29.39 16.10
C ARG A 638 -29.56 28.68 15.14
N ILE A 639 -30.41 27.83 15.70
CA ILE A 639 -31.31 27.01 14.92
C ILE A 639 -32.76 27.39 15.15
N GLY A 640 -33.48 27.63 14.06
CA GLY A 640 -34.89 27.96 14.19
C GLY A 640 -35.82 26.77 14.15
N HIS A 641 -37.01 26.92 14.72
CA HIS A 641 -37.97 25.80 14.74
C HIS A 641 -38.40 25.25 13.38
N PRO A 642 -38.39 26.07 12.31
CA PRO A 642 -38.78 25.39 11.06
C PRO A 642 -37.75 24.39 10.55
N SER A 643 -36.46 24.60 10.81
CA SER A 643 -35.42 23.58 10.54
C SER A 643 -35.76 22.28 11.25
N ILE A 644 -36.03 22.40 12.55
CA ILE A 644 -36.16 21.25 13.44
C ILE A 644 -37.36 20.39 13.10
N ILE A 645 -38.47 21.02 12.77
CA ILE A 645 -39.66 20.28 12.41
C ILE A 645 -39.47 19.63 11.02
N ASN A 646 -38.78 20.33 10.12
CA ASN A 646 -38.42 19.74 8.84
C ASN A 646 -37.56 18.50 9.08
N PHE A 647 -36.55 18.65 9.94
CA PHE A 647 -35.65 17.53 10.29
C PHE A 647 -36.39 16.35 10.91
N LEU A 648 -37.18 16.60 11.95
CA LEU A 648 -37.92 15.52 12.61
C LEU A 648 -38.89 14.79 11.66
N LEU A 649 -39.66 15.52 10.88
CA LEU A 649 -40.63 14.87 10.00
C LEU A 649 -39.94 14.02 8.96
N SER A 650 -38.80 14.52 8.47
CA SER A 650 -38.07 13.82 7.43
C SER A 650 -37.48 12.54 8.03
N MET A 651 -37.20 12.60 9.33
CA MET A 651 -36.68 11.46 10.04
C MET A 651 -37.76 10.44 10.33
N ASN A 652 -38.97 10.90 10.57
CA ASN A 652 -40.06 9.95 10.79
C ASN A 652 -40.29 9.11 9.54
N ASP A 653 -40.17 9.75 8.38
CA ASP A 653 -40.32 9.09 7.07
C ASP A 653 -39.46 7.83 6.98
N ARG A 654 -38.27 7.88 7.59
CA ARG A 654 -37.37 6.75 7.60
C ARG A 654 -37.58 5.81 8.80
N LEU A 655 -37.76 6.37 9.99
CA LEU A 655 -37.84 5.56 11.21
C LEU A 655 -39.22 4.95 11.43
N GLN A 656 -40.24 5.59 10.87
CA GLN A 656 -41.63 5.17 11.04
C GLN A 656 -41.99 5.01 12.52
N VAL A 657 -41.77 6.09 13.28
CA VAL A 657 -42.08 6.14 14.71
C VAL A 657 -43.57 5.93 15.00
N THR A 658 -43.84 5.13 16.03
CA THR A 658 -45.20 4.72 16.37
C THR A 658 -45.42 4.74 17.86
N THR A 659 -46.65 4.42 18.24
CA THR A 659 -47.02 4.38 19.65
C THR A 659 -46.17 3.36 20.43
N GLU A 660 -45.69 2.32 19.75
CA GLU A 660 -44.91 1.28 20.42
C GLU A 660 -43.40 1.49 20.23
N THR A 661 -43.02 2.64 19.67
CA THR A 661 -41.60 3.00 19.53
C THR A 661 -41.02 3.22 20.92
N GLN A 662 -39.78 2.80 21.11
CA GLN A 662 -39.17 2.92 22.42
C GLN A 662 -37.68 3.20 22.29
N LEU A 663 -37.32 4.46 22.52
CA LEU A 663 -36.02 4.97 22.14
C LEU A 663 -35.12 5.20 23.36
N LEU A 664 -33.91 4.66 23.32
CA LEU A 664 -32.97 4.88 24.41
C LEU A 664 -32.13 6.10 24.10
N ALA A 665 -32.47 7.23 24.74
CA ALA A 665 -31.75 8.47 24.51
C ALA A 665 -30.48 8.52 25.36
N ILE A 666 -29.31 8.59 24.73
CA ILE A 666 -28.03 8.50 25.46
C ILE A 666 -27.13 9.72 25.24
N THR A 667 -27.37 10.43 24.15
CA THR A 667 -26.54 11.58 23.78
C THR A 667 -26.80 12.86 24.60
N THR A 668 -25.74 13.56 24.99
CA THR A 668 -25.86 14.83 25.71
C THR A 668 -26.71 15.86 24.96
N TYR A 669 -27.51 16.63 25.70
CA TYR A 669 -28.45 17.56 25.08
C TYR A 669 -27.69 18.75 24.54
N ALA A 670 -26.39 18.77 24.86
CA ALA A 670 -25.42 19.76 24.37
C ALA A 670 -24.79 19.29 23.06
N PHE A 671 -25.42 18.32 22.44
CA PHE A 671 -25.04 17.84 21.13
C PHE A 671 -26.37 17.78 20.39
N ASP A 672 -26.47 18.44 19.23
CA ASP A 672 -27.79 18.64 18.63
C ASP A 672 -28.52 17.32 18.31
N ILE A 673 -27.79 16.24 18.04
CA ILE A 673 -28.43 14.99 17.65
C ILE A 673 -29.31 14.45 18.76
N SER A 674 -29.16 15.02 19.97
CA SER A 674 -30.01 14.63 21.08
C SER A 674 -31.45 15.06 20.81
N ILE A 675 -31.63 16.13 20.04
CA ILE A 675 -32.96 16.57 19.63
C ILE A 675 -33.83 15.39 19.17
N LEU A 676 -33.29 14.56 18.29
CA LEU A 676 -33.99 13.39 17.78
C LEU A 676 -34.41 12.43 18.88
N GLU A 677 -33.46 12.11 19.75
CA GLU A 677 -33.67 11.12 20.81
C GLU A 677 -34.68 11.58 21.85
N LEU A 678 -34.76 12.89 22.06
CA LEU A 678 -35.59 13.41 23.14
C LEU A 678 -37.01 13.75 22.72
N LEU A 679 -37.22 13.96 21.43
CA LEU A 679 -38.52 14.45 21.00
C LEU A 679 -39.31 13.46 20.15
N ILE A 680 -38.67 12.80 19.19
CA ILE A 680 -39.41 12.11 18.14
C ILE A 680 -40.34 10.99 18.64
N PRO A 681 -40.02 10.35 19.79
CA PRO A 681 -41.07 9.46 20.29
C PRO A 681 -42.28 10.22 20.81
N LEU A 682 -42.05 11.42 21.35
CA LEU A 682 -43.12 12.21 21.94
C LEU A 682 -44.05 12.75 20.85
N MET A 683 -43.55 12.82 19.62
CA MET A 683 -44.37 13.23 18.50
C MET A 683 -45.36 12.14 18.07
N TYR A 684 -45.16 10.91 18.51
CA TYR A 684 -46.01 9.83 18.03
C TYR A 684 -46.49 8.84 19.12
N GLY A 685 -46.37 9.21 20.38
CA GLY A 685 -46.95 8.40 21.44
C GLY A 685 -45.99 7.40 22.04
N GLY A 686 -44.81 7.32 21.45
CA GLY A 686 -43.80 6.37 21.89
C GLY A 686 -43.19 6.75 23.23
N VAL A 687 -42.16 6.01 23.63
CA VAL A 687 -41.54 6.28 24.92
C VAL A 687 -40.07 6.64 24.81
N VAL A 688 -39.72 7.83 25.33
CA VAL A 688 -38.33 8.21 25.49
C VAL A 688 -37.77 7.66 26.80
N HIS A 689 -36.66 6.93 26.69
CA HIS A 689 -35.90 6.46 27.84
C HIS A 689 -34.68 7.35 28.05
N VAL A 690 -34.75 8.25 29.03
CA VAL A 690 -33.61 9.12 29.27
C VAL A 690 -32.52 8.34 29.99
N CYS A 691 -31.51 7.93 29.25
CA CYS A 691 -30.47 7.11 29.84
C CYS A 691 -29.51 7.93 30.69
N PRO A 692 -29.35 7.54 31.96
CA PRO A 692 -28.45 8.18 32.93
C PRO A 692 -27.00 8.11 32.46
N ARG A 693 -26.25 9.18 32.68
CA ARG A 693 -24.93 9.33 32.07
C ARG A 693 -24.00 8.15 32.40
N GLU A 694 -24.03 7.67 33.65
CA GLU A 694 -23.14 6.59 34.07
C GLU A 694 -23.38 5.32 33.25
N VAL A 695 -24.64 5.02 32.97
CA VAL A 695 -24.99 3.83 32.22
C VAL A 695 -24.55 3.93 30.74
N SER A 696 -24.58 5.14 30.18
CA SER A 696 -24.23 5.31 28.77
C SER A 696 -22.73 5.24 28.54
N GLN A 697 -21.96 5.31 29.62
CA GLN A 697 -20.50 5.37 29.55
C GLN A 697 -19.88 4.10 30.09
N ASP A 698 -20.70 3.07 30.25
CA ASP A 698 -20.25 1.81 30.80
C ASP A 698 -20.83 0.65 29.99
N GLY A 699 -19.98 0.10 29.12
CA GLY A 699 -20.33 -1.04 28.29
C GLY A 699 -21.28 -2.06 28.89
N ILE A 700 -20.89 -2.70 29.98
CA ILE A 700 -21.72 -3.75 30.54
C ILE A 700 -23.00 -3.14 31.11
N GLN A 701 -22.89 -1.95 31.69
CA GLN A 701 -24.05 -1.34 32.32
C GLN A 701 -25.09 -0.93 31.27
N LEU A 702 -24.62 -0.62 30.06
CA LEU A 702 -25.49 -0.31 28.94
C LEU A 702 -26.12 -1.57 28.31
N VAL A 703 -25.30 -2.57 28.00
CA VAL A 703 -25.80 -3.90 27.63
C VAL A 703 -26.92 -4.38 28.56
N ASP A 704 -26.75 -4.16 29.86
CA ASP A 704 -27.78 -4.54 30.84
C ASP A 704 -29.09 -3.80 30.57
N TYR A 705 -29.03 -2.46 30.51
CA TYR A 705 -30.25 -1.68 30.34
C TYR A 705 -30.92 -1.94 29.00
N LEU A 706 -30.17 -2.46 28.03
CA LEU A 706 -30.76 -2.79 26.73
C LEU A 706 -31.58 -4.07 26.79
N ASN A 707 -30.99 -5.15 27.33
CA ASN A 707 -31.68 -6.43 27.43
C ASN A 707 -32.96 -6.33 28.25
N ALA A 708 -32.87 -5.56 29.34
CA ALA A 708 -34.02 -5.31 30.19
C ALA A 708 -35.09 -4.49 29.47
N LYS A 709 -34.93 -3.17 29.51
CA LYS A 709 -36.01 -2.21 29.20
C LYS A 709 -36.58 -2.28 27.77
N SER A 710 -36.12 -3.24 26.96
CA SER A 710 -36.78 -3.59 25.70
C SER A 710 -36.83 -2.46 24.64
N ILE A 711 -35.66 -1.94 24.31
CA ILE A 711 -35.49 -0.82 23.37
C ILE A 711 -35.55 -1.27 21.90
N ASN A 712 -36.10 -0.44 21.03
CA ASN A 712 -36.10 -0.75 19.61
C ASN A 712 -35.58 0.37 18.69
N VAL A 713 -35.18 1.50 19.29
CA VAL A 713 -34.41 2.50 18.54
C VAL A 713 -33.26 3.04 19.38
N LEU A 714 -32.09 3.10 18.77
CA LEU A 714 -30.91 3.64 19.45
C LEU A 714 -30.07 4.50 18.49
N GLN A 715 -29.69 5.69 18.95
CA GLN A 715 -28.79 6.54 18.19
C GLN A 715 -27.52 6.80 18.98
N ALA A 716 -26.38 6.71 18.31
CA ALA A 716 -25.09 6.98 18.95
C ALA A 716 -23.97 7.21 17.95
N THR A 717 -22.90 7.80 18.45
CA THR A 717 -21.66 7.92 17.70
C THR A 717 -20.91 6.60 17.70
N PRO A 718 -19.98 6.43 16.74
CA PRO A 718 -19.25 5.15 16.67
C PRO A 718 -18.69 4.70 18.01
N ALA A 719 -18.17 5.63 18.80
CA ALA A 719 -17.57 5.32 20.09
C ALA A 719 -18.43 4.43 20.97
N THR A 720 -19.72 4.77 21.06
CA THR A 720 -20.66 4.02 21.89
C THR A 720 -20.87 2.63 21.32
N TRP A 721 -21.02 2.53 20.00
CA TRP A 721 -21.19 1.24 19.36
C TRP A 721 -19.95 0.36 19.58
N LYS A 722 -18.76 0.94 19.49
CA LYS A 722 -17.53 0.18 19.74
C LYS A 722 -17.49 -0.30 21.18
N MET A 723 -17.86 0.59 22.10
CA MET A 723 -17.91 0.26 23.52
C MET A 723 -18.83 -0.92 23.73
N LEU A 724 -19.97 -0.86 23.06
CA LEU A 724 -21.02 -1.86 23.19
C LEU A 724 -20.52 -3.21 22.65
N LEU A 725 -19.91 -3.19 21.47
CA LEU A 725 -19.37 -4.41 20.88
C LEU A 725 -18.21 -4.97 21.68
N ASP A 726 -17.41 -4.11 22.30
CA ASP A 726 -16.27 -4.56 23.09
C ASP A 726 -16.72 -5.22 24.40
N SER A 727 -17.98 -4.98 24.76
CA SER A 727 -18.62 -5.74 25.83
C SER A 727 -19.36 -6.93 25.21
N GLU A 728 -19.71 -7.91 26.03
CA GLU A 728 -20.40 -9.09 25.51
C GLU A 728 -21.85 -8.76 25.20
N TRP A 729 -22.07 -7.96 24.16
CA TRP A 729 -23.41 -7.55 23.74
C TRP A 729 -23.93 -8.57 22.73
N SER A 730 -25.07 -9.18 23.03
CA SER A 730 -25.54 -10.31 22.23
C SER A 730 -26.26 -9.83 20.98
N GLY A 731 -26.40 -8.51 20.85
CA GLY A 731 -27.09 -7.92 19.73
C GLY A 731 -28.58 -7.80 19.98
N ASN A 732 -29.27 -7.13 19.06
CA ASN A 732 -30.72 -6.98 19.10
C ASN A 732 -31.26 -6.90 17.67
N ALA A 733 -31.98 -7.93 17.25
CA ALA A 733 -32.32 -8.07 15.84
C ALA A 733 -33.56 -7.27 15.44
N GLY A 734 -34.18 -6.61 16.41
CA GLY A 734 -35.33 -5.76 16.14
C GLY A 734 -34.95 -4.30 16.19
N LEU A 735 -33.80 -4.04 16.80
CA LEU A 735 -33.29 -2.69 16.99
C LEU A 735 -33.04 -1.95 15.68
N THR A 736 -33.46 -0.69 15.64
CA THR A 736 -33.09 0.20 14.57
C THR A 736 -31.93 1.02 15.07
N ALA A 737 -30.82 1.00 14.34
CA ALA A 737 -29.63 1.69 14.81
C ALA A 737 -29.22 2.85 13.88
N LEU A 738 -28.87 3.97 14.49
CA LEU A 738 -28.34 5.09 13.75
C LEU A 738 -26.94 5.35 14.25
N CYS A 739 -26.00 5.45 13.33
CA CYS A 739 -24.63 5.77 13.67
C CYS A 739 -24.25 7.00 12.87
N GLY A 740 -23.77 8.03 13.57
CA GLY A 740 -23.51 9.31 12.94
C GLY A 740 -22.48 10.10 13.73
N GLY A 741 -22.14 11.28 13.21
CA GLY A 741 -21.27 12.22 13.91
C GLY A 741 -19.84 12.05 13.47
N GLU A 742 -19.56 10.92 12.85
CA GLU A 742 -18.19 10.50 12.62
C GLU A 742 -18.21 9.37 11.59
N ALA A 743 -17.10 9.18 10.90
CA ALA A 743 -17.07 8.22 9.82
C ALA A 743 -17.28 6.77 10.27
N LEU A 744 -18.25 6.12 9.64
CA LEU A 744 -18.50 4.70 9.84
C LEU A 744 -17.52 3.88 9.00
N ASP A 745 -16.58 3.21 9.64
CA ASP A 745 -15.61 2.42 8.89
C ASP A 745 -16.18 1.04 8.60
N THR A 746 -15.61 0.33 7.64
CA THR A 746 -16.24 -0.89 7.15
C THR A 746 -16.26 -1.98 8.22
N ILE A 747 -15.27 -1.97 9.12
CA ILE A 747 -15.21 -2.97 10.19
C ILE A 747 -16.39 -2.85 11.16
N LEU A 748 -16.60 -1.66 11.71
CA LEU A 748 -17.74 -1.46 12.59
C LEU A 748 -19.05 -1.79 11.88
N ALA A 749 -19.11 -1.45 10.61
CA ALA A 749 -20.32 -1.64 9.84
C ALA A 749 -20.67 -3.13 9.76
N GLU A 750 -19.68 -3.95 9.39
CA GLU A 750 -19.91 -5.37 9.26
C GLU A 750 -20.23 -5.99 10.62
N LYS A 751 -19.71 -5.39 11.69
CA LYS A 751 -19.99 -5.85 13.04
C LYS A 751 -21.38 -5.42 13.47
N LEU A 752 -21.73 -4.18 13.18
CA LEU A 752 -23.03 -3.67 13.59
C LEU A 752 -24.13 -4.44 12.88
N LEU A 753 -23.92 -4.66 11.58
CA LEU A 753 -24.88 -5.34 10.73
C LEU A 753 -25.32 -6.70 11.28
N GLY A 754 -24.34 -7.49 11.75
CA GLY A 754 -24.63 -8.78 12.33
C GLY A 754 -25.34 -8.77 13.68
N LYS A 755 -25.43 -7.60 14.31
CA LYS A 755 -26.00 -7.48 15.66
C LYS A 755 -27.33 -6.74 15.67
N VAL A 756 -27.58 -5.95 14.61
CA VAL A 756 -28.70 -5.03 14.57
C VAL A 756 -29.68 -5.41 13.44
N GLY A 757 -30.95 -5.00 13.58
CA GLY A 757 -31.93 -5.24 12.54
C GLY A 757 -31.79 -4.32 11.33
N CYS A 758 -31.84 -3.02 11.58
CA CYS A 758 -31.69 -2.01 10.56
C CYS A 758 -30.56 -1.07 10.96
N LEU A 759 -29.67 -0.74 10.03
CA LEU A 759 -28.58 0.19 10.34
C LEU A 759 -28.51 1.41 9.40
N TRP A 760 -28.52 2.61 9.98
CA TRP A 760 -28.41 3.85 9.21
C TRP A 760 -27.07 4.54 9.43
N ASN A 761 -26.34 4.85 8.36
CA ASN A 761 -25.28 5.84 8.49
C ASN A 761 -25.96 7.15 8.35
N VAL A 762 -25.69 8.07 9.27
CA VAL A 762 -26.40 9.33 9.21
C VAL A 762 -25.42 10.50 9.41
N TYR A 763 -25.55 11.53 8.58
CA TYR A 763 -24.53 12.58 8.46
C TYR A 763 -25.16 13.97 8.48
N GLY A 764 -24.43 14.93 9.04
CA GLY A 764 -24.82 16.33 8.95
C GLY A 764 -24.06 17.23 9.90
N PRO A 765 -23.75 18.47 9.47
CA PRO A 765 -23.13 19.42 10.36
C PRO A 765 -24.19 20.07 11.22
N THR A 766 -23.80 20.66 12.35
CA THR A 766 -24.73 21.36 13.22
C THR A 766 -25.45 22.52 12.52
N GLU A 767 -24.78 23.14 11.55
CA GLU A 767 -25.28 24.34 10.90
C GLU A 767 -26.43 24.06 9.94
N THR A 768 -26.81 22.81 9.79
CA THR A 768 -27.93 22.48 8.90
C THR A 768 -28.94 21.58 9.62
N THR A 769 -28.86 21.58 10.95
CA THR A 769 -29.87 20.99 11.86
C THR A 769 -29.81 19.45 11.94
N VAL A 770 -29.11 18.98 12.96
CA VAL A 770 -28.87 17.56 13.25
C VAL A 770 -28.27 16.73 12.09
N TRP A 771 -29.12 16.13 11.27
CA TRP A 771 -28.60 15.43 10.09
C TRP A 771 -29.17 16.04 8.82
N SER A 772 -28.39 15.95 7.74
CA SER A 772 -28.83 16.40 6.41
C SER A 772 -29.07 15.24 5.45
N SER A 773 -28.40 14.13 5.69
CA SER A 773 -28.58 12.98 4.83
C SER A 773 -28.38 11.69 5.62
N ALA A 774 -28.83 10.59 5.03
CA ALA A 774 -28.84 9.31 5.70
C ALA A 774 -28.69 8.18 4.69
N ALA A 775 -27.91 7.18 5.04
CA ALA A 775 -27.74 5.98 4.25
C ALA A 775 -28.27 4.77 4.98
N ARG A 776 -29.20 4.03 4.38
CA ARG A 776 -29.52 2.71 4.90
C ARG A 776 -28.35 1.79 4.55
N ILE A 777 -27.54 1.44 5.54
CA ILE A 777 -26.39 0.58 5.28
C ILE A 777 -26.81 -0.89 5.28
N THR A 778 -26.41 -1.62 4.23
CA THR A 778 -26.80 -3.03 4.09
C THR A 778 -25.62 -3.95 3.78
N ASP A 779 -24.55 -3.39 3.25
CA ASP A 779 -23.35 -4.14 2.92
C ASP A 779 -22.11 -3.31 3.25
N ALA A 780 -21.32 -3.79 4.21
CA ALA A 780 -20.20 -3.01 4.77
C ALA A 780 -19.20 -2.50 3.72
N LYS A 781 -19.11 -3.17 2.57
CA LYS A 781 -18.13 -2.79 1.56
C LYS A 781 -18.60 -1.55 0.77
N TYR A 782 -19.82 -1.07 1.07
CA TYR A 782 -20.39 0.08 0.38
C TYR A 782 -21.02 1.04 1.38
N ILE A 783 -20.18 1.95 1.87
CA ILE A 783 -20.55 2.97 2.84
C ILE A 783 -20.44 4.35 2.21
N ASP A 784 -21.41 5.21 2.48
CA ASP A 784 -21.45 6.56 1.93
C ASP A 784 -22.34 7.44 2.79
N LEU A 785 -22.47 8.70 2.42
CA LEU A 785 -23.25 9.66 3.20
C LEU A 785 -24.74 9.57 2.91
N GLY A 786 -25.15 8.56 2.16
CA GLY A 786 -26.56 8.38 1.88
C GLY A 786 -27.15 9.39 0.92
N GLU A 787 -28.46 9.59 1.06
CA GLU A 787 -29.20 10.53 0.23
C GLU A 787 -29.94 11.54 1.14
N PRO A 788 -30.21 12.76 0.61
CA PRO A 788 -30.72 13.92 1.36
C PRO A 788 -31.99 13.69 2.17
N LEU A 789 -32.12 14.39 3.30
CA LEU A 789 -33.41 14.53 3.95
C LEU A 789 -34.30 15.44 3.12
N ALA A 790 -35.57 15.52 3.51
CA ALA A 790 -36.51 16.39 2.84
C ALA A 790 -36.02 17.82 2.83
N ASN A 791 -36.27 18.49 1.70
CA ASN A 791 -36.03 19.93 1.58
C ASN A 791 -34.55 20.28 1.81
N THR A 792 -33.70 19.34 1.41
CA THR A 792 -32.25 19.45 1.52
C THR A 792 -31.55 19.16 0.17
N GLN A 793 -30.54 19.95 -0.20
CA GLN A 793 -29.81 19.66 -1.44
C GLN A 793 -28.31 19.62 -1.18
N LEU A 794 -27.64 18.74 -1.92
CA LEU A 794 -26.22 18.48 -1.69
C LEU A 794 -25.42 18.77 -2.96
N TYR A 795 -24.42 19.64 -2.85
CA TYR A 795 -23.58 20.02 -3.97
C TYR A 795 -22.10 19.73 -3.66
N VAL A 796 -21.38 19.14 -4.61
CA VAL A 796 -19.93 18.97 -4.48
C VAL A 796 -19.17 19.97 -5.33
N LEU A 797 -18.56 20.97 -4.69
CA LEU A 797 -17.95 22.06 -5.42
C LEU A 797 -16.43 22.04 -5.38
N ASP A 798 -15.82 22.63 -6.41
CA ASP A 798 -14.39 22.75 -6.43
C ASP A 798 -13.98 24.01 -5.68
N GLU A 799 -12.69 24.32 -5.68
CA GLU A 799 -12.17 25.50 -4.99
C GLU A 799 -12.68 26.79 -5.64
N GLN A 800 -13.30 26.65 -6.81
CA GLN A 800 -13.86 27.78 -7.54
C GLN A 800 -15.37 27.89 -7.31
N GLN A 801 -15.88 27.01 -6.45
CA GLN A 801 -17.30 26.87 -6.19
C GLN A 801 -18.09 26.57 -7.45
N ARG A 802 -17.44 25.90 -8.40
CA ARG A 802 -18.12 25.29 -9.55
C ARG A 802 -18.51 23.85 -9.23
N LEU A 803 -19.49 23.34 -9.96
CA LEU A 803 -19.88 21.94 -9.83
C LEU A 803 -18.78 20.98 -10.35
N VAL A 804 -18.47 19.93 -9.60
CA VAL A 804 -17.40 19.03 -10.04
C VAL A 804 -17.87 17.99 -11.06
N PRO A 805 -16.94 17.51 -11.90
CA PRO A 805 -17.24 16.33 -12.72
C PRO A 805 -17.42 15.11 -11.84
N PRO A 806 -18.20 14.12 -12.30
CA PRO A 806 -18.28 12.90 -11.51
C PRO A 806 -16.93 12.22 -11.33
N GLY A 807 -16.71 11.61 -10.16
CA GLY A 807 -15.48 10.89 -9.87
C GLY A 807 -14.34 11.75 -9.33
N VAL A 808 -14.66 13.00 -9.02
CA VAL A 808 -13.70 14.00 -8.58
C VAL A 808 -14.01 14.46 -7.15
N MET A 809 -12.97 14.73 -6.37
CA MET A 809 -13.22 15.21 -5.00
C MET A 809 -13.37 16.73 -4.97
N GLY A 810 -14.18 17.19 -4.02
CA GLY A 810 -14.47 18.59 -3.85
C GLY A 810 -15.00 18.85 -2.46
N GLU A 811 -15.57 20.04 -2.26
CA GLU A 811 -16.09 20.42 -0.95
C GLU A 811 -17.62 20.33 -0.94
N LEU A 812 -18.16 19.66 0.06
CA LEU A 812 -19.61 19.55 0.18
C LEU A 812 -20.28 20.86 0.61
N TRP A 813 -21.32 21.24 -0.11
CA TRP A 813 -22.14 22.38 0.25
C TRP A 813 -23.58 21.92 0.38
N ILE A 814 -24.29 22.45 1.37
CA ILE A 814 -25.65 22.05 1.64
C ILE A 814 -26.61 23.23 1.53
N GLY A 815 -27.70 23.04 0.79
CA GLY A 815 -28.77 24.01 0.77
C GLY A 815 -30.06 23.43 1.31
N GLY A 816 -31.05 24.28 1.53
CA GLY A 816 -32.36 23.82 1.98
C GLY A 816 -32.96 24.44 3.24
N ASP A 817 -34.08 23.84 3.66
CA ASP A 817 -34.83 24.28 4.82
C ASP A 817 -34.09 24.04 6.14
N GLY A 818 -32.95 23.36 6.07
CA GLY A 818 -32.25 22.96 7.27
C GLY A 818 -31.20 23.95 7.75
N LEU A 819 -30.91 24.98 6.95
CA LEU A 819 -29.82 25.88 7.34
C LEU A 819 -30.09 26.56 8.66
N ALA A 820 -29.02 26.84 9.39
CA ALA A 820 -29.13 27.64 10.59
C ALA A 820 -29.57 29.04 10.24
N VAL A 821 -30.03 29.77 11.26
CA VAL A 821 -30.31 31.18 11.10
C VAL A 821 -28.98 31.93 10.95
N ASP A 822 -28.07 31.67 11.87
CA ASP A 822 -26.74 32.28 11.85
C ASP A 822 -25.80 31.72 12.92
N TYR A 823 -24.56 32.20 12.91
CA TYR A 823 -23.70 32.10 14.07
C TYR A 823 -24.05 33.27 14.99
N TRP A 824 -24.34 32.97 16.26
CA TRP A 824 -24.84 33.96 17.19
C TRP A 824 -23.85 35.12 17.39
N GLN A 825 -24.31 36.31 17.04
CA GLN A 825 -23.52 37.55 16.99
C GLN A 825 -22.10 37.38 16.41
N ARG A 826 -22.04 36.68 15.29
CA ARG A 826 -20.83 36.54 14.51
C ARG A 826 -21.16 36.68 13.02
N PRO A 827 -21.60 37.88 12.61
CA PRO A 827 -22.20 38.09 11.28
C PRO A 827 -21.20 37.97 10.16
N GLU A 828 -19.95 38.38 10.38
CA GLU A 828 -18.97 38.29 9.31
C GLU A 828 -18.79 36.80 8.97
N LEU A 829 -18.58 36.00 10.01
CA LEU A 829 -18.44 34.56 9.89
C LEU A 829 -19.66 33.92 9.21
N THR A 830 -20.85 34.39 9.57
CA THR A 830 -22.08 33.87 9.02
C THR A 830 -22.18 34.18 7.54
N ASP A 831 -21.80 35.40 7.19
CA ASP A 831 -21.85 35.84 5.80
C ASP A 831 -20.84 35.07 4.95
N ALA A 832 -19.76 34.63 5.57
CA ALA A 832 -18.71 33.90 4.88
C ALA A 832 -19.04 32.41 4.73
N GLN A 833 -19.78 31.86 5.68
CA GLN A 833 -20.09 30.43 5.71
C GLN A 833 -21.46 30.09 5.13
N PHE A 834 -22.39 31.03 5.19
CA PHE A 834 -23.70 30.87 4.59
C PHE A 834 -23.82 31.84 3.41
N ARG A 835 -23.83 31.30 2.19
CA ARG A 835 -23.79 32.11 0.96
C ARG A 835 -24.76 31.64 -0.09
N THR A 836 -25.07 32.53 -1.02
CA THR A 836 -25.62 32.10 -2.29
C THR A 836 -24.45 32.09 -3.26
N LEU A 837 -24.52 31.22 -4.25
CA LEU A 837 -23.40 31.11 -5.18
C LEU A 837 -23.84 31.41 -6.62
N PRO A 838 -23.04 32.23 -7.34
CA PRO A 838 -23.37 32.56 -8.73
C PRO A 838 -23.49 31.29 -9.56
N SER A 839 -22.64 30.31 -9.24
CA SER A 839 -22.62 29.00 -9.87
C SER A 839 -23.94 28.26 -9.73
N LEU A 840 -24.64 28.51 -8.63
CA LEU A 840 -25.90 27.84 -8.38
C LEU A 840 -26.97 28.87 -8.07
N PRO A 841 -27.47 29.55 -9.10
CA PRO A 841 -28.37 30.69 -8.93
C PRO A 841 -29.80 30.32 -8.54
N ASN A 842 -30.14 29.05 -8.58
CA ASN A 842 -31.47 28.63 -8.15
C ASN A 842 -31.44 27.88 -6.83
N ALA A 843 -30.22 27.75 -6.30
CA ALA A 843 -29.95 27.00 -5.07
C ALA A 843 -30.36 27.76 -3.83
N GLY A 844 -30.32 29.08 -3.91
CA GLY A 844 -30.55 29.91 -2.76
C GLY A 844 -29.37 29.86 -1.79
N ARG A 845 -29.68 30.01 -0.52
CA ARG A 845 -28.65 30.05 0.52
C ARG A 845 -28.08 28.66 0.79
N LEU A 846 -26.77 28.60 1.00
CA LEU A 846 -26.03 27.34 1.14
C LEU A 846 -25.03 27.39 2.30
N TYR A 847 -24.91 26.28 3.03
CA TYR A 847 -23.87 26.14 4.05
C TYR A 847 -22.65 25.44 3.46
N ARG A 848 -21.48 25.95 3.78
CA ARG A 848 -20.23 25.39 3.28
C ARG A 848 -19.55 24.54 4.37
N THR A 849 -19.57 23.22 4.20
CA THR A 849 -19.20 22.31 5.29
C THR A 849 -17.71 22.23 5.60
N GLY A 850 -16.86 22.45 4.61
CA GLY A 850 -15.45 22.24 4.83
C GLY A 850 -15.15 20.76 4.94
N ASP A 851 -16.08 19.93 4.46
CA ASP A 851 -15.90 18.48 4.34
C ASP A 851 -15.38 18.05 2.95
N LYS A 852 -14.45 17.12 2.93
CA LYS A 852 -13.95 16.57 1.67
C LYS A 852 -14.80 15.38 1.27
N VAL A 853 -15.50 15.51 0.14
CA VAL A 853 -16.45 14.49 -0.30
C VAL A 853 -16.20 14.16 -1.75
N CYS A 854 -16.16 12.88 -2.09
CA CYS A 854 -16.01 12.51 -3.50
C CYS A 854 -17.37 12.22 -4.12
N LEU A 855 -17.65 12.91 -5.22
CA LEU A 855 -18.85 12.65 -6.00
C LEU A 855 -18.62 11.45 -6.89
N ARG A 856 -19.26 10.33 -6.59
CA ARG A 856 -19.03 9.13 -7.38
C ARG A 856 -19.86 9.11 -8.65
N THR A 857 -19.48 8.22 -9.56
CA THR A 857 -20.13 8.00 -10.86
C THR A 857 -21.51 7.37 -10.71
N ASP A 858 -22.23 7.77 -9.69
CA ASP A 858 -23.25 6.90 -9.11
C ASP A 858 -24.35 7.75 -8.48
N GLY A 859 -23.97 8.95 -8.03
CA GLY A 859 -24.85 9.76 -7.22
C GLY A 859 -24.49 9.57 -5.76
N ARG A 860 -23.52 8.70 -5.51
CA ARG A 860 -23.06 8.41 -4.16
C ARG A 860 -22.07 9.44 -3.65
N LEU A 861 -22.23 9.87 -2.41
CA LEU A 861 -21.24 10.74 -1.81
C LEU A 861 -20.41 9.97 -0.79
N THR A 862 -19.13 9.82 -1.05
CA THR A 862 -18.26 9.18 -0.08
C THR A 862 -17.44 10.24 0.65
N HIS A 863 -17.20 10.00 1.93
CA HIS A 863 -16.59 11.00 2.77
C HIS A 863 -15.10 10.73 2.90
N HIS A 864 -14.29 11.79 2.90
CA HIS A 864 -12.83 11.63 2.94
C HIS A 864 -12.22 12.68 3.83
N GLY A 865 -13.11 13.29 4.61
CA GLY A 865 -12.77 13.93 5.86
C GLY A 865 -12.09 15.27 5.83
N ARG A 866 -12.88 16.33 5.74
CA ARG A 866 -12.40 17.65 6.14
C ARG A 866 -11.32 18.20 5.21
N LEU A 867 -10.92 19.44 5.45
CA LEU A 867 -9.86 20.04 4.66
C LEU A 867 -8.79 20.56 5.61
N ASP A 868 -9.19 20.85 6.85
CA ASP A 868 -8.26 21.20 7.93
C ASP A 868 -7.31 20.03 8.25
N PHE A 869 -7.77 18.82 8.00
CA PHE A 869 -6.97 17.61 8.21
C PHE A 869 -6.09 17.33 6.99
N GLN A 870 -4.78 17.25 7.21
CA GLN A 870 -3.80 16.96 6.15
C GLN A 870 -3.80 15.48 5.83
N VAL A 871 -4.20 15.14 4.61
CA VAL A 871 -4.12 13.76 4.15
C VAL A 871 -3.19 13.68 2.95
N LYS A 872 -2.34 14.70 2.80
CA LYS A 872 -1.39 14.75 1.71
C LYS A 872 0.02 14.47 2.25
N ILE A 873 0.79 13.73 1.46
CA ILE A 873 2.17 13.40 1.78
C ILE A 873 3.02 13.36 0.52
N ARG A 874 4.06 14.18 0.44
CA ARG A 874 5.05 14.06 -0.64
C ARG A 874 4.38 14.23 -2.00
N GLY A 875 3.22 14.89 -2.02
CA GLY A 875 2.43 14.99 -3.23
C GLY A 875 1.12 14.22 -3.16
N PHE A 876 1.18 12.90 -3.40
CA PHE A 876 0.00 12.03 -3.42
C PHE A 876 -0.78 12.06 -2.12
N ARG A 877 -2.00 11.53 -2.15
CA ARG A 877 -2.87 11.61 -0.99
C ARG A 877 -3.12 10.22 -0.44
N ILE A 878 -3.45 10.15 0.85
CA ILE A 878 -3.54 8.87 1.56
C ILE A 878 -4.98 8.54 1.95
N GLU A 879 -5.37 7.28 1.74
CA GLU A 879 -6.66 6.80 2.22
C GLU A 879 -6.55 6.27 3.65
N LEU A 880 -6.44 7.20 4.60
CA LEU A 880 -6.18 6.87 6.00
C LEU A 880 -7.07 5.76 6.52
N GLY A 881 -8.35 5.81 6.16
CA GLY A 881 -9.27 4.76 6.55
C GLY A 881 -8.88 3.35 6.12
N GLU A 882 -8.25 3.20 4.95
CA GLU A 882 -7.84 1.88 4.46
C GLU A 882 -6.73 1.29 5.31
N ILE A 883 -5.85 2.15 5.82
CA ILE A 883 -4.82 1.69 6.73
C ILE A 883 -5.45 1.24 8.05
N GLU A 884 -6.44 2.00 8.50
CA GLU A 884 -7.12 1.71 9.76
C GLU A 884 -7.84 0.40 9.66
N ASN A 885 -8.47 0.17 8.52
CA ASN A 885 -9.25 -1.04 8.32
C ASN A 885 -8.38 -2.27 8.45
N VAL A 886 -7.10 -2.17 8.05
CA VAL A 886 -6.24 -3.34 8.09
C VAL A 886 -5.81 -3.65 9.52
N LEU A 887 -5.34 -2.63 10.23
CA LEU A 887 -4.96 -2.76 11.63
C LEU A 887 -6.06 -3.41 12.45
N LYS A 888 -7.30 -2.90 12.34
CA LYS A 888 -8.41 -3.46 13.10
C LYS A 888 -8.63 -4.96 12.86
N GLN A 889 -8.22 -5.45 11.68
CA GLN A 889 -8.39 -6.85 11.38
C GLN A 889 -7.31 -7.72 12.01
N ILE A 890 -6.31 -7.07 12.60
CA ILE A 890 -5.25 -7.77 13.29
C ILE A 890 -5.76 -8.21 14.66
N ASP A 891 -5.60 -9.49 14.95
CA ASP A 891 -6.04 -10.04 16.24
C ASP A 891 -5.24 -9.39 17.38
N GLY A 892 -5.94 -8.69 18.27
CA GLY A 892 -5.29 -8.02 19.37
C GLY A 892 -5.63 -6.56 19.38
N ILE A 893 -5.65 -5.97 18.18
CA ILE A 893 -6.03 -4.59 18.00
C ILE A 893 -7.54 -4.40 18.14
N THR A 894 -7.95 -3.49 19.02
CA THR A 894 -9.36 -3.15 19.17
C THR A 894 -9.75 -1.92 18.35
N ASP A 895 -8.81 -0.98 18.21
CA ASP A 895 -9.14 0.25 17.50
C ASP A 895 -7.85 0.87 16.98
N ALA A 896 -7.95 1.63 15.89
CA ALA A 896 -6.79 2.28 15.33
C ALA A 896 -7.16 3.61 14.69
N VAL A 897 -6.23 4.56 14.76
CA VAL A 897 -6.35 5.84 14.10
C VAL A 897 -5.04 6.14 13.40
N VAL A 898 -5.10 6.52 12.14
CA VAL A 898 -3.88 6.84 11.43
C VAL A 898 -3.92 8.32 11.05
N LEU A 899 -2.88 9.06 11.39
CA LEU A 899 -2.81 10.49 11.07
C LEU A 899 -1.59 10.85 10.25
N VAL A 900 -1.70 11.89 9.43
CA VAL A 900 -0.51 12.44 8.81
C VAL A 900 0.06 13.52 9.74
N LYS A 901 1.36 13.47 9.98
CA LYS A 901 2.01 14.40 10.89
C LYS A 901 3.30 14.94 10.27
N THR A 902 3.70 16.17 10.63
CA THR A 902 4.88 16.81 10.04
C THR A 902 6.15 16.62 10.84
N THR A 903 7.29 16.63 10.15
CA THR A 903 8.58 16.27 10.77
C THR A 903 9.77 17.11 10.32
N GLY A 904 10.29 17.94 11.24
CA GLY A 904 11.49 18.71 10.98
C GLY A 904 11.42 19.59 9.75
N ASP A 905 11.96 19.10 8.63
CA ASP A 905 12.06 19.89 7.40
C ASP A 905 10.83 19.79 6.51
N ASN A 906 9.68 20.27 7.03
CA ASN A 906 8.40 20.27 6.31
C ASN A 906 8.07 18.95 5.63
N ASP A 907 8.53 17.85 6.23
CA ASP A 907 8.30 16.51 5.72
C ASP A 907 7.13 15.86 6.48
N GLN A 908 6.31 15.10 5.78
CA GLN A 908 5.13 14.50 6.38
C GLN A 908 5.25 12.99 6.47
N LYS A 909 4.78 12.39 7.56
CA LYS A 909 4.82 10.94 7.71
C LYS A 909 3.51 10.39 8.30
N LEU A 910 3.17 9.15 7.98
CA LEU A 910 2.02 8.49 8.58
C LEU A 910 2.32 7.99 9.98
N VAL A 911 1.40 8.26 10.91
CA VAL A 911 1.49 7.72 12.26
C VAL A 911 0.27 6.89 12.56
N ALA A 912 0.48 5.70 13.11
CA ALA A 912 -0.68 4.89 13.46
C ALA A 912 -0.75 4.73 14.98
N TYR A 913 -1.91 5.07 15.53
CA TYR A 913 -2.21 4.86 16.93
C TYR A 913 -3.10 3.63 17.11
N VAL A 914 -2.74 2.75 18.02
CA VAL A 914 -3.56 1.57 18.25
C VAL A 914 -3.86 1.37 19.74
N THR A 915 -5.03 0.79 20.03
CA THR A 915 -5.34 0.27 21.36
C THR A 915 -5.63 -1.20 21.21
N GLY A 916 -5.45 -1.96 22.28
CA GLY A 916 -5.78 -3.36 22.25
C GLY A 916 -5.37 -4.10 23.50
N GLN A 917 -5.97 -5.28 23.68
CA GLN A 917 -5.74 -6.13 24.84
C GLN A 917 -4.26 -6.51 24.97
N GLU A 918 -3.72 -7.16 23.95
CA GLU A 918 -2.31 -7.52 23.95
C GLU A 918 -1.70 -7.21 22.59
N LEU A 919 -0.60 -6.47 22.55
CA LEU A 919 -0.03 -6.05 21.27
C LEU A 919 1.48 -6.21 21.16
N ASP A 920 1.93 -6.36 19.92
CA ASP A 920 3.35 -6.40 19.58
C ASP A 920 3.59 -5.45 18.41
N ILE A 921 3.87 -4.19 18.75
CA ILE A 921 4.19 -3.14 17.80
C ILE A 921 5.16 -3.60 16.71
N ALA A 922 6.11 -4.45 17.10
CA ALA A 922 7.14 -4.96 16.20
C ALA A 922 6.54 -5.62 14.97
N GLY A 923 5.61 -6.53 15.20
CA GLY A 923 5.01 -7.30 14.14
C GLY A 923 3.94 -6.55 13.39
N LEU A 924 3.46 -5.44 13.95
CA LEU A 924 2.46 -4.63 13.24
C LEU A 924 2.97 -4.19 11.87
N LYS A 925 4.14 -3.54 11.85
CA LYS A 925 4.68 -3.05 10.58
C LYS A 925 4.86 -4.19 9.56
N LYS A 926 5.21 -5.38 10.03
CA LYS A 926 5.43 -6.50 9.11
C LYS A 926 4.08 -6.95 8.57
N ASN A 927 3.04 -6.88 9.39
CA ASN A 927 1.72 -7.26 8.90
C ASN A 927 1.28 -6.27 7.83
N LEU A 928 1.28 -4.99 8.17
CA LEU A 928 0.80 -3.99 7.23
C LEU A 928 1.57 -4.05 5.93
N GLN A 929 2.85 -4.38 6.00
CA GLN A 929 3.69 -4.38 4.79
C GLN A 929 3.17 -5.33 3.72
N ILE A 930 2.53 -6.40 4.15
CA ILE A 930 2.09 -7.40 3.20
C ILE A 930 0.60 -7.27 2.82
N HIS A 931 -0.08 -6.28 3.40
CA HIS A 931 -1.46 -5.94 3.01
C HIS A 931 -1.66 -4.53 2.43
N LEU A 932 -0.72 -3.61 2.62
CA LEU A 932 -0.83 -2.27 2.03
C LEU A 932 0.27 -1.98 1.03
N PRO A 933 -0.01 -1.06 0.09
CA PRO A 933 1.05 -0.45 -0.72
C PRO A 933 2.12 0.11 0.19
N ALA A 934 3.35 0.20 -0.29
CA ALA A 934 4.46 0.71 0.51
C ALA A 934 4.17 2.10 1.00
N TYR A 935 3.62 2.94 0.12
CA TYR A 935 3.35 4.34 0.44
C TYR A 935 2.26 4.56 1.49
N MET A 936 1.54 3.50 1.85
CA MET A 936 0.52 3.60 2.88
C MET A 936 0.93 2.95 4.19
N VAL A 937 2.19 2.52 4.30
CA VAL A 937 2.66 1.87 5.51
C VAL A 937 3.18 2.92 6.47
N PRO A 938 2.61 2.96 7.69
CA PRO A 938 2.94 3.95 8.71
C PRO A 938 4.40 3.92 9.12
N SER A 939 4.98 5.10 9.32
CA SER A 939 6.37 5.26 9.71
C SER A 939 6.54 5.20 11.24
N ALA A 940 5.43 4.99 11.95
CA ALA A 940 5.45 5.01 13.42
C ALA A 940 4.20 4.35 14.01
N PHE A 941 4.39 3.57 15.07
CA PHE A 941 3.26 2.92 15.74
C PHE A 941 3.28 3.30 17.21
N ILE A 942 2.20 3.90 17.67
CA ILE A 942 2.10 4.35 19.04
C ILE A 942 0.93 3.63 19.69
N ARG A 943 1.19 2.99 20.82
CA ARG A 943 0.12 2.32 21.54
C ARG A 943 -0.53 3.27 22.55
N LEU A 944 -1.85 3.23 22.65
CA LEU A 944 -2.54 4.00 23.68
C LEU A 944 -3.46 3.07 24.46
N ASP A 945 -3.83 3.47 25.66
CA ASP A 945 -4.77 2.71 26.46
C ASP A 945 -6.18 3.05 26.02
N GLU A 946 -6.40 4.33 25.77
CA GLU A 946 -7.69 4.82 25.29
C GLU A 946 -7.50 6.01 24.36
N PHE A 947 -8.20 6.04 23.23
CA PHE A 947 -8.14 7.24 22.39
C PHE A 947 -8.93 8.41 23.00
N PRO A 948 -8.34 9.62 22.98
CA PRO A 948 -8.97 10.86 23.45
C PRO A 948 -10.31 11.15 22.77
N MET A 949 -11.36 11.45 23.54
CA MET A 949 -12.64 11.81 22.94
C MET A 949 -12.98 13.29 23.10
N THR A 950 -13.93 13.77 22.32
CA THR A 950 -14.49 15.10 22.52
C THR A 950 -15.59 14.99 23.59
N ALA A 951 -16.19 16.10 24.00
CA ALA A 951 -17.33 15.98 24.92
C ALA A 951 -18.54 15.32 24.23
N ASN A 952 -18.59 15.44 22.90
CA ASN A 952 -19.58 14.76 22.06
C ASN A 952 -19.41 13.26 21.91
N LYS A 953 -18.32 12.72 22.44
CA LYS A 953 -17.90 11.33 22.19
C LYS A 953 -17.62 11.10 20.71
N LYS A 954 -16.74 11.93 20.15
CA LYS A 954 -16.05 11.65 18.89
C LYS A 954 -14.57 11.62 19.18
N LEU A 955 -13.79 11.01 18.28
CA LEU A 955 -12.33 11.01 18.40
C LEU A 955 -11.80 12.42 18.31
N ASP A 956 -11.04 12.80 19.33
CA ASP A 956 -10.42 14.10 19.38
C ASP A 956 -8.99 14.02 18.84
N ARG A 957 -8.86 13.99 17.51
CA ARG A 957 -7.58 13.88 16.80
C ARG A 957 -6.53 14.90 17.27
N LYS A 958 -6.97 16.13 17.49
CA LYS A 958 -6.08 17.18 17.98
C LYS A 958 -5.37 16.79 19.28
N ALA A 959 -5.94 15.82 20.01
CA ALA A 959 -5.43 15.46 21.34
C ALA A 959 -4.42 14.32 21.33
N PHE A 960 -4.35 13.54 20.26
CA PHE A 960 -3.36 12.46 20.14
C PHE A 960 -1.95 13.01 20.24
N PRO A 961 -1.05 12.29 20.91
CA PRO A 961 0.27 12.82 21.24
C PRO A 961 1.09 12.97 19.99
N GLU A 962 1.91 14.01 19.90
CA GLU A 962 2.76 14.15 18.71
C GLU A 962 3.77 13.02 18.73
N PRO A 963 3.98 12.39 17.57
CA PRO A 963 4.92 11.29 17.44
C PRO A 963 6.34 11.80 17.39
N ILE A 964 7.27 10.95 17.78
CA ILE A 964 8.69 11.26 17.70
C ILE A 964 9.31 10.22 16.81
N PHE A 965 9.74 10.65 15.62
CA PHE A 965 10.29 9.72 14.66
C PHE A 965 11.76 9.39 14.86
N GLU A 966 12.08 8.10 14.76
CA GLU A 966 13.45 7.66 14.63
C GLU A 966 13.89 7.99 13.20
N GLN A 967 14.90 8.84 13.06
CA GLN A 967 15.38 9.24 11.75
C GLN A 967 15.99 8.03 11.02
N SER A 968 17.24 7.71 11.34
CA SER A 968 17.91 6.57 10.74
C SER A 968 17.43 5.26 11.37
N ASN A 969 17.51 4.19 10.59
CA ASN A 969 17.28 2.83 11.10
C ASN A 969 18.49 2.40 11.93
N ASP A 970 18.23 1.80 13.08
CA ASP A 970 19.30 1.36 13.96
C ASP A 970 20.09 0.21 13.32
N TYR A 971 21.42 0.34 13.31
CA TYR A 971 22.27 -0.75 12.82
C TYR A 971 22.14 -1.98 13.71
N VAL A 972 22.00 -3.15 13.11
CA VAL A 972 22.03 -4.41 13.86
C VAL A 972 22.79 -5.48 13.07
N ALA A 973 23.80 -6.08 13.70
CA ALA A 973 24.62 -7.09 13.04
C ALA A 973 23.87 -8.41 12.87
N PRO A 974 24.15 -9.16 11.79
CA PRO A 974 23.45 -10.42 11.56
C PRO A 974 23.66 -11.39 12.73
N ARG A 975 22.64 -12.17 13.08
CA ARG A 975 22.62 -12.91 14.34
C ARG A 975 22.64 -14.41 14.18
N ASP A 976 22.66 -14.90 12.96
CA ASP A 976 22.65 -16.34 12.74
C ASP A 976 23.24 -16.62 11.36
N PRO A 977 23.54 -17.89 11.07
CA PRO A 977 24.19 -18.18 9.79
C PRO A 977 23.46 -17.67 8.55
N ILE A 978 22.12 -17.67 8.57
CA ILE A 978 21.38 -17.18 7.42
C ILE A 978 21.57 -15.68 7.27
N GLU A 979 21.34 -14.95 8.36
CA GLU A 979 21.53 -13.51 8.31
C GLU A 979 23.00 -13.19 7.94
N ILE A 980 23.93 -13.97 8.47
CA ILE A 980 25.34 -13.75 8.16
C ILE A 980 25.62 -13.86 6.68
N GLU A 981 25.19 -14.94 6.04
CA GLU A 981 25.38 -15.10 4.60
C GLU A 981 24.67 -13.97 3.84
N LEU A 982 23.37 -13.79 4.13
CA LEU A 982 22.57 -12.76 3.48
C LEU A 982 23.27 -11.41 3.49
N CYS A 983 23.83 -11.05 4.65
CA CYS A 983 24.53 -9.78 4.78
C CYS A 983 25.72 -9.69 3.82
N THR A 984 26.66 -10.63 3.95
CA THR A 984 27.79 -10.73 3.04
C THR A 984 27.34 -10.61 1.58
N THR A 985 26.30 -11.35 1.25
CA THR A 985 25.74 -11.32 -0.08
C THR A 985 25.23 -9.93 -0.48
N PHE A 986 24.47 -9.27 0.40
CA PHE A 986 24.05 -7.89 0.14
C PHE A 986 25.25 -6.97 -0.05
N GLU A 987 26.22 -7.06 0.87
CA GLU A 987 27.37 -6.17 0.89
C GLU A 987 28.07 -6.28 -0.45
N GLN A 988 28.31 -7.52 -0.84
CA GLN A 988 29.01 -7.78 -2.07
CA GLN A 988 29.00 -7.81 -2.12
C GLN A 988 28.27 -7.29 -3.34
N ILE A 989 27.03 -7.69 -3.54
CA ILE A 989 26.30 -7.25 -4.72
C ILE A 989 26.13 -5.72 -4.81
N LEU A 990 25.79 -5.07 -3.71
CA LEU A 990 25.53 -3.63 -3.72
C LEU A 990 26.80 -2.80 -3.63
N SER A 991 27.93 -3.49 -3.43
CA SER A 991 29.16 -2.83 -3.04
C SER A 991 28.93 -1.80 -1.91
N VAL A 992 28.45 -2.31 -0.79
CA VAL A 992 28.24 -1.52 0.41
C VAL A 992 29.08 -2.13 1.51
N LYS A 993 30.00 -1.35 2.08
CA LYS A 993 31.00 -1.87 3.00
C LYS A 993 30.41 -2.68 4.14
N ARG A 994 29.27 -2.25 4.66
CA ARG A 994 28.72 -2.89 5.85
C ARG A 994 27.19 -2.81 5.96
N VAL A 995 26.54 -3.95 5.78
CA VAL A 995 25.09 -4.02 5.66
C VAL A 995 24.45 -4.52 6.95
N GLY A 996 23.56 -3.72 7.50
CA GLY A 996 22.82 -4.11 8.70
C GLY A 996 21.59 -4.91 8.32
N ILE A 997 21.08 -5.70 9.26
CA ILE A 997 19.96 -6.58 8.94
C ILE A 997 18.65 -5.83 8.76
N HIS A 998 18.65 -4.52 8.93
CA HIS A 998 17.44 -3.74 8.72
C HIS A 998 17.54 -2.80 7.51
N ASP A 999 18.71 -2.79 6.88
CA ASP A 999 18.90 -2.04 5.64
C ASP A 999 18.13 -2.75 4.53
N ASP A 1000 17.51 -1.95 3.67
CA ASP A 1000 16.66 -2.45 2.61
C ASP A 1000 17.44 -2.45 1.31
N PHE A 1001 17.41 -3.58 0.62
CA PHE A 1001 18.13 -3.76 -0.63
C PHE A 1001 18.04 -2.57 -1.60
N PHE A 1002 16.84 -2.09 -1.86
CA PHE A 1002 16.70 -1.08 -2.88
C PHE A 1002 17.12 0.29 -2.38
N GLU A 1003 16.86 0.55 -1.11
CA GLU A 1003 17.33 1.77 -0.51
C GLU A 1003 18.87 1.84 -0.39
N LEU A 1004 19.55 0.70 -0.37
CA LEU A 1004 21.01 0.67 -0.32
C LEU A 1004 21.62 0.97 -1.70
N GLY A 1005 20.76 1.08 -2.71
CA GLY A 1005 21.24 1.29 -4.06
C GLY A 1005 20.87 0.15 -4.99
N GLY A 1006 20.27 -0.90 -4.45
CA GLY A 1006 19.79 -1.99 -5.26
C GLY A 1006 18.75 -1.56 -6.28
N HIS A 1007 18.72 -2.28 -7.39
CA HIS A 1007 17.74 -2.05 -8.44
C HIS A 1007 17.40 -3.38 -9.10
N SER A 1008 16.43 -3.35 -10.00
CA SER A 1008 15.76 -4.58 -10.43
C SER A 1008 16.67 -5.64 -11.03
N LEU A 1009 17.53 -5.28 -11.98
CA LEU A 1009 18.46 -6.26 -12.53
C LEU A 1009 19.36 -6.86 -11.44
N LEU A 1010 19.81 -6.06 -10.47
CA LEU A 1010 20.62 -6.60 -9.36
C LEU A 1010 19.88 -7.66 -8.58
N ALA A 1011 18.60 -7.43 -8.31
CA ALA A 1011 17.76 -8.40 -7.60
C ALA A 1011 17.87 -9.77 -8.24
N VAL A 1012 17.78 -9.81 -9.57
CA VAL A 1012 17.90 -11.06 -10.31
C VAL A 1012 19.24 -11.73 -10.06
N LYS A 1013 20.31 -10.93 -10.08
CA LYS A 1013 21.63 -11.47 -9.75
C LYS A 1013 21.59 -12.02 -8.34
N LEU A 1014 21.23 -11.16 -7.37
CA LEU A 1014 21.11 -11.60 -5.97
C LEU A 1014 20.38 -12.92 -5.81
N VAL A 1015 19.19 -13.04 -6.40
CA VAL A 1015 18.43 -14.27 -6.28
C VAL A 1015 19.22 -15.44 -6.83
N ASN A 1016 19.88 -15.23 -7.98
CA ASN A 1016 20.69 -16.27 -8.59
C ASN A 1016 21.87 -16.64 -7.70
N HIS A 1017 22.50 -15.64 -7.09
CA HIS A 1017 23.58 -15.94 -6.18
C HIS A 1017 23.06 -16.75 -4.99
N LEU A 1018 21.85 -16.45 -4.54
CA LEU A 1018 21.31 -17.08 -3.34
C LEU A 1018 20.91 -18.53 -3.56
N LYS A 1019 20.16 -18.81 -4.61
CA LYS A 1019 19.74 -20.20 -4.80
C LYS A 1019 20.89 -21.15 -5.16
N LYS A 1020 22.07 -20.60 -5.37
CA LYS A 1020 23.26 -21.43 -5.33
C LYS A 1020 23.71 -21.62 -3.89
N ALA A 1021 23.76 -20.51 -3.14
CA ALA A 1021 24.31 -20.48 -1.78
C ALA A 1021 23.46 -21.20 -0.74
N PHE A 1022 22.19 -21.35 -1.06
CA PHE A 1022 21.21 -21.97 -0.17
C PHE A 1022 20.62 -23.24 -0.77
N GLY A 1023 20.70 -23.35 -2.10
CA GLY A 1023 20.35 -24.56 -2.81
C GLY A 1023 18.85 -24.82 -2.96
N THR A 1024 18.05 -23.77 -2.80
CA THR A 1024 16.60 -23.88 -2.97
C THR A 1024 16.16 -22.83 -3.98
N GLU A 1025 14.90 -22.84 -4.38
CA GLU A 1025 14.39 -21.83 -5.32
C GLU A 1025 13.86 -20.58 -4.62
N LEU A 1026 14.68 -19.51 -4.64
CA LEU A 1026 14.25 -18.17 -4.23
C LEU A 1026 13.83 -17.39 -5.47
N SER A 1027 12.98 -16.40 -5.30
CA SER A 1027 12.41 -15.65 -6.41
C SER A 1027 12.53 -14.14 -6.23
N VAL A 1028 12.46 -13.39 -7.32
CA VAL A 1028 12.60 -11.95 -7.19
C VAL A 1028 11.36 -11.36 -6.51
N ALA A 1029 10.26 -12.11 -6.47
CA ALA A 1029 9.10 -11.66 -5.69
C ALA A 1029 9.43 -11.68 -4.21
N LEU A 1030 10.04 -12.76 -3.74
CA LEU A 1030 10.43 -12.86 -2.34
C LEU A 1030 11.30 -11.68 -1.93
N LEU A 1031 12.30 -11.38 -2.75
CA LEU A 1031 13.22 -10.29 -2.44
C LEU A 1031 12.48 -8.96 -2.48
N ALA A 1032 11.55 -8.85 -3.42
CA ALA A 1032 10.78 -7.63 -3.56
C ALA A 1032 9.95 -7.34 -2.31
N GLN A 1033 9.30 -8.37 -1.78
CA GLN A 1033 8.41 -8.23 -0.63
C GLN A 1033 9.17 -8.28 0.69
N TYR A 1034 10.35 -8.88 0.66
CA TYR A 1034 11.20 -8.99 1.86
C TYR A 1034 12.59 -8.45 1.56
N SER A 1035 12.76 -7.13 1.68
CA SER A 1035 13.92 -6.47 1.10
C SER A 1035 15.01 -6.19 2.11
N THR A 1036 14.83 -6.69 3.33
CA THR A 1036 15.85 -6.56 4.36
C THR A 1036 16.36 -7.93 4.72
N VAL A 1037 17.61 -7.98 5.20
CA VAL A 1037 18.20 -9.26 5.59
C VAL A 1037 17.34 -9.91 6.66
N GLU A 1038 16.80 -9.10 7.57
CA GLU A 1038 16.02 -9.64 8.66
C GLU A 1038 14.76 -10.32 8.19
N ARG A 1039 14.00 -9.59 7.36
CA ARG A 1039 12.70 -10.05 6.88
C ARG A 1039 12.85 -11.25 5.96
N LEU A 1040 13.93 -11.23 5.18
CA LEU A 1040 14.20 -12.24 4.18
C LEU A 1040 14.73 -13.47 4.89
N GLY A 1041 15.54 -13.19 5.92
CA GLY A 1041 16.08 -14.24 6.75
C GLY A 1041 14.98 -15.08 7.32
N GLU A 1042 13.94 -14.41 7.84
CA GLU A 1042 12.76 -15.10 8.37
C GLU A 1042 12.12 -16.06 7.37
N ILE A 1043 11.76 -15.55 6.19
CA ILE A 1043 11.16 -16.39 5.15
C ILE A 1043 12.02 -17.63 4.86
N ILE A 1044 13.26 -17.43 4.46
CA ILE A 1044 14.23 -18.51 4.32
C ILE A 1044 14.27 -19.47 5.52
N ARG A 1045 14.31 -18.90 6.72
CA ARG A 1045 14.45 -19.71 7.93
C ARG A 1045 13.24 -20.63 8.14
N GLU A 1046 12.03 -20.07 8.01
CA GLU A 1046 10.78 -20.81 8.24
C GLU A 1046 10.77 -22.06 7.36
N ASN A 1047 11.44 -21.96 6.22
CA ASN A 1047 11.43 -22.97 5.18
C ASN A 1047 12.26 -24.19 5.56
N LYS A 1048 11.58 -25.32 5.76
CA LYS A 1048 12.23 -26.56 6.21
C LYS A 1048 12.98 -27.29 5.10
N GLU A 1049 12.93 -26.76 3.89
CA GLU A 1049 13.54 -27.41 2.74
C GLU A 1049 14.81 -26.70 2.29
N ILE A 1050 15.53 -26.07 3.21
CA ILE A 1050 16.74 -25.34 2.84
C ILE A 1050 17.81 -25.32 3.94
N LYS A 1051 18.86 -26.11 3.72
CA LYS A 1051 20.03 -26.15 4.60
C LYS A 1051 21.23 -25.51 3.89
N PRO A 1052 21.82 -24.48 4.52
CA PRO A 1052 22.98 -23.78 3.99
C PRO A 1052 24.22 -24.65 3.93
N SER A 1053 25.20 -24.20 3.15
CA SER A 1053 26.52 -24.81 3.12
C SER A 1053 27.36 -24.31 4.30
N ILE A 1054 28.30 -25.13 4.76
CA ILE A 1054 29.17 -24.68 5.84
C ILE A 1054 30.22 -23.69 5.33
N VAL A 1055 30.35 -23.57 4.02
CA VAL A 1055 31.27 -22.58 3.45
C VAL A 1055 30.56 -21.26 3.14
N ILE A 1056 31.16 -20.15 3.58
CA ILE A 1056 30.66 -18.81 3.22
C ILE A 1056 31.71 -18.05 2.42
N GLU A 1057 31.35 -17.53 1.25
CA GLU A 1057 32.27 -16.64 0.55
C GLU A 1057 32.07 -15.22 1.02
N LEU A 1058 33.09 -14.67 1.67
CA LEU A 1058 33.06 -13.30 2.16
C LEU A 1058 33.49 -12.33 1.04
N ARG A 1059 34.34 -12.79 0.13
CA ARG A 1059 34.80 -11.97 -0.98
C ARG A 1059 35.34 -12.82 -2.14
N ARG A 1060 34.87 -12.58 -3.37
CA ARG A 1060 35.53 -13.19 -4.55
C ARG A 1060 36.51 -12.19 -5.14
N GLY A 1061 37.80 -12.53 -5.08
CA GLY A 1061 38.83 -11.63 -5.54
C GLY A 1061 39.40 -12.06 -6.87
N THR A 1062 40.51 -11.45 -7.27
CA THR A 1062 41.13 -11.79 -8.55
C THR A 1062 42.28 -12.78 -8.39
N TYR A 1063 43.08 -12.61 -7.33
CA TYR A 1063 44.23 -13.46 -7.07
C TYR A 1063 43.83 -14.94 -7.00
N GLU A 1064 44.78 -15.81 -7.35
CA GLU A 1064 44.51 -17.25 -7.49
C GLU A 1064 44.14 -17.91 -6.16
N GLN A 1065 44.85 -17.51 -5.10
CA GLN A 1065 44.78 -18.16 -3.78
C GLN A 1065 43.84 -17.53 -2.76
N PRO A 1066 42.84 -18.30 -2.31
CA PRO A 1066 41.90 -17.91 -1.25
C PRO A 1066 42.54 -17.99 0.13
N LEU A 1067 42.09 -17.15 1.05
CA LEU A 1067 42.38 -17.32 2.47
C LEU A 1067 41.17 -18.05 3.07
N TRP A 1068 41.43 -19.16 3.75
CA TRP A 1068 40.36 -19.92 4.38
C TRP A 1068 40.34 -19.61 5.86
N LEU A 1069 39.18 -19.25 6.38
CA LEU A 1069 39.07 -18.98 7.82
C LEU A 1069 38.20 -20.02 8.51
N PHE A 1070 38.62 -20.45 9.68
CA PHE A 1070 37.83 -21.47 10.37
C PHE A 1070 37.21 -20.95 11.65
N HIS A 1071 35.99 -21.41 11.90
CA HIS A 1071 35.20 -20.95 13.05
C HIS A 1071 35.94 -21.11 14.37
N PRO A 1072 35.68 -20.21 15.31
CA PRO A 1072 36.07 -20.38 16.71
C PRO A 1072 35.15 -21.34 17.48
N ILE A 1073 35.28 -21.32 18.81
CA ILE A 1073 34.62 -22.32 19.65
C ILE A 1073 33.12 -22.31 19.40
N GLY A 1074 32.55 -21.13 19.25
CA GLY A 1074 31.13 -21.00 19.01
C GLY A 1074 30.60 -21.65 17.73
N GLY A 1075 31.45 -21.75 16.71
CA GLY A 1075 31.00 -22.33 15.46
C GLY A 1075 30.57 -21.37 14.37
N SER A 1076 30.32 -20.11 14.70
CA SER A 1076 29.95 -19.10 13.70
C SER A 1076 31.11 -18.43 12.96
N THR A 1077 30.80 -17.65 11.93
CA THR A 1077 31.82 -16.96 11.18
C THR A 1077 31.69 -15.45 11.26
N PHE A 1078 30.80 -14.98 12.13
CA PHE A 1078 30.55 -13.54 12.32
C PHE A 1078 31.81 -12.68 12.61
N CYS A 1079 32.68 -13.16 13.50
CA CYS A 1079 33.93 -12.48 13.78
C CYS A 1079 34.78 -12.15 12.55
N TYR A 1080 34.50 -12.77 11.40
CA TYR A 1080 35.39 -12.54 10.24
C TYR A 1080 34.80 -11.52 9.30
N MET A 1081 33.55 -11.14 9.56
CA MET A 1081 32.87 -10.25 8.64
C MET A 1081 33.59 -8.91 8.61
N GLU A 1082 33.82 -8.31 9.77
CA GLU A 1082 34.45 -7.01 9.79
C GLU A 1082 35.88 -7.10 9.24
N LEU A 1083 36.61 -8.16 9.62
CA LEU A 1083 37.92 -8.40 9.04
C LEU A 1083 37.87 -8.36 7.53
N SER A 1084 36.85 -9.03 6.98
CA SER A 1084 36.80 -9.19 5.54
C SER A 1084 36.63 -7.83 4.85
N ARG A 1085 36.02 -6.89 5.54
CA ARG A 1085 35.81 -5.57 4.99
C ARG A 1085 37.10 -4.77 4.80
N HIS A 1086 38.17 -5.10 5.51
CA HIS A 1086 39.38 -4.26 5.45
C HIS A 1086 40.54 -4.95 4.79
N LEU A 1087 40.41 -6.27 4.62
CA LEU A 1087 41.38 -7.00 3.82
C LEU A 1087 41.33 -6.50 2.39
N ASN A 1088 42.50 -6.41 1.78
CA ASN A 1088 42.63 -6.14 0.35
C ASN A 1088 41.60 -6.95 -0.44
N PRO A 1089 40.74 -6.26 -1.17
CA PRO A 1089 39.61 -6.93 -1.83
C PRO A 1089 40.00 -7.83 -2.99
N ASN A 1090 41.27 -7.86 -3.37
CA ASN A 1090 41.66 -8.73 -4.48
C ASN A 1090 41.77 -10.17 -4.07
N ARG A 1091 41.85 -10.40 -2.78
CA ARG A 1091 42.00 -11.75 -2.27
C ARG A 1091 40.63 -12.35 -2.00
N THR A 1092 40.40 -13.58 -2.46
CA THR A 1092 39.18 -14.29 -2.13
C THR A 1092 39.18 -14.76 -0.66
N LEU A 1093 38.11 -14.47 0.06
CA LEU A 1093 37.97 -14.97 1.42
C LEU A 1093 36.83 -15.98 1.57
N ARG A 1094 37.13 -17.12 2.19
CA ARG A 1094 36.12 -18.10 2.54
C ARG A 1094 36.28 -18.55 4.00
N ALA A 1095 35.16 -18.61 4.69
CA ALA A 1095 35.19 -19.00 6.08
C ALA A 1095 34.24 -20.15 6.26
N ILE A 1096 34.63 -21.08 7.14
CA ILE A 1096 33.82 -22.26 7.39
C ILE A 1096 33.16 -22.23 8.75
N GLN A 1097 31.85 -22.49 8.78
CA GLN A 1097 31.09 -22.58 10.03
C GLN A 1097 30.85 -24.03 10.35
N SER A 1098 30.58 -24.34 11.61
CA SER A 1098 30.28 -25.71 11.96
C SER A 1098 28.95 -26.24 11.42
N PRO A 1099 28.97 -27.44 10.83
CA PRO A 1099 27.77 -28.23 10.56
C PRO A 1099 26.77 -28.18 11.72
N GLY A 1100 27.31 -28.14 12.94
CA GLY A 1100 26.54 -28.10 14.15
C GLY A 1100 25.56 -26.94 14.26
N LEU A 1101 25.88 -25.83 13.60
CA LEU A 1101 24.99 -24.69 13.58
C LEU A 1101 23.83 -24.87 12.58
N ILE A 1102 23.88 -25.93 11.78
CA ILE A 1102 22.85 -26.10 10.77
C ILE A 1102 22.03 -27.38 11.00
N GLU A 1103 22.69 -28.52 11.15
CA GLU A 1103 21.95 -29.76 11.41
C GLU A 1103 22.20 -30.18 12.85
N ALA A 1104 21.21 -30.82 13.47
CA ALA A 1104 21.36 -31.24 14.85
C ALA A 1104 22.36 -32.39 15.00
N ASP A 1105 23.05 -32.39 16.14
CA ASP A 1105 24.08 -33.37 16.46
C ASP A 1105 25.13 -33.55 15.37
N ALA A 1106 25.41 -32.47 14.63
CA ALA A 1106 26.33 -32.53 13.50
C ALA A 1106 27.73 -31.98 13.81
N ALA A 1107 27.86 -31.20 14.89
CA ALA A 1107 29.17 -30.69 15.28
C ALA A 1107 30.14 -31.81 15.57
N GLU A 1108 31.30 -31.77 14.92
CA GLU A 1108 32.35 -32.73 15.20
C GLU A 1108 32.92 -32.49 16.62
N VAL A 1109 33.46 -33.55 17.24
CA VAL A 1109 34.02 -33.44 18.60
C VAL A 1109 35.50 -33.74 18.66
N ALA A 1110 36.03 -34.43 17.65
CA ALA A 1110 37.48 -34.52 17.54
C ALA A 1110 38.01 -33.60 16.44
N ILE A 1111 39.04 -32.82 16.77
CA ILE A 1111 39.55 -31.83 15.84
C ILE A 1111 40.06 -32.53 14.61
N GLU A 1112 40.68 -33.69 14.78
CA GLU A 1112 41.27 -34.41 13.67
C GLU A 1112 40.19 -34.77 12.65
N GLU A 1113 38.99 -35.10 13.14
CA GLU A 1113 37.89 -35.44 12.25
C GLU A 1113 37.30 -34.20 11.63
N MET A 1114 37.11 -33.18 12.46
CA MET A 1114 36.72 -31.84 12.01
C MET A 1114 37.54 -31.40 10.81
N ALA A 1115 38.85 -31.54 10.95
CA ALA A 1115 39.78 -31.09 9.92
C ALA A 1115 39.61 -31.86 8.60
N THR A 1116 39.40 -33.16 8.68
CA THR A 1116 39.19 -33.93 7.47
C THR A 1116 37.93 -33.53 6.72
N LEU A 1117 36.85 -33.38 7.46
CA LEU A 1117 35.59 -32.94 6.89
C LEU A 1117 35.77 -31.61 6.15
N TYR A 1118 36.45 -30.68 6.80
CA TYR A 1118 36.63 -29.34 6.23
C TYR A 1118 37.53 -29.39 4.99
N ILE A 1119 38.59 -30.20 5.04
CA ILE A 1119 39.54 -30.22 3.92
C ILE A 1119 38.82 -30.72 2.66
N ALA A 1120 37.89 -31.65 2.85
CA ALA A 1120 37.12 -32.16 1.74
C ALA A 1120 36.23 -31.05 1.17
N GLU A 1121 35.62 -30.26 2.05
CA GLU A 1121 34.82 -29.13 1.62
C GLU A 1121 35.66 -28.13 0.84
N MET A 1122 36.87 -27.89 1.34
CA MET A 1122 37.78 -26.94 0.73
C MET A 1122 38.15 -27.36 -0.67
N GLN A 1123 38.59 -28.60 -0.81
CA GLN A 1123 39.12 -29.10 -2.06
C GLN A 1123 38.09 -29.15 -3.20
N LYS A 1124 36.80 -29.12 -2.85
CA LYS A 1124 35.75 -29.00 -3.85
C LYS A 1124 35.83 -27.65 -4.55
N MET A 1125 36.40 -26.67 -3.88
CA MET A 1125 36.61 -25.34 -4.46
C MET A 1125 38.08 -25.14 -4.82
N GLN A 1126 38.98 -25.56 -3.95
CA GLN A 1126 40.42 -25.44 -4.19
C GLN A 1126 41.06 -26.82 -4.09
N PRO A 1127 41.08 -27.56 -5.20
CA PRO A 1127 41.57 -28.94 -5.27
C PRO A 1127 43.08 -29.03 -5.11
N GLN A 1128 43.82 -28.00 -5.49
CA GLN A 1128 45.27 -28.09 -5.45
C GLN A 1128 45.92 -26.84 -4.87
N GLY A 1129 47.07 -26.49 -5.43
CA GLY A 1129 47.82 -25.32 -5.03
C GLY A 1129 48.33 -25.43 -3.60
N PRO A 1130 49.11 -24.43 -3.18
CA PRO A 1130 49.45 -24.22 -1.77
C PRO A 1130 48.33 -23.47 -1.04
N TYR A 1131 47.99 -23.87 0.19
CA TYR A 1131 46.84 -23.29 0.89
C TYR A 1131 47.20 -22.12 1.81
N PHE A 1132 46.26 -21.20 1.96
CA PHE A 1132 46.38 -20.10 2.92
C PHE A 1132 45.27 -20.22 3.98
N LEU A 1133 45.65 -20.48 5.22
CA LEU A 1133 44.63 -20.74 6.25
C LEU A 1133 44.75 -19.77 7.39
N GLY A 1134 43.69 -19.67 8.18
CA GLY A 1134 43.78 -18.95 9.43
C GLY A 1134 42.53 -19.02 10.26
N GLY A 1135 42.57 -18.38 11.41
CA GLY A 1135 41.38 -18.29 12.24
C GLY A 1135 41.61 -17.46 13.47
N TRP A 1136 40.51 -16.91 14.00
CA TRP A 1136 40.56 -16.21 15.26
C TRP A 1136 40.35 -17.26 16.37
N CYS A 1137 41.08 -17.14 17.47
CA CYS A 1137 40.96 -18.05 18.61
C CYS A 1137 41.05 -19.54 18.15
N PHE A 1138 40.12 -20.37 18.61
CA PHE A 1138 40.07 -21.80 18.27
C PHE A 1138 40.22 -22.09 16.77
N GLY A 1139 39.74 -21.17 15.93
CA GLY A 1139 39.91 -21.33 14.50
C GLY A 1139 41.36 -21.49 14.11
N GLY A 1140 42.25 -20.91 14.89
CA GLY A 1140 43.68 -21.03 14.62
C GLY A 1140 44.14 -22.45 14.84
N ALA A 1141 43.60 -23.12 15.84
CA ALA A 1141 43.97 -24.50 16.15
C ALA A 1141 43.44 -25.47 15.08
N ILE A 1142 42.21 -25.25 14.63
CA ILE A 1142 41.67 -25.95 13.48
C ILE A 1142 42.59 -25.76 12.27
N ALA A 1143 43.10 -24.54 12.11
CA ALA A 1143 43.97 -24.27 10.98
C ALA A 1143 45.28 -25.03 11.14
N TYR A 1144 45.67 -25.22 12.39
CA TYR A 1144 46.92 -25.89 12.66
C TYR A 1144 46.81 -27.35 12.28
N GLU A 1145 45.66 -27.96 12.62
CA GLU A 1145 45.44 -29.38 12.36
C GLU A 1145 45.16 -29.62 10.89
N ILE A 1146 44.47 -28.68 10.26
CA ILE A 1146 44.22 -28.79 8.83
C ILE A 1146 45.56 -28.78 8.09
N SER A 1147 46.43 -27.83 8.44
CA SER A 1147 47.78 -27.82 7.87
C SER A 1147 48.52 -29.15 8.04
N ARG A 1148 48.32 -29.78 9.18
CA ARG A 1148 49.02 -31.02 9.48
C ARG A 1148 48.53 -32.11 8.52
N GLN A 1149 47.22 -32.19 8.35
CA GLN A 1149 46.65 -33.19 7.46
C GLN A 1149 46.98 -32.84 6.01
N LEU A 1150 47.02 -31.55 5.70
CA LEU A 1150 47.28 -31.13 4.32
C LEU A 1150 48.68 -31.55 3.87
N ARG A 1151 49.64 -31.48 4.78
CA ARG A 1151 51.00 -31.77 4.40
C ARG A 1151 51.22 -33.30 4.35
N GLN A 1152 50.46 -34.04 5.15
CA GLN A 1152 50.51 -35.49 5.06
C GLN A 1152 49.90 -35.95 3.72
N MET A 1153 49.23 -35.04 3.03
CA MET A 1153 48.67 -35.31 1.71
C MET A 1153 49.56 -34.79 0.59
N GLY A 1154 50.71 -34.24 0.94
CA GLY A 1154 51.63 -33.67 -0.03
C GLY A 1154 51.22 -32.30 -0.57
N GLN A 1155 50.44 -31.57 0.22
CA GLN A 1155 50.03 -30.23 -0.16
C GLN A 1155 50.87 -29.19 0.60
N GLN A 1156 51.21 -28.07 -0.06
CA GLN A 1156 52.02 -27.06 0.61
C GLN A 1156 51.12 -26.05 1.33
N VAL A 1157 51.62 -25.49 2.42
CA VAL A 1157 50.85 -24.50 3.16
C VAL A 1157 51.61 -23.16 3.14
N THR A 1158 51.02 -22.15 2.50
CA THR A 1158 51.69 -20.86 2.34
C THR A 1158 51.91 -20.18 3.67
N GLY A 1159 50.95 -20.35 4.57
CA GLY A 1159 51.09 -19.81 5.91
C GLY A 1159 49.76 -19.85 6.64
N ILE A 1160 49.85 -19.68 7.95
CA ILE A 1160 48.67 -19.68 8.78
C ILE A 1160 48.56 -18.39 9.55
N VAL A 1161 47.37 -17.79 9.51
CA VAL A 1161 47.11 -16.60 10.27
C VAL A 1161 46.43 -16.99 11.55
N MET A 1162 47.03 -16.66 12.68
CA MET A 1162 46.37 -16.95 13.94
C MET A 1162 46.15 -15.66 14.71
N ILE A 1163 44.88 -15.36 14.95
CA ILE A 1163 44.53 -14.13 15.63
C ILE A 1163 44.20 -14.43 17.09
N ASP A 1164 45.20 -14.23 17.95
CA ASP A 1164 45.15 -14.52 19.39
C ASP A 1164 44.75 -15.96 19.70
N THR A 1165 45.13 -16.88 18.83
CA THR A 1165 44.96 -18.31 19.08
C THR A 1165 45.84 -18.77 20.26
N ARG A 1166 45.23 -19.42 21.25
CA ARG A 1166 46.04 -20.01 22.30
C ARG A 1166 46.49 -21.41 21.89
N ALA A 1167 47.79 -21.67 21.97
CA ALA A 1167 48.38 -22.93 21.51
C ALA A 1167 47.65 -24.11 22.10
N PRO A 1168 47.39 -25.14 21.27
CA PRO A 1168 46.81 -26.40 21.74
C PRO A 1168 47.83 -27.16 22.58
N ILE A 1169 47.94 -26.75 23.83
CA ILE A 1169 48.82 -27.42 24.77
C ILE A 1169 48.04 -27.55 26.08
N PRO A 1170 48.41 -28.54 26.91
CA PRO A 1170 47.69 -28.79 28.18
C PRO A 1170 47.50 -27.56 29.06
N GLU A 1171 48.55 -26.78 29.30
CA GLU A 1171 48.51 -25.54 30.14
C GLU A 1171 47.36 -24.61 29.77
N ASN A 1172 47.02 -24.58 28.49
CA ASN A 1172 46.01 -23.66 28.01
C ASN A 1172 44.56 -24.19 28.05
N VAL A 1173 44.35 -25.44 28.48
CA VAL A 1173 43.00 -25.98 28.60
C VAL A 1173 42.23 -25.26 29.72
N PRO A 1174 40.98 -24.86 29.43
CA PRO A 1174 40.07 -24.25 30.41
C PRO A 1174 39.95 -25.04 31.70
N GLU A 1175 39.62 -24.33 32.77
CA GLU A 1175 39.29 -24.96 34.06
C GLU A 1175 38.08 -25.88 33.90
N ASP A 1176 37.97 -26.86 34.78
CA ASP A 1176 36.82 -27.76 34.72
C ASP A 1176 35.55 -27.00 35.12
N ALA A 1177 34.49 -27.14 34.31
CA ALA A 1177 33.23 -26.44 34.57
C ALA A 1177 32.05 -27.40 34.69
N ASP A 1178 31.15 -27.13 35.63
CA ASP A 1178 29.89 -27.89 35.68
C ASP A 1178 28.99 -27.36 34.58
N ASP A 1179 27.80 -27.96 34.44
CA ASP A 1179 26.95 -27.61 33.29
C ASP A 1179 26.56 -26.14 33.35
N ALA A 1180 26.18 -25.67 34.53
CA ALA A 1180 25.89 -24.26 34.75
C ALA A 1180 27.04 -23.35 34.32
N MET A 1181 28.25 -23.64 34.79
CA MET A 1181 29.38 -22.80 34.41
C MET A 1181 29.55 -22.76 32.89
N LEU A 1182 29.49 -23.94 32.25
CA LEU A 1182 29.60 -24.03 30.79
C LEU A 1182 28.55 -23.16 30.10
N LEU A 1183 27.37 -23.13 30.69
CA LEU A 1183 26.24 -22.42 30.13
C LEU A 1183 26.42 -20.91 30.35
N SER A 1184 26.96 -20.59 31.51
CA SER A 1184 27.34 -19.23 31.82
C SER A 1184 28.41 -18.73 30.84
N TRP A 1185 29.44 -19.54 30.61
CA TRP A 1185 30.50 -19.21 29.65
C TRP A 1185 29.97 -19.01 28.26
N PHE A 1186 29.13 -19.94 27.82
CA PHE A 1186 28.51 -19.87 26.51
C PHE A 1186 27.79 -18.54 26.35
N ALA A 1187 26.98 -18.18 27.35
CA ALA A 1187 26.26 -16.92 27.33
C ALA A 1187 27.21 -15.72 27.13
N ARG A 1188 28.31 -15.73 27.86
CA ARG A 1188 29.37 -14.74 27.72
C ARG A 1188 30.01 -14.75 26.31
N ASP A 1189 30.39 -15.92 25.82
CA ASP A 1189 31.09 -16.00 24.54
C ASP A 1189 30.14 -15.75 23.38
N LEU A 1190 28.84 -15.92 23.63
CA LEU A 1190 27.87 -15.76 22.57
C LEU A 1190 27.75 -14.30 22.16
N ALA A 1191 27.80 -13.42 23.16
CA ALA A 1191 27.52 -12.00 22.97
C ALA A 1191 28.79 -11.18 22.81
N ALA A 1192 29.91 -11.72 23.24
CA ALA A 1192 31.14 -10.96 23.15
C ALA A 1192 31.46 -10.53 21.72
N PRO A 1193 31.28 -11.41 20.72
CA PRO A 1193 31.67 -10.95 19.37
C PRO A 1193 30.92 -9.70 18.93
N TYR A 1194 29.76 -9.46 19.52
CA TYR A 1194 28.95 -8.28 19.21
C TYR A 1194 29.31 -7.07 20.07
N GLY A 1195 30.43 -7.17 20.77
CA GLY A 1195 30.78 -6.15 21.74
C GLY A 1195 29.71 -5.95 22.81
N LYS A 1196 29.11 -7.04 23.28
CA LYS A 1196 28.15 -6.92 24.36
C LYS A 1196 28.51 -7.85 25.49
N LYS A 1197 28.29 -7.40 26.72
CA LYS A 1197 28.64 -8.20 27.89
C LYS A 1197 27.37 -8.86 28.41
N LEU A 1198 27.29 -10.17 28.27
CA LEU A 1198 26.14 -10.90 28.78
C LEU A 1198 26.58 -11.77 29.96
N THR A 1199 26.34 -11.27 31.15
CA THR A 1199 26.75 -11.85 32.42
C THR A 1199 25.62 -12.64 33.07
N ILE A 1200 25.59 -13.93 32.86
CA ILE A 1200 24.64 -14.82 33.54
C ILE A 1200 25.39 -15.75 34.53
N PRO A 1201 25.46 -15.34 35.79
CA PRO A 1201 26.21 -16.02 36.86
C PRO A 1201 25.90 -17.53 36.97
N ALA A 1202 26.93 -18.37 36.96
CA ALA A 1202 26.67 -19.79 37.12
C ALA A 1202 25.83 -20.09 38.35
N GLN A 1203 26.06 -19.32 39.42
CA GLN A 1203 25.29 -19.52 40.65
C GLN A 1203 23.79 -19.26 40.45
N TYR A 1204 23.44 -18.29 39.61
CA TYR A 1204 22.03 -18.04 39.33
C TYR A 1204 21.46 -19.24 38.58
N LEU A 1205 22.27 -19.77 37.68
CA LEU A 1205 21.83 -20.85 36.81
C LEU A 1205 21.62 -22.15 37.58
N ARG A 1206 22.47 -22.42 38.57
CA ARG A 1206 22.36 -23.67 39.35
C ARG A 1206 21.05 -23.74 40.13
N GLU A 1207 20.53 -22.58 40.53
CA GLU A 1207 19.27 -22.51 41.26
C GLU A 1207 18.07 -22.99 40.43
N LEU A 1208 18.21 -22.96 39.11
CA LEU A 1208 17.14 -23.40 38.22
C LEU A 1208 17.31 -24.85 37.80
N SER A 1209 16.22 -25.44 37.30
CA SER A 1209 16.24 -26.72 36.61
C SER A 1209 16.91 -26.56 35.24
N PRO A 1210 17.41 -27.66 34.66
CA PRO A 1210 18.11 -27.59 33.37
C PRO A 1210 17.31 -26.90 32.26
N ASP A 1211 16.04 -27.24 32.14
CA ASP A 1211 15.21 -26.67 31.07
C ASP A 1211 14.98 -25.18 31.29
N GLN A 1212 14.84 -24.79 32.55
CA GLN A 1212 14.72 -23.39 32.92
C GLN A 1212 15.98 -22.62 32.59
N MET A 1213 17.15 -23.25 32.75
CA MET A 1213 18.44 -22.65 32.41
C MET A 1213 18.52 -22.22 30.95
N PHE A 1214 18.30 -23.17 30.03
CA PHE A 1214 18.37 -22.88 28.60
C PHE A 1214 17.33 -21.84 28.23
N ASP A 1215 16.14 -21.93 28.82
CA ASP A 1215 15.12 -20.94 28.48
C ASP A 1215 15.58 -19.56 28.92
N HIS A 1216 16.15 -19.49 30.13
CA HIS A 1216 16.66 -18.24 30.68
C HIS A 1216 17.74 -17.61 29.79
N VAL A 1217 18.76 -18.40 29.44
CA VAL A 1217 19.79 -17.89 28.57
C VAL A 1217 19.19 -17.46 27.23
N LEU A 1218 18.33 -18.31 26.66
CA LEU A 1218 17.74 -17.97 25.38
C LEU A 1218 17.00 -16.64 25.48
N LYS A 1219 16.20 -16.50 26.52
CA LYS A 1219 15.39 -15.29 26.68
C LYS A 1219 16.28 -14.06 26.83
N GLU A 1220 17.39 -14.24 27.54
CA GLU A 1220 18.32 -13.17 27.80
C GLU A 1220 19.12 -12.78 26.57
N ALA A 1221 19.52 -13.77 25.79
CA ALA A 1221 20.28 -13.52 24.57
C ALA A 1221 19.40 -12.79 23.57
N LYS A 1222 18.14 -13.19 23.50
CA LYS A 1222 17.26 -12.56 22.53
C LYS A 1222 17.08 -11.12 22.91
N ALA A 1223 17.04 -10.86 24.22
CA ALA A 1223 16.74 -9.52 24.69
C ALA A 1223 17.84 -8.52 24.44
N ILE A 1224 19.03 -8.98 24.07
CA ILE A 1224 20.08 -8.06 23.67
C ILE A 1224 20.42 -8.29 22.19
N ASN A 1225 19.58 -9.09 21.53
CA ASN A 1225 19.56 -9.11 20.09
C ASN A 1225 20.75 -9.82 19.41
N VAL A 1226 21.26 -10.87 20.05
CA VAL A 1226 22.36 -11.64 19.48
C VAL A 1226 21.85 -13.01 18.98
N LEU A 1227 20.52 -13.20 19.05
CA LEU A 1227 19.84 -14.30 18.41
C LEU A 1227 18.60 -13.74 17.71
N PRO A 1228 18.23 -14.32 16.55
CA PRO A 1228 17.09 -13.82 15.78
C PRO A 1228 15.82 -13.87 16.59
N LEU A 1229 14.88 -13.00 16.27
CA LEU A 1229 13.72 -12.81 17.13
C LEU A 1229 12.86 -14.07 17.22
N ASP A 1230 12.94 -14.92 16.20
CA ASP A 1230 12.08 -16.08 16.06
C ASP A 1230 12.77 -17.38 16.49
N ALA A 1231 13.80 -17.25 17.33
CA ALA A 1231 14.65 -18.37 17.69
C ALA A 1231 13.97 -19.29 18.68
N ASP A 1232 13.67 -20.52 18.22
CA ASP A 1232 13.12 -21.58 19.04
C ASP A 1232 14.21 -22.13 19.97
N PRO A 1233 13.81 -22.79 21.05
CA PRO A 1233 14.79 -23.53 21.86
C PRO A 1233 15.61 -24.53 21.04
N SER A 1234 14.98 -25.11 20.02
CA SER A 1234 15.63 -26.01 19.09
C SER A 1234 16.88 -25.36 18.52
N ASP A 1235 16.70 -24.13 18.06
CA ASP A 1235 17.75 -23.34 17.43
C ASP A 1235 18.86 -23.09 18.43
N PHE A 1236 18.47 -22.73 19.64
CA PHE A 1236 19.43 -22.46 20.69
C PHE A 1236 20.29 -23.72 20.99
N ARG A 1237 19.67 -24.90 21.06
CA ARG A 1237 20.48 -26.11 21.30
C ARG A 1237 21.53 -26.32 20.19
N LEU A 1238 21.19 -25.95 18.96
CA LEU A 1238 22.17 -26.02 17.88
C LEU A 1238 23.43 -25.23 18.23
N TYR A 1239 23.26 -23.98 18.67
CA TYR A 1239 24.40 -23.18 19.09
C TYR A 1239 25.13 -23.81 20.28
N PHE A 1240 24.38 -24.05 21.35
CA PHE A 1240 24.99 -24.52 22.58
C PHE A 1240 25.72 -25.85 22.38
N ASP A 1241 25.14 -26.73 21.56
CA ASP A 1241 25.74 -28.04 21.33
C ASP A 1241 27.07 -27.92 20.60
N THR A 1242 27.12 -26.99 19.65
CA THR A 1242 28.36 -26.69 18.94
C THR A 1242 29.43 -26.11 19.86
N TYR A 1243 29.01 -25.19 20.74
CA TYR A 1243 29.89 -24.70 21.79
C TYR A 1243 30.44 -25.93 22.58
N LEU A 1244 29.55 -26.83 22.99
CA LEU A 1244 29.98 -27.95 23.81
C LEU A 1244 30.93 -28.86 23.05
N ALA A 1245 30.61 -29.07 21.78
CA ALA A 1245 31.39 -29.98 20.95
C ALA A 1245 32.80 -29.44 20.76
N ASN A 1246 32.88 -28.16 20.39
CA ASN A 1246 34.19 -27.56 20.17
C ASN A 1246 35.02 -27.47 21.46
N GLY A 1247 34.34 -27.34 22.58
CA GLY A 1247 35.01 -27.42 23.87
C GLY A 1247 35.65 -28.76 24.09
N ILE A 1248 34.87 -29.83 23.93
CA ILE A 1248 35.42 -31.17 24.09
C ILE A 1248 36.58 -31.41 23.13
N ALA A 1249 36.46 -30.86 21.92
CA ALA A 1249 37.52 -30.97 20.93
C ALA A 1249 38.80 -30.32 21.45
N LEU A 1250 38.63 -29.18 22.13
CA LEU A 1250 39.77 -28.41 22.60
C LEU A 1250 40.51 -29.17 23.66
N GLN A 1251 39.74 -29.85 24.51
CA GLN A 1251 40.24 -30.65 25.63
C GLN A 1251 40.94 -31.94 25.24
N THR A 1252 40.77 -32.36 24.00
CA THR A 1252 41.36 -33.63 23.55
C THR A 1252 42.34 -33.44 22.37
N TYR A 1253 42.74 -32.19 22.11
CA TYR A 1253 43.69 -31.89 21.05
C TYR A 1253 45.04 -31.34 21.55
N PHE A 1254 46.11 -32.12 21.35
CA PHE A 1254 47.47 -31.78 21.79
C PHE A 1254 48.53 -32.24 20.80
N PRO A 1255 48.60 -31.60 19.62
CA PRO A 1255 49.48 -32.02 18.54
C PRO A 1255 50.96 -31.91 18.90
N GLU A 1256 51.78 -32.77 18.31
CA GLU A 1256 53.23 -32.67 18.48
C GLU A 1256 53.78 -31.45 17.69
N PRO A 1257 54.92 -30.90 18.13
CA PRO A 1257 55.53 -29.73 17.48
C PRO A 1257 55.65 -29.88 15.97
N GLU A 1258 55.49 -28.77 15.26
CA GLU A 1258 55.55 -28.80 13.80
C GLU A 1258 55.83 -27.42 13.25
N ASP A 1259 56.70 -27.35 12.25
CA ASP A 1259 57.11 -26.05 11.74
C ASP A 1259 56.36 -25.63 10.48
N PHE A 1260 55.19 -25.03 10.68
CA PHE A 1260 54.49 -24.31 9.61
C PHE A 1260 54.82 -22.83 9.72
N PRO A 1261 54.72 -22.09 8.61
CA PRO A 1261 54.88 -20.63 8.66
C PRO A 1261 53.65 -19.96 9.29
N ILE A 1262 53.82 -19.37 10.46
CA ILE A 1262 52.67 -18.87 11.21
C ILE A 1262 52.75 -17.37 11.53
N LEU A 1263 51.72 -16.63 11.14
CA LEU A 1263 51.59 -15.25 11.59
C LEU A 1263 50.77 -15.22 12.86
N LEU A 1264 51.40 -15.00 14.00
CA LEU A 1264 50.62 -14.92 15.24
C LEU A 1264 50.32 -13.49 15.59
N VAL A 1265 49.06 -13.10 15.45
CA VAL A 1265 48.61 -11.77 15.82
C VAL A 1265 48.11 -11.80 17.27
N LYS A 1266 48.88 -11.22 18.17
CA LYS A 1266 48.51 -11.24 19.58
C LYS A 1266 47.77 -9.97 20.00
N ALA A 1267 46.66 -10.16 20.71
CA ALA A 1267 45.91 -9.05 21.28
C ALA A 1267 46.64 -8.54 22.52
N LYS A 1268 47.32 -7.41 22.37
CA LYS A 1268 48.33 -6.96 23.32
C LYS A 1268 47.71 -6.38 24.58
N ASP A 1269 46.39 -6.25 24.61
CA ASP A 1269 45.72 -5.66 25.77
C ASP A 1269 44.92 -6.66 26.56
N GLU A 1270 44.92 -7.91 26.13
CA GLU A 1270 44.20 -8.95 26.87
C GLU A 1270 44.84 -9.14 28.23
N GLN A 1271 44.00 -9.18 29.26
CA GLN A 1271 44.47 -9.25 30.64
C GLN A 1271 44.82 -10.66 31.10
N GLU A 1272 44.21 -11.67 30.49
CA GLU A 1272 44.50 -13.05 30.90
C GLU A 1272 45.88 -13.46 30.37
N ASP A 1273 46.61 -14.22 31.19
CA ASP A 1273 47.99 -14.63 30.87
C ASP A 1273 48.05 -16.03 30.26
N PHE A 1274 48.72 -16.15 29.11
CA PHE A 1274 48.89 -17.45 28.46
C PHE A 1274 50.31 -17.57 27.90
N GLY A 1275 51.15 -16.60 28.25
CA GLY A 1275 52.54 -16.57 27.81
C GLY A 1275 52.76 -15.49 26.77
N GLU A 1276 54.04 -15.18 26.49
CA GLU A 1276 54.36 -14.22 25.43
C GLU A 1276 53.78 -14.68 24.10
N SER A 1277 53.84 -15.98 23.86
CA SER A 1277 53.46 -16.55 22.57
C SER A 1277 52.11 -17.24 22.62
N LEU A 1278 51.42 -17.10 23.74
CA LEU A 1278 50.18 -17.85 24.00
C LEU A 1278 50.46 -19.36 23.93
N GLY A 1279 51.71 -19.75 24.19
CA GLY A 1279 52.05 -21.15 24.22
C GLY A 1279 52.70 -21.69 22.96
N TRP A 1280 52.67 -20.91 21.88
CA TRP A 1280 53.09 -21.41 20.57
C TRP A 1280 54.58 -21.72 20.46
N ASP A 1281 55.38 -21.19 21.37
CA ASP A 1281 56.81 -21.47 21.34
C ASP A 1281 57.10 -22.92 21.66
N GLN A 1282 56.08 -23.66 22.09
CA GLN A 1282 56.26 -25.05 22.50
C GLN A 1282 55.94 -25.97 21.35
N LEU A 1283 55.33 -25.41 20.31
CA LEU A 1283 54.95 -26.18 19.15
C LEU A 1283 55.74 -25.74 17.94
N VAL A 1284 55.92 -24.43 17.81
CA VAL A 1284 56.56 -23.84 16.64
C VAL A 1284 57.77 -23.03 17.05
N LYS A 1285 58.94 -23.46 16.63
CA LYS A 1285 60.17 -22.85 17.10
C LYS A 1285 60.70 -21.78 16.13
N ASP A 1286 61.13 -22.21 14.95
CA ASP A 1286 61.85 -21.32 14.04
C ASP A 1286 60.91 -20.44 13.18
N THR A 1287 59.74 -20.96 12.84
CA THR A 1287 58.92 -20.34 11.81
C THR A 1287 57.73 -19.51 12.30
N LEU A 1288 57.85 -18.87 13.45
CA LEU A 1288 56.71 -18.10 13.95
C LEU A 1288 56.96 -16.60 14.02
N THR A 1289 56.16 -15.86 13.26
CA THR A 1289 56.21 -14.41 13.30
C THR A 1289 55.10 -13.85 14.19
N GLN A 1290 55.49 -13.13 15.24
CA GLN A 1290 54.50 -12.57 16.15
C GLN A 1290 54.38 -11.05 16.06
N VAL A 1291 53.15 -10.58 15.96
CA VAL A 1291 52.87 -9.16 15.95
C VAL A 1291 51.88 -8.81 17.06
N ASP A 1292 52.25 -7.90 17.95
CA ASP A 1292 51.30 -7.47 18.97
C ASP A 1292 50.56 -6.18 18.55
N LEU A 1293 49.24 -6.24 18.61
CA LEU A 1293 48.36 -5.17 18.16
C LEU A 1293 47.33 -4.81 19.26
N PRO A 1294 46.90 -3.55 19.29
CA PRO A 1294 45.87 -3.06 20.20
C PRO A 1294 44.63 -3.94 20.20
N GLY A 1295 44.02 -4.16 21.37
CA GLY A 1295 42.85 -5.02 21.50
C GLY A 1295 43.03 -6.13 22.53
N ASP A 1296 41.91 -6.66 23.02
CA ASP A 1296 41.94 -7.85 23.88
C ASP A 1296 41.47 -9.05 23.04
N HIS A 1297 41.36 -10.22 23.67
CA HIS A 1297 41.02 -11.44 22.95
C HIS A 1297 39.75 -11.33 22.08
N SER A 1298 38.80 -10.48 22.47
CA SER A 1298 37.59 -10.29 21.69
C SER A 1298 37.64 -9.07 20.78
N SER A 1299 37.97 -7.93 21.37
CA SER A 1299 37.97 -6.67 20.67
C SER A 1299 39.00 -6.58 19.54
N ILE A 1300 39.97 -7.51 19.51
CA ILE A 1300 40.99 -7.53 18.46
C ILE A 1300 40.32 -7.61 17.09
N MET A 1301 39.08 -8.10 17.09
CA MET A 1301 38.33 -8.37 15.88
C MET A 1301 37.28 -7.33 15.59
N TYR A 1302 37.09 -6.41 16.53
CA TYR A 1302 36.21 -5.26 16.39
C TYR A 1302 36.73 -4.25 15.37
N ALA A 1303 35.84 -3.44 14.81
CA ALA A 1303 36.21 -2.54 13.73
C ALA A 1303 37.41 -1.66 14.05
N GLU A 1304 37.43 -1.04 15.23
CA GLU A 1304 38.55 -0.17 15.59
C GLU A 1304 39.89 -0.92 15.55
N ASN A 1305 39.92 -2.13 16.08
CA ASN A 1305 41.19 -2.83 16.18
C ASN A 1305 41.51 -3.76 15.02
N VAL A 1306 40.49 -4.16 14.25
CA VAL A 1306 40.72 -5.24 13.32
C VAL A 1306 41.32 -4.76 11.99
N VAL A 1307 41.23 -3.46 11.70
CA VAL A 1307 41.90 -2.92 10.52
C VAL A 1307 43.41 -3.19 10.59
N ALA A 1308 44.07 -2.84 11.69
CA ALA A 1308 45.49 -3.17 11.81
C ALA A 1308 45.76 -4.68 11.69
N VAL A 1309 44.87 -5.51 12.24
CA VAL A 1309 44.95 -6.96 11.99
C VAL A 1309 44.97 -7.25 10.48
N ALA A 1310 43.98 -6.73 9.77
CA ALA A 1310 43.88 -6.94 8.32
C ALA A 1310 45.13 -6.46 7.60
N GLN A 1311 45.73 -5.40 8.10
CA GLN A 1311 46.79 -4.83 7.30
C GLN A 1311 48.11 -5.51 7.61
N THR A 1312 48.16 -6.10 8.81
CA THR A 1312 49.28 -6.93 9.19
C THR A 1312 49.31 -8.12 8.26
N ILE A 1313 48.14 -8.68 8.01
CA ILE A 1313 48.01 -9.82 7.13
C ILE A 1313 48.40 -9.46 5.70
N ASP A 1314 47.87 -8.36 5.19
CA ASP A 1314 48.16 -7.98 3.82
C ASP A 1314 49.66 -7.65 3.61
N GLN A 1315 50.31 -7.05 4.60
CA GLN A 1315 51.75 -6.77 4.51
C GLN A 1315 52.61 -8.03 4.63
N MET A 1316 52.08 -9.03 5.32
CA MET A 1316 52.81 -10.27 5.61
C MET A 1316 52.64 -11.30 4.51
N TYR A 1317 51.50 -11.26 3.82
CA TYR A 1317 51.18 -12.23 2.78
C TYR A 1317 50.67 -11.53 1.52
N PRO A 1318 51.53 -10.71 0.90
CA PRO A 1318 51.09 -9.76 -0.13
C PRO A 1318 50.61 -10.43 -1.40
N ILE A 1319 49.80 -9.68 -2.14
CA ILE A 1319 49.33 -10.09 -3.46
C ILE A 1319 49.36 -8.89 -4.42
N PRO A 1320 49.82 -9.11 -5.68
CA PRO A 1320 50.00 -8.06 -6.69
C PRO A 1320 48.78 -7.17 -6.90
#